data_9BK2
#
_entry.id   9BK2
#
_cell.length_a   74.282
_cell.length_b   99.240
_cell.length_c   82.657
_cell.angle_alpha   90.00
_cell.angle_beta   98.69
_cell.angle_gamma   90.00
#
_symmetry.space_group_name_H-M   'P 1 21 1'
#
loop_
_entity.id
_entity.type
_entity.pdbx_description
1 polymer 'L-lactate dehydrogenase A chain'
2 non-polymer 'DIMETHYL SULFOXIDE'
3 non-polymer '(2S)-4-[4-(1-methyl-1H-imidazole-2-carbonyl)anilino]-4-oxo-2-[4-(trifluoromethyl)phenyl]butanoic acid'
4 non-polymer 'MALONATE ION'
5 water water
#
_entity_poly.entity_id   1
_entity_poly.type   'polypeptide(L)'
_entity_poly.pdbx_seq_one_letter_code
;MHHHHHHSTSVDLGTENLYFQATLKDQLIYNLLKEEQTPQNKITVVGVGAVGMACAISILMKDLADELALVDVIEDKLKG
EMMDLQHGSLFLRTPKIVSGKDYNVTANSKLVIITAGARQQEGESRLNLVQRNVNIFKFIIPNVVKYSPNCKLLIVSNPV
DILTYVAWKISGFPKNRVIGSGCNLDSARFRYLMGERLGVHPLSCHGWVLGEHGDSSVPVWSGMNVAGVSLKTLHPDLGT
DKDKEQWKEVHKQVVESAYEVIKLKGYTSWAIGLSVADLAESIMKNLRRVHPVSTMIKGLYGIKDDVFLSVPCILGQNGI
SDLVKVTLTSEEEARLKKSADTLWGIQKELQF
;
_entity_poly.pdbx_strand_id   A,B,C,D
#
# COMPACT_ATOMS: atom_id res chain seq x y z
N ALA A 22 15.60 19.47 -34.75
CA ALA A 22 15.02 18.29 -34.11
C ALA A 22 14.17 18.69 -32.90
N THR A 23 13.07 17.98 -32.68
CA THR A 23 12.22 18.27 -31.53
C THR A 23 12.94 17.90 -30.23
N LEU A 24 12.52 18.56 -29.15
CA LEU A 24 13.11 18.27 -27.85
C LEU A 24 13.03 16.79 -27.54
N LYS A 25 11.87 16.19 -27.80
CA LYS A 25 11.68 14.77 -27.48
C LYS A 25 12.70 13.89 -28.17
N ASP A 26 12.93 14.13 -29.47
CA ASP A 26 13.86 13.28 -30.21
C ASP A 26 15.32 13.56 -29.86
N GLN A 27 15.62 14.78 -29.41
CA GLN A 27 16.94 15.06 -28.89
C GLN A 27 17.21 14.34 -27.57
N LEU A 28 16.17 14.17 -26.76
CA LEU A 28 16.28 13.60 -25.43
C LEU A 28 16.12 12.09 -25.42
N ILE A 29 15.28 11.54 -26.28
CA ILE A 29 14.83 10.15 -26.21
C ILE A 29 15.15 9.45 -27.51
N TYR A 30 15.92 8.37 -27.43
CA TYR A 30 16.14 7.47 -28.57
C TYR A 30 15.13 6.34 -28.47
N ASN A 31 14.20 6.28 -29.42
CA ASN A 31 13.14 5.29 -29.38
C ASN A 31 13.62 3.95 -29.93
N LEU A 32 13.27 2.88 -29.22
CA LEU A 32 13.53 1.51 -29.63
C LEU A 32 12.30 0.83 -30.20
N LEU A 33 11.12 1.10 -29.65
CA LEU A 33 9.92 0.35 -29.93
C LEU A 33 8.85 1.28 -30.47
N LYS A 34 8.30 0.95 -31.64
CA LYS A 34 7.20 1.71 -32.22
C LYS A 34 5.96 1.56 -31.35
N THR A 38 -1.56 -4.00 -26.20
CA THR A 38 -2.89 -3.86 -25.59
C THR A 38 -2.81 -3.88 -24.07
N PRO A 39 -3.73 -3.22 -23.39
CA PRO A 39 -3.64 -3.13 -21.92
C PRO A 39 -3.84 -4.49 -21.29
N GLN A 40 -3.07 -4.76 -20.24
CA GLN A 40 -3.07 -6.06 -19.59
C GLN A 40 -3.98 -6.13 -18.37
N ASN A 41 -4.26 -5.02 -17.71
CA ASN A 41 -5.08 -5.00 -16.51
C ASN A 41 -5.99 -3.78 -16.53
N LYS A 42 -6.87 -3.72 -17.55
CA LYS A 42 -7.70 -2.56 -17.78
C LYS A 42 -9.04 -2.73 -17.09
N ILE A 43 -9.48 -1.65 -16.44
CA ILE A 43 -10.79 -1.57 -15.81
C ILE A 43 -11.52 -0.39 -16.45
N THR A 44 -12.78 -0.61 -16.80
CA THR A 44 -13.66 0.45 -17.25
C THR A 44 -14.73 0.72 -16.20
N VAL A 45 -14.98 1.98 -15.93
CA VAL A 45 -16.11 2.39 -15.07
C VAL A 45 -17.11 3.10 -15.95
N VAL A 46 -18.32 2.55 -16.03
CA VAL A 46 -19.42 3.15 -16.77
C VAL A 46 -20.26 3.97 -15.81
N GLY A 47 -20.40 5.26 -16.10
CA GLY A 47 -21.09 6.18 -15.22
C GLY A 47 -20.10 6.99 -14.39
N VAL A 48 -20.15 8.33 -14.51
CA VAL A 48 -19.26 9.19 -13.74
C VAL A 48 -20.05 10.05 -12.76
N GLY A 49 -21.18 9.52 -12.30
CA GLY A 49 -21.83 10.07 -11.14
C GLY A 49 -21.00 9.84 -9.89
N ALA A 50 -21.60 10.16 -8.74
CA ALA A 50 -20.83 10.07 -7.49
C ALA A 50 -20.38 8.65 -7.21
N VAL A 51 -21.22 7.65 -7.54
CA VAL A 51 -20.83 6.27 -7.31
C VAL A 51 -19.68 5.87 -8.22
N GLY A 52 -19.81 6.16 -9.52
CA GLY A 52 -18.74 5.80 -10.44
C GLY A 52 -17.42 6.44 -10.08
N MET A 53 -17.43 7.71 -9.65
CA MET A 53 -16.17 8.37 -9.35
C MET A 53 -15.57 7.89 -8.03
N ALA A 54 -16.41 7.52 -7.06
CA ALA A 54 -15.89 6.90 -5.84
C ALA A 54 -15.26 5.54 -6.12
N CYS A 55 -15.88 4.75 -6.99
CA CYS A 55 -15.25 3.51 -7.44
C CYS A 55 -13.91 3.81 -8.09
N ALA A 56 -13.87 4.80 -8.98
CA ALA A 56 -12.66 5.13 -9.73
C ALA A 56 -11.53 5.53 -8.79
N ILE A 57 -11.78 6.46 -7.87
CA ILE A 57 -10.71 6.91 -7.01
C ILE A 57 -10.23 5.77 -6.11
N SER A 58 -11.16 4.93 -5.65
CA SER A 58 -10.79 3.81 -4.78
C SER A 58 -9.94 2.79 -5.54
N ILE A 59 -10.31 2.51 -6.78
CA ILE A 59 -9.54 1.61 -7.62
C ILE A 59 -8.17 2.21 -7.91
N LEU A 60 -8.11 3.52 -8.18
CA LEU A 60 -6.83 4.14 -8.46
C LEU A 60 -5.90 4.11 -7.26
N MET A 61 -6.44 4.36 -6.06
CA MET A 61 -5.57 4.39 -4.90
C MET A 61 -5.20 3.00 -4.39
N LYS A 62 -5.79 1.94 -4.96
CA LYS A 62 -5.43 0.57 -4.63
C LYS A 62 -4.56 -0.06 -5.69
N ASP A 63 -4.23 0.67 -6.76
CA ASP A 63 -3.32 0.20 -7.81
C ASP A 63 -3.81 -1.11 -8.43
N LEU A 64 -5.09 -1.15 -8.78
CA LEU A 64 -5.69 -2.37 -9.30
C LEU A 64 -5.69 -2.45 -10.82
N ALA A 65 -5.46 -1.33 -11.51
CA ALA A 65 -5.48 -1.28 -12.97
C ALA A 65 -4.21 -0.64 -13.50
N ASP A 66 -3.82 -1.02 -14.72
CA ASP A 66 -2.79 -0.28 -15.44
C ASP A 66 -3.38 0.65 -16.49
N GLU A 67 -4.68 0.53 -16.75
CA GLU A 67 -5.43 1.48 -17.55
C GLU A 67 -6.81 1.60 -16.94
N LEU A 68 -7.28 2.83 -16.73
CA LEU A 68 -8.63 3.10 -16.26
C LEU A 68 -9.38 3.92 -17.30
N ALA A 69 -10.53 3.41 -17.76
CA ALA A 69 -11.39 4.10 -18.71
C ALA A 69 -12.69 4.51 -18.05
N LEU A 70 -13.09 5.76 -18.26
CA LEU A 70 -14.36 6.28 -17.81
C LEU A 70 -15.25 6.48 -19.03
N VAL A 71 -16.48 6.00 -18.95
CA VAL A 71 -17.45 6.15 -20.03
C VAL A 71 -18.76 6.66 -19.45
N ASP A 72 -19.39 7.60 -20.15
CA ASP A 72 -20.71 8.11 -19.80
C ASP A 72 -21.21 8.88 -21.01
N VAL A 73 -22.40 9.45 -20.91
CA VAL A 73 -23.02 10.18 -22.00
C VAL A 73 -23.04 11.68 -21.76
N ILE A 74 -22.67 12.15 -20.57
CA ILE A 74 -22.61 13.59 -20.28
C ILE A 74 -21.18 14.05 -20.58
N GLU A 75 -21.02 14.75 -21.71
CA GLU A 75 -19.70 15.01 -22.25
C GLU A 75 -18.86 15.86 -21.31
N ASP A 76 -19.45 16.91 -20.74
CA ASP A 76 -18.67 17.87 -19.97
C ASP A 76 -18.21 17.27 -18.64
N LYS A 77 -19.14 16.72 -17.86
CA LYS A 77 -18.76 16.08 -16.61
C LYS A 77 -17.72 14.99 -16.84
N LEU A 78 -17.89 14.22 -17.91
CA LEU A 78 -16.96 13.14 -18.21
C LEU A 78 -15.55 13.67 -18.43
N LYS A 79 -15.40 14.66 -19.29
CA LYS A 79 -14.07 15.21 -19.55
C LYS A 79 -13.50 15.88 -18.29
N GLY A 80 -14.37 16.52 -17.50
CA GLY A 80 -13.90 17.19 -16.31
C GLY A 80 -13.38 16.21 -15.27
N GLU A 81 -14.09 15.11 -15.07
CA GLU A 81 -13.65 14.08 -14.14
C GLU A 81 -12.37 13.41 -14.63
N MET A 82 -12.31 13.12 -15.93
CA MET A 82 -11.09 12.55 -16.49
C MET A 82 -9.89 13.46 -16.24
N MET A 83 -10.03 14.76 -16.53
CA MET A 83 -8.91 15.68 -16.35
C MET A 83 -8.49 15.76 -14.89
N ASP A 84 -9.46 15.82 -13.99
CA ASP A 84 -9.16 15.91 -12.56
C ASP A 84 -8.36 14.70 -12.10
N LEU A 85 -8.75 13.49 -12.53
CA LEU A 85 -7.96 12.31 -12.18
C LEU A 85 -6.57 12.37 -12.79
N GLN A 86 -6.48 12.74 -14.07
CA GLN A 86 -5.18 12.81 -14.74
C GLN A 86 -4.23 13.77 -14.00
N HIS A 87 -4.75 14.90 -13.54
CA HIS A 87 -3.90 15.89 -12.88
C HIS A 87 -3.31 15.35 -11.59
N GLY A 88 -3.88 14.29 -11.02
CA GLY A 88 -3.31 13.59 -9.90
C GLY A 88 -2.42 12.42 -10.26
N SER A 89 -2.03 12.27 -11.53
CA SER A 89 -1.29 11.10 -11.99
C SER A 89 0.05 10.93 -11.28
N LEU A 90 0.71 12.05 -10.94
CA LEU A 90 1.97 11.99 -10.25
C LEU A 90 1.87 11.21 -8.95
N PHE A 91 0.69 11.22 -8.33
CA PHE A 91 0.49 10.58 -7.04
C PHE A 91 -0.11 9.19 -7.16
N LEU A 92 -0.25 8.68 -8.38
CA LEU A 92 -0.86 7.40 -8.63
C LEU A 92 0.11 6.48 -9.37
N ARG A 93 -0.24 5.20 -9.45
CA ARG A 93 0.56 4.23 -10.17
C ARG A 93 -0.29 3.55 -11.24
N THR A 94 -1.18 4.32 -11.86
CA THR A 94 -2.03 3.88 -12.96
C THR A 94 -1.70 4.81 -14.11
N PRO A 95 -0.94 4.37 -15.11
CA PRO A 95 -0.32 5.34 -16.03
C PRO A 95 -1.22 5.84 -17.15
N LYS A 96 -2.37 5.22 -17.39
CA LYS A 96 -3.23 5.60 -18.49
C LYS A 96 -4.65 5.76 -17.96
N ILE A 97 -5.15 7.00 -17.97
CA ILE A 97 -6.52 7.31 -17.55
C ILE A 97 -7.17 8.00 -18.74
N VAL A 98 -8.21 7.38 -19.29
CA VAL A 98 -8.87 7.83 -20.51
C VAL A 98 -10.37 7.94 -20.25
N SER A 99 -11.06 8.64 -21.15
CA SER A 99 -12.51 8.70 -21.08
C SER A 99 -13.08 8.94 -22.47
N GLY A 100 -14.37 8.65 -22.59
CA GLY A 100 -15.06 8.87 -23.85
C GLY A 100 -16.54 8.55 -23.72
N LYS A 101 -17.31 9.10 -24.65
CA LYS A 101 -18.74 8.81 -24.73
C LYS A 101 -19.04 7.62 -25.64
N ASP A 102 -18.02 6.94 -26.12
CA ASP A 102 -18.15 5.81 -27.02
C ASP A 102 -17.31 4.66 -26.47
N TYR A 103 -17.47 3.48 -27.07
CA TYR A 103 -16.91 2.28 -26.47
C TYR A 103 -15.48 1.97 -26.90
N ASN A 104 -14.91 2.73 -27.84
CA ASN A 104 -13.52 2.52 -28.20
C ASN A 104 -12.64 2.53 -26.96
N VAL A 105 -12.89 3.45 -26.02
CA VAL A 105 -12.05 3.55 -24.84
C VAL A 105 -12.21 2.34 -23.91
N THR A 106 -13.28 1.56 -24.06
CA THR A 106 -13.50 0.41 -23.19
C THR A 106 -12.95 -0.89 -23.73
N ALA A 107 -12.42 -0.90 -24.95
CA ALA A 107 -12.04 -2.17 -25.57
C ALA A 107 -10.97 -2.89 -24.75
N ASN A 108 -11.12 -4.21 -24.66
CA ASN A 108 -10.13 -5.10 -24.06
C ASN A 108 -10.02 -4.92 -22.54
N SER A 109 -11.15 -4.60 -21.91
CA SER A 109 -11.17 -4.50 -20.46
C SER A 109 -11.24 -5.88 -19.83
N LYS A 110 -10.54 -6.05 -18.70
CA LYS A 110 -10.72 -7.24 -17.88
C LYS A 110 -11.96 -7.13 -17.01
N LEU A 111 -12.26 -5.92 -16.54
CA LEU A 111 -13.38 -5.70 -15.63
C LEU A 111 -14.12 -4.45 -16.09
N VAL A 112 -15.43 -4.56 -16.27
CA VAL A 112 -16.27 -3.43 -16.61
C VAL A 112 -17.26 -3.24 -15.47
N ILE A 113 -17.19 -2.09 -14.83
CA ILE A 113 -18.00 -1.76 -13.66
C ILE A 113 -19.10 -0.80 -14.10
N ILE A 114 -20.35 -1.20 -13.92
CA ILE A 114 -21.50 -0.42 -14.40
C ILE A 114 -22.19 0.25 -13.23
N THR A 115 -22.08 1.57 -13.16
CA THR A 115 -22.69 2.36 -12.11
C THR A 115 -23.68 3.38 -12.64
N ALA A 116 -23.90 3.42 -13.95
CA ALA A 116 -24.74 4.45 -14.56
C ALA A 116 -26.22 4.19 -14.25
N GLY A 117 -27.00 5.26 -14.29
CA GLY A 117 -28.43 5.15 -14.16
C GLY A 117 -28.96 6.04 -13.06
N ALA A 118 -30.28 6.03 -12.93
CA ALA A 118 -30.93 6.82 -11.89
C ALA A 118 -30.58 6.25 -10.53
N ARG A 119 -30.45 7.14 -9.56
CA ARG A 119 -30.26 6.75 -8.16
C ARG A 119 -31.49 7.18 -7.34
N GLN A 120 -31.66 6.51 -6.21
CA GLN A 120 -32.85 6.73 -5.41
C GLN A 120 -32.81 8.09 -4.74
N GLN A 121 -33.95 8.77 -4.73
CA GLN A 121 -34.09 10.03 -4.03
C GLN A 121 -34.45 9.76 -2.58
N GLU A 122 -34.54 10.83 -1.78
CA GLU A 122 -34.92 10.70 -0.38
C GLU A 122 -36.21 9.89 -0.25
N GLY A 123 -36.17 8.85 0.56
CA GLY A 123 -37.31 8.00 0.81
C GLY A 123 -37.73 7.11 -0.34
N GLU A 124 -37.01 7.12 -1.46
CA GLU A 124 -37.37 6.32 -2.61
C GLU A 124 -36.67 4.96 -2.53
N SER A 125 -37.45 3.90 -2.76
CA SER A 125 -36.89 2.55 -2.78
C SER A 125 -36.03 2.32 -4.02
N ARG A 126 -34.96 1.54 -3.85
CA ARG A 126 -34.15 1.17 -5.02
C ARG A 126 -34.99 0.47 -6.07
N LEU A 127 -36.03 -0.26 -5.66
CA LEU A 127 -36.86 -0.97 -6.62
C LEU A 127 -37.66 -0.03 -7.52
N ASN A 128 -37.85 1.22 -7.10
CA ASN A 128 -38.53 2.20 -7.94
C ASN A 128 -37.68 2.64 -9.14
N LEU A 129 -36.40 2.21 -9.21
CA LEU A 129 -35.53 2.60 -10.30
C LEU A 129 -35.58 1.64 -11.47
N VAL A 130 -36.39 0.58 -11.40
CA VAL A 130 -36.27 -0.54 -12.34
C VAL A 130 -36.48 -0.07 -13.77
N GLN A 131 -37.62 0.57 -14.04
CA GLN A 131 -37.92 0.88 -15.44
C GLN A 131 -36.80 1.74 -16.05
N ARG A 132 -36.40 2.80 -15.34
CA ARG A 132 -35.39 3.70 -15.86
C ARG A 132 -34.07 2.98 -16.11
N ASN A 133 -33.61 2.19 -15.14
CA ASN A 133 -32.27 1.63 -15.26
C ASN A 133 -32.24 0.37 -16.10
N VAL A 134 -33.35 -0.38 -16.17
CA VAL A 134 -33.40 -1.48 -17.12
C VAL A 134 -33.29 -0.94 -18.54
N ASN A 135 -33.97 0.17 -18.82
CA ASN A 135 -33.90 0.79 -20.14
C ASN A 135 -32.46 1.17 -20.48
N ILE A 136 -31.76 1.80 -19.55
CA ILE A 136 -30.37 2.19 -19.79
C ILE A 136 -29.51 0.97 -20.06
N PHE A 137 -29.73 -0.12 -19.32
CA PHE A 137 -28.91 -1.31 -19.50
C PHE A 137 -29.11 -1.96 -20.86
N LYS A 138 -30.33 -1.90 -21.41
CA LYS A 138 -30.57 -2.50 -22.71
C LYS A 138 -29.74 -1.85 -23.80
N PHE A 139 -29.25 -0.63 -23.59
CA PHE A 139 -28.32 0.00 -24.51
C PHE A 139 -26.86 -0.23 -24.11
N ILE A 140 -26.55 -0.21 -22.81
CA ILE A 140 -25.17 -0.28 -22.38
C ILE A 140 -24.62 -1.70 -22.56
N ILE A 141 -25.31 -2.71 -22.03
CA ILE A 141 -24.70 -4.03 -21.91
C ILE A 141 -24.36 -4.63 -23.27
N PRO A 142 -25.25 -4.61 -24.27
CA PRO A 142 -24.88 -5.22 -25.56
C PRO A 142 -23.63 -4.62 -26.16
N ASN A 143 -23.42 -3.32 -25.99
CA ASN A 143 -22.25 -2.66 -26.56
C ASN A 143 -20.98 -2.98 -25.77
N VAL A 144 -21.04 -2.84 -24.45
CA VAL A 144 -19.90 -3.15 -23.59
C VAL A 144 -19.33 -4.52 -23.94
N VAL A 145 -20.22 -5.51 -24.05
CA VAL A 145 -19.82 -6.90 -24.26
C VAL A 145 -19.10 -7.08 -25.60
N LYS A 146 -19.44 -6.27 -26.61
CA LYS A 146 -18.85 -6.46 -27.92
C LYS A 146 -17.34 -6.20 -27.91
N TYR A 147 -16.89 -5.21 -27.14
CA TYR A 147 -15.51 -4.77 -27.22
C TYR A 147 -14.66 -5.30 -26.09
N SER A 148 -15.28 -5.89 -25.06
CA SER A 148 -14.57 -6.60 -23.99
C SER A 148 -15.28 -7.94 -23.81
N PRO A 149 -15.18 -8.83 -24.80
CA PRO A 149 -15.95 -10.08 -24.75
C PRO A 149 -15.49 -11.04 -23.69
N ASN A 150 -14.31 -10.81 -23.08
CA ASN A 150 -13.76 -11.67 -22.05
C ASN A 150 -13.83 -11.04 -20.65
N CYS A 151 -14.44 -9.88 -20.51
CA CYS A 151 -14.42 -9.20 -19.23
C CYS A 151 -15.39 -9.86 -18.25
N LYS A 152 -15.19 -9.55 -16.97
CA LYS A 152 -16.20 -9.72 -15.95
C LYS A 152 -17.01 -8.42 -15.86
N LEU A 153 -18.32 -8.58 -15.77
CA LEU A 153 -19.23 -7.46 -15.58
C LEU A 153 -19.55 -7.36 -14.10
N LEU A 154 -19.27 -6.21 -13.50
CA LEU A 154 -19.57 -5.92 -12.10
C LEU A 154 -20.65 -4.85 -12.07
N ILE A 155 -21.87 -5.25 -11.69
CA ILE A 155 -23.04 -4.35 -11.72
C ILE A 155 -23.17 -3.67 -10.35
N VAL A 156 -23.30 -2.36 -10.37
CA VAL A 156 -23.41 -1.57 -9.14
C VAL A 156 -24.72 -0.78 -9.15
N SER A 157 -25.17 -0.39 -10.35
CA SER A 157 -26.42 0.36 -10.49
C SER A 157 -27.55 -0.39 -9.80
N ASN A 158 -28.56 0.37 -9.38
CA ASN A 158 -29.66 -0.23 -8.61
C ASN A 158 -30.98 -0.28 -9.39
N PRO A 159 -31.84 -1.24 -9.10
CA PRO A 159 -31.71 -2.30 -8.07
C PRO A 159 -30.73 -3.37 -8.57
N VAL A 160 -29.63 -3.55 -7.85
CA VAL A 160 -28.48 -4.26 -8.39
C VAL A 160 -28.81 -5.72 -8.67
N ASP A 161 -29.60 -6.36 -7.82
CA ASP A 161 -29.89 -7.79 -8.04
C ASP A 161 -30.70 -7.97 -9.34
N ILE A 162 -31.72 -7.15 -9.54
CA ILE A 162 -32.49 -7.24 -10.77
C ILE A 162 -31.63 -6.88 -11.98
N LEU A 163 -30.78 -5.87 -11.84
CA LEU A 163 -29.97 -5.43 -12.97
C LEU A 163 -28.84 -6.39 -13.28
N THR A 164 -28.38 -7.17 -12.30
CA THR A 164 -27.42 -8.23 -12.60
C THR A 164 -28.07 -9.30 -13.46
N TYR A 165 -29.31 -9.67 -13.11
CA TYR A 165 -30.09 -10.58 -13.94
C TYR A 165 -30.21 -10.04 -15.35
N VAL A 166 -30.63 -8.78 -15.48
CA VAL A 166 -30.78 -8.17 -16.80
C VAL A 166 -29.47 -8.22 -17.57
N ALA A 167 -28.37 -7.83 -16.93
CA ALA A 167 -27.09 -7.82 -17.62
C ALA A 167 -26.69 -9.22 -18.09
N TRP A 168 -27.02 -10.25 -17.30
CA TRP A 168 -26.69 -11.62 -17.69
C TRP A 168 -27.53 -12.04 -18.90
N LYS A 169 -28.85 -11.79 -18.85
CA LYS A 169 -29.71 -12.15 -19.97
C LYS A 169 -29.27 -11.46 -21.25
N ILE A 170 -28.91 -10.19 -21.17
CA ILE A 170 -28.61 -9.36 -22.35
C ILE A 170 -27.22 -9.67 -22.89
N SER A 171 -26.26 -9.93 -22.01
CA SER A 171 -24.88 -10.03 -22.44
C SER A 171 -24.58 -11.33 -23.17
N GLY A 172 -25.27 -12.42 -22.81
CA GLY A 172 -24.89 -13.73 -23.26
C GLY A 172 -23.70 -14.32 -22.54
N PHE A 173 -23.18 -13.64 -21.51
CA PHE A 173 -22.06 -14.17 -20.76
C PHE A 173 -22.50 -15.36 -19.92
N PRO A 174 -21.59 -16.29 -19.62
CA PRO A 174 -21.87 -17.28 -18.57
C PRO A 174 -21.98 -16.56 -17.23
N LYS A 175 -22.73 -17.15 -16.31
CA LYS A 175 -23.11 -16.43 -15.11
C LYS A 175 -21.93 -16.15 -14.18
N ASN A 176 -20.87 -16.94 -14.26
CA ASN A 176 -19.69 -16.64 -13.45
C ASN A 176 -19.13 -15.24 -13.73
N ARG A 177 -19.38 -14.68 -14.93
CA ARG A 177 -18.79 -13.42 -15.30
C ARG A 177 -19.74 -12.23 -15.21
N VAL A 178 -20.89 -12.39 -14.57
CA VAL A 178 -21.82 -11.28 -14.35
C VAL A 178 -22.10 -11.24 -12.86
N ILE A 179 -21.55 -10.22 -12.19
CA ILE A 179 -21.51 -10.16 -10.74
C ILE A 179 -22.16 -8.85 -10.32
N GLY A 180 -23.07 -8.93 -9.35
CA GLY A 180 -23.66 -7.74 -8.76
C GLY A 180 -22.97 -7.43 -7.43
N SER A 181 -22.72 -6.14 -7.20
CA SER A 181 -22.05 -5.74 -5.96
C SER A 181 -22.86 -6.14 -4.75
N GLY A 182 -24.19 -6.27 -4.90
CA GLY A 182 -25.01 -7.00 -3.95
C GLY A 182 -24.89 -6.48 -2.53
N CYS A 183 -24.74 -7.43 -1.60
CA CYS A 183 -24.70 -7.13 -0.18
C CYS A 183 -23.28 -7.04 0.38
N ASN A 184 -22.28 -6.91 -0.49
CA ASN A 184 -20.95 -6.68 0.04
C ASN A 184 -20.97 -5.46 0.96
N LEU A 185 -21.67 -4.42 0.54
CA LEU A 185 -21.73 -3.20 1.35
C LEU A 185 -22.64 -3.35 2.55
N ASP A 186 -23.80 -4.01 2.40
CA ASP A 186 -24.67 -4.24 3.55
C ASP A 186 -23.95 -5.01 4.64
N SER A 187 -23.16 -6.00 4.25
CA SER A 187 -22.37 -6.76 5.22
C SER A 187 -21.28 -5.89 5.83
N ALA A 188 -20.63 -5.05 5.03
CA ALA A 188 -19.64 -4.12 5.59
C ALA A 188 -20.29 -3.21 6.62
N ARG A 189 -21.49 -2.69 6.32
CA ARG A 189 -22.20 -1.85 7.28
C ARG A 189 -22.58 -2.63 8.53
N PHE A 190 -23.08 -3.86 8.36
CA PHE A 190 -23.43 -4.73 9.47
C PHE A 190 -22.22 -4.97 10.37
N ARG A 191 -21.06 -5.30 9.77
CA ARG A 191 -19.86 -5.56 10.56
C ARG A 191 -19.34 -4.30 11.25
N TYR A 192 -19.48 -3.14 10.61
CA TYR A 192 -19.13 -1.89 11.28
C TYR A 192 -20.02 -1.67 12.51
N LEU A 193 -21.32 -1.86 12.36
CA LEU A 193 -22.24 -1.64 13.49
C LEU A 193 -22.03 -2.68 14.59
N MET A 194 -21.82 -3.93 14.20
CA MET A 194 -21.41 -4.96 15.14
C MET A 194 -20.20 -4.51 15.93
N GLY A 195 -19.17 -4.05 15.22
CA GLY A 195 -17.93 -3.68 15.88
C GLY A 195 -18.08 -2.54 16.85
N GLU A 196 -18.89 -1.54 16.49
CA GLU A 196 -19.19 -0.47 17.42
C GLU A 196 -19.82 -1.02 18.70
N ARG A 197 -20.74 -1.98 18.56
CA ARG A 197 -21.41 -2.51 19.73
C ARG A 197 -20.47 -3.35 20.58
N LEU A 198 -19.51 -4.06 19.96
CA LEU A 198 -18.68 -5.00 20.68
C LEU A 198 -17.29 -4.47 20.99
N GLY A 199 -16.91 -3.32 20.44
CA GLY A 199 -15.60 -2.76 20.68
C GLY A 199 -14.50 -3.45 19.91
N VAL A 200 -14.81 -3.93 18.70
CA VAL A 200 -13.90 -4.71 17.88
C VAL A 200 -13.90 -4.08 16.49
N HIS A 201 -12.73 -4.09 15.85
CA HIS A 201 -12.67 -3.61 14.48
C HIS A 201 -13.58 -4.47 13.59
N PRO A 202 -14.24 -3.87 12.59
CA PRO A 202 -15.07 -4.68 11.67
C PRO A 202 -14.33 -5.87 11.08
N LEU A 203 -13.01 -5.75 10.89
CA LEU A 203 -12.28 -6.87 10.31
C LEU A 203 -12.35 -8.13 11.17
N SER A 204 -12.61 -7.97 12.47
CA SER A 204 -12.69 -9.09 13.38
C SER A 204 -14.12 -9.39 13.82
N CYS A 205 -15.11 -8.67 13.26
CA CYS A 205 -16.52 -8.93 13.49
C CYS A 205 -17.08 -9.58 12.24
N HIS A 206 -17.52 -10.83 12.36
CA HIS A 206 -17.92 -11.60 11.18
C HIS A 206 -19.43 -11.80 11.21
N GLY A 207 -20.06 -11.43 10.11
CA GLY A 207 -21.51 -11.54 9.98
C GLY A 207 -21.93 -11.20 8.57
N TRP A 208 -22.94 -11.88 8.08
CA TRP A 208 -23.33 -11.83 6.69
C TRP A 208 -24.75 -11.32 6.54
N VAL A 209 -24.94 -10.39 5.59
CA VAL A 209 -26.27 -9.94 5.18
C VAL A 209 -26.43 -10.41 3.74
N LEU A 210 -27.49 -11.15 3.48
CA LEU A 210 -27.72 -11.82 2.20
C LEU A 210 -29.07 -11.39 1.61
N GLY A 211 -29.35 -11.89 0.42
CA GLY A 211 -30.62 -11.56 -0.23
C GLY A 211 -30.56 -10.28 -1.03
N GLU A 212 -31.67 -9.53 -1.05
CA GLU A 212 -31.72 -8.27 -1.78
C GLU A 212 -30.80 -7.22 -1.15
N HIS A 213 -30.07 -6.51 -2.00
CA HIS A 213 -29.39 -5.29 -1.58
C HIS A 213 -30.48 -4.23 -1.49
N GLY A 214 -31.16 -4.22 -0.33
CA GLY A 214 -32.35 -3.40 -0.19
C GLY A 214 -33.17 -3.80 1.03
N ASP A 215 -34.46 -3.45 1.00
CA ASP A 215 -35.27 -3.55 2.21
C ASP A 215 -35.48 -4.98 2.69
N SER A 216 -35.38 -5.97 1.81
CA SER A 216 -35.66 -7.35 2.19
C SER A 216 -34.39 -8.15 2.51
N SER A 217 -33.27 -7.48 2.76
CA SER A 217 -32.03 -8.17 3.07
C SER A 217 -32.18 -9.04 4.32
N VAL A 218 -31.31 -10.04 4.44
CA VAL A 218 -31.46 -11.07 5.45
C VAL A 218 -30.21 -11.12 6.31
N PRO A 219 -30.29 -10.73 7.59
CA PRO A 219 -29.11 -10.90 8.48
C PRO A 219 -29.00 -12.35 8.92
N VAL A 220 -27.84 -12.96 8.71
CA VAL A 220 -27.64 -14.36 9.06
C VAL A 220 -27.09 -14.37 10.48
N TRP A 221 -28.00 -14.20 11.45
CA TRP A 221 -27.63 -14.22 12.84
C TRP A 221 -26.89 -15.50 13.23
N SER A 222 -27.28 -16.63 12.64
CA SER A 222 -26.73 -17.92 13.05
C SER A 222 -25.27 -18.09 12.67
N GLY A 223 -24.72 -17.19 11.89
CA GLY A 223 -23.31 -17.28 11.50
C GLY A 223 -22.44 -16.18 12.09
N MET A 224 -23.06 -15.23 12.77
CA MET A 224 -22.33 -14.09 13.32
C MET A 224 -21.39 -14.53 14.42
N ASN A 225 -20.14 -14.06 14.37
CA ASN A 225 -19.16 -14.55 15.32
C ASN A 225 -18.00 -13.58 15.44
N VAL A 226 -17.33 -13.67 16.59
CA VAL A 226 -16.03 -13.07 16.82
C VAL A 226 -15.11 -14.20 17.22
N ALA A 227 -13.94 -14.30 16.53
CA ALA A 227 -12.91 -15.30 16.85
C ALA A 227 -13.48 -16.71 16.88
N GLY A 228 -14.46 -16.97 16.01
CA GLY A 228 -15.08 -18.27 15.92
C GLY A 228 -16.05 -18.59 17.04
N VAL A 229 -16.48 -17.60 17.81
CA VAL A 229 -17.47 -17.78 18.85
C VAL A 229 -18.83 -17.34 18.28
N SER A 230 -19.76 -18.28 18.20
CA SER A 230 -21.10 -17.97 17.69
C SER A 230 -21.84 -17.06 18.66
N LEU A 231 -22.24 -15.88 18.16
CA LEU A 231 -23.00 -14.98 19.00
C LEU A 231 -24.39 -15.53 19.29
N LYS A 232 -24.98 -16.28 18.34
CA LYS A 232 -26.29 -16.86 18.59
C LYS A 232 -26.23 -17.98 19.62
N THR A 233 -25.12 -18.73 19.65
CA THR A 233 -24.99 -19.75 20.68
C THR A 233 -24.84 -19.13 22.06
N LEU A 234 -24.12 -18.01 22.14
CA LEU A 234 -24.05 -17.28 23.39
C LEU A 234 -25.40 -16.67 23.76
N HIS A 235 -26.23 -16.34 22.77
CA HIS A 235 -27.47 -15.60 22.99
C HIS A 235 -28.54 -16.12 22.04
N PRO A 236 -29.21 -17.23 22.39
CA PRO A 236 -30.07 -17.90 21.41
C PRO A 236 -31.20 -17.05 20.87
N ASP A 237 -31.64 -16.02 21.59
CA ASP A 237 -32.69 -15.14 21.09
C ASP A 237 -32.15 -14.04 20.17
N LEU A 238 -30.84 -13.96 19.99
CA LEU A 238 -30.22 -12.97 19.12
C LEU A 238 -31.03 -12.73 17.86
N GLY A 239 -31.42 -11.46 17.66
CA GLY A 239 -32.04 -11.05 16.41
C GLY A 239 -33.51 -11.39 16.27
N THR A 240 -34.14 -11.93 17.32
CA THR A 240 -35.58 -12.19 17.29
C THR A 240 -36.34 -11.09 18.02
N ASP A 241 -37.67 -11.20 17.97
CA ASP A 241 -38.54 -10.29 18.68
C ASP A 241 -38.54 -10.52 20.19
N LYS A 242 -37.91 -11.59 20.66
CA LYS A 242 -37.73 -11.79 22.10
C LYS A 242 -36.42 -11.19 22.61
N ASP A 243 -35.52 -10.78 21.71
CA ASP A 243 -34.18 -10.34 22.08
C ASP A 243 -34.22 -9.11 22.97
N LYS A 244 -33.81 -9.27 24.22
CA LYS A 244 -33.81 -8.15 25.15
C LYS A 244 -32.78 -7.09 24.77
N GLU A 245 -31.73 -7.46 24.03
CA GLU A 245 -30.73 -6.50 23.60
C GLU A 245 -31.09 -5.84 22.27
N GLN A 246 -32.12 -6.32 21.58
CA GLN A 246 -32.64 -5.65 20.39
C GLN A 246 -31.62 -5.66 19.24
N TRP A 247 -30.89 -6.77 19.07
CA TRP A 247 -29.92 -6.78 17.99
C TRP A 247 -30.57 -6.60 16.62
N LYS A 248 -31.86 -6.93 16.49
CA LYS A 248 -32.59 -6.67 15.26
C LYS A 248 -32.45 -5.23 14.81
N GLU A 249 -32.29 -4.29 15.76
CA GLU A 249 -32.13 -2.89 15.38
C GLU A 249 -30.85 -2.65 14.60
N VAL A 250 -29.84 -3.51 14.78
CA VAL A 250 -28.61 -3.36 14.01
C VAL A 250 -28.90 -3.60 12.53
N HIS A 251 -29.67 -4.66 12.22
CA HIS A 251 -30.03 -4.89 10.83
C HIS A 251 -30.96 -3.81 10.30
N LYS A 252 -31.87 -3.31 11.14
CA LYS A 252 -32.72 -2.20 10.71
C LYS A 252 -31.87 -1.00 10.30
N GLN A 253 -30.83 -0.67 11.06
CA GLN A 253 -29.93 0.40 10.67
C GLN A 253 -29.22 0.10 9.36
N VAL A 254 -28.88 -1.17 9.13
CA VAL A 254 -28.28 -1.54 7.84
C VAL A 254 -29.26 -1.27 6.70
N VAL A 255 -30.50 -1.71 6.87
CA VAL A 255 -31.51 -1.48 5.84
C VAL A 255 -31.69 0.02 5.59
N GLU A 256 -31.71 0.80 6.65
CA GLU A 256 -32.01 2.23 6.56
C GLU A 256 -30.80 3.09 6.26
N SER A 257 -29.60 2.50 6.24
CA SER A 257 -28.38 3.30 6.14
CA SER A 257 -28.38 3.30 6.14
C SER A 257 -28.39 4.20 4.90
N ALA A 258 -28.73 3.65 3.74
CA ALA A 258 -28.65 4.44 2.51
C ALA A 258 -29.68 5.56 2.55
N TYR A 259 -30.88 5.26 3.06
CA TYR A 259 -31.89 6.30 3.20
C TYR A 259 -31.41 7.42 4.11
N GLU A 260 -30.80 7.08 5.25
CA GLU A 260 -30.35 8.12 6.17
C GLU A 260 -29.24 8.97 5.56
N VAL A 261 -28.28 8.34 4.87
CA VAL A 261 -27.20 9.09 4.24
C VAL A 261 -27.74 9.97 3.12
N ILE A 262 -28.68 9.45 2.33
CA ILE A 262 -29.26 10.27 1.26
C ILE A 262 -30.01 11.47 1.84
N LYS A 263 -30.71 11.26 2.95
CA LYS A 263 -31.41 12.35 3.61
C LYS A 263 -30.46 13.42 4.10
N LEU A 264 -29.24 13.02 4.52
CA LEU A 264 -28.31 13.95 5.13
C LEU A 264 -27.38 14.63 4.13
N LYS A 265 -26.84 13.89 3.15
CA LYS A 265 -25.92 14.49 2.19
C LYS A 265 -26.42 14.44 0.75
N GLY A 266 -27.56 13.80 0.48
CA GLY A 266 -28.18 13.78 -0.82
C GLY A 266 -27.95 12.50 -1.62
N TYR A 267 -26.95 11.72 -1.25
CA TYR A 267 -26.56 10.53 -2.01
C TYR A 267 -25.55 9.78 -1.13
N THR A 268 -25.22 8.55 -1.54
CA THR A 268 -24.12 7.82 -0.93
C THR A 268 -23.04 7.59 -1.98
N SER A 269 -21.79 7.49 -1.52
CA SER A 269 -20.70 7.32 -2.48
C SER A 269 -19.50 6.59 -1.88
N TRP A 270 -18.99 7.05 -0.75
CA TRP A 270 -17.68 6.55 -0.31
C TRP A 270 -17.73 5.06 0.02
N ALA A 271 -18.75 4.64 0.79
CA ALA A 271 -18.79 3.25 1.22
C ALA A 271 -19.00 2.31 0.04
N ILE A 272 -19.89 2.65 -0.88
CA ILE A 272 -20.12 1.77 -2.00
C ILE A 272 -18.88 1.74 -2.89
N GLY A 273 -18.19 2.86 -3.03
CA GLY A 273 -16.97 2.86 -3.84
C GLY A 273 -15.90 1.96 -3.26
N LEU A 274 -15.74 1.97 -1.95
CA LEU A 274 -14.77 1.09 -1.30
C LEU A 274 -15.20 -0.37 -1.40
N SER A 275 -16.52 -0.63 -1.26
CA SER A 275 -17.04 -1.97 -1.43
C SER A 275 -16.74 -2.52 -2.82
N VAL A 276 -16.99 -1.71 -3.85
CA VAL A 276 -16.72 -2.16 -5.21
C VAL A 276 -15.23 -2.38 -5.44
N ALA A 277 -14.39 -1.51 -4.88
CA ALA A 277 -12.95 -1.71 -5.06
C ALA A 277 -12.48 -2.99 -4.37
N ASP A 278 -13.09 -3.33 -3.23
CA ASP A 278 -12.84 -4.61 -2.56
C ASP A 278 -13.15 -5.78 -3.48
N LEU A 279 -14.28 -5.73 -4.18
CA LEU A 279 -14.62 -6.79 -5.12
C LEU A 279 -13.66 -6.80 -6.30
N ALA A 280 -13.32 -5.62 -6.82
CA ALA A 280 -12.40 -5.56 -7.94
C ALA A 280 -11.04 -6.09 -7.56
N GLU A 281 -10.60 -5.82 -6.33
CA GLU A 281 -9.35 -6.39 -5.84
C GLU A 281 -9.37 -7.91 -5.91
N SER A 282 -10.44 -8.54 -5.41
CA SER A 282 -10.50 -9.99 -5.44
C SER A 282 -10.48 -10.52 -6.87
N ILE A 283 -11.17 -9.83 -7.78
CA ILE A 283 -11.23 -10.28 -9.16
C ILE A 283 -9.88 -10.07 -9.85
N MET A 284 -9.32 -8.87 -9.73
CA MET A 284 -8.13 -8.54 -10.50
C MET A 284 -6.92 -9.29 -10.02
N LYS A 285 -6.87 -9.61 -8.72
CA LYS A 285 -5.74 -10.32 -8.14
C LYS A 285 -6.02 -11.83 -7.97
N ASN A 286 -7.14 -12.32 -8.47
CA ASN A 286 -7.48 -13.73 -8.42
C ASN A 286 -7.40 -14.30 -7.00
N LEU A 287 -7.92 -13.56 -6.02
CA LEU A 287 -7.69 -13.91 -4.62
C LEU A 287 -8.49 -15.12 -4.20
N ARG A 288 -9.69 -15.34 -4.78
CA ARG A 288 -10.60 -16.37 -4.30
C ARG A 288 -11.00 -16.09 -2.85
N ARG A 289 -11.29 -14.82 -2.56
CA ARG A 289 -11.96 -14.46 -1.31
C ARG A 289 -13.47 -14.62 -1.48
N VAL A 290 -14.15 -14.74 -0.36
CA VAL A 290 -15.61 -14.91 -0.32
C VAL A 290 -16.27 -13.55 -0.10
N HIS A 291 -17.25 -13.22 -0.96
CA HIS A 291 -18.01 -11.99 -0.85
C HIS A 291 -19.49 -12.28 -1.10
N PRO A 292 -20.38 -11.56 -0.43
CA PRO A 292 -21.82 -11.73 -0.71
C PRO A 292 -22.20 -10.86 -1.91
N VAL A 293 -22.32 -11.48 -3.07
CA VAL A 293 -22.54 -10.76 -4.32
C VAL A 293 -23.77 -11.35 -5.02
N SER A 294 -24.37 -10.53 -5.89
CA SER A 294 -25.60 -10.94 -6.56
C SER A 294 -25.25 -11.97 -7.64
N THR A 295 -25.91 -13.12 -7.60
CA THR A 295 -25.70 -14.20 -8.57
C THR A 295 -26.97 -15.03 -8.65
N MET A 296 -27.02 -15.94 -9.60
CA MET A 296 -28.19 -16.80 -9.73
C MET A 296 -28.12 -17.90 -8.67
N ILE A 297 -29.21 -18.06 -7.91
CA ILE A 297 -29.23 -19.00 -6.80
C ILE A 297 -30.18 -20.17 -7.05
N LYS A 298 -30.64 -20.34 -8.29
CA LYS A 298 -31.48 -21.49 -8.62
C LYS A 298 -30.80 -22.78 -8.17
N GLY A 299 -31.54 -23.62 -7.47
CA GLY A 299 -31.04 -24.86 -6.95
C GLY A 299 -30.62 -24.81 -5.50
N LEU A 300 -30.40 -23.61 -4.95
CA LEU A 300 -30.10 -23.45 -3.54
C LEU A 300 -31.39 -23.24 -2.78
N TYR A 301 -31.55 -23.95 -1.66
CA TYR A 301 -32.73 -23.81 -0.80
C TYR A 301 -34.03 -24.13 -1.55
N GLY A 302 -33.94 -24.97 -2.57
CA GLY A 302 -35.12 -25.38 -3.32
C GLY A 302 -35.70 -24.34 -4.23
N ILE A 303 -35.00 -23.23 -4.48
CA ILE A 303 -35.52 -22.20 -5.37
C ILE A 303 -35.41 -22.68 -6.81
N LYS A 304 -36.47 -22.45 -7.60
CA LYS A 304 -36.62 -23.06 -8.91
C LYS A 304 -36.47 -22.08 -10.07
N ASP A 305 -36.48 -20.78 -9.81
CA ASP A 305 -36.43 -19.78 -10.88
C ASP A 305 -35.06 -19.13 -10.93
N ASP A 306 -34.82 -18.38 -12.03
CA ASP A 306 -33.56 -17.72 -12.29
C ASP A 306 -33.40 -16.44 -11.47
N VAL A 307 -33.70 -16.49 -10.19
CA VAL A 307 -33.64 -15.30 -9.37
C VAL A 307 -32.17 -14.99 -9.04
N PHE A 308 -31.84 -13.70 -9.07
CA PHE A 308 -30.53 -13.22 -8.66
C PHE A 308 -30.65 -12.53 -7.31
N LEU A 309 -29.80 -12.92 -6.37
CA LEU A 309 -29.65 -12.19 -5.12
C LEU A 309 -28.29 -12.56 -4.53
N SER A 310 -27.96 -11.96 -3.39
CA SER A 310 -26.63 -12.13 -2.81
C SER A 310 -26.55 -13.39 -1.96
N VAL A 311 -25.56 -14.23 -2.26
CA VAL A 311 -25.05 -15.25 -1.35
C VAL A 311 -23.54 -15.15 -1.39
N PRO A 312 -22.85 -15.73 -0.41
CA PRO A 312 -21.38 -15.69 -0.44
C PRO A 312 -20.82 -16.47 -1.63
N CYS A 313 -20.00 -15.80 -2.43
CA CYS A 313 -19.37 -16.40 -3.58
C CYS A 313 -17.87 -16.29 -3.49
N ILE A 314 -17.17 -17.29 -4.05
CA ILE A 314 -15.71 -17.22 -4.18
C ILE A 314 -15.40 -16.44 -5.45
N LEU A 315 -14.64 -15.36 -5.31
CA LEU A 315 -14.38 -14.40 -6.39
C LEU A 315 -12.91 -14.43 -6.82
N GLY A 316 -12.68 -14.48 -8.13
CA GLY A 316 -11.34 -14.52 -8.68
C GLY A 316 -11.31 -13.98 -10.09
N GLN A 317 -10.27 -14.39 -10.85
CA GLN A 317 -10.06 -13.80 -12.17
C GLN A 317 -11.07 -14.27 -13.20
N ASN A 318 -11.80 -15.33 -12.91
CA ASN A 318 -12.88 -15.78 -13.79
C ASN A 318 -14.24 -15.34 -13.26
N GLY A 319 -14.27 -14.43 -12.29
CA GLY A 319 -15.50 -14.02 -11.66
C GLY A 319 -15.86 -14.95 -10.52
N ILE A 320 -17.12 -15.34 -10.46
CA ILE A 320 -17.61 -16.26 -9.44
C ILE A 320 -17.22 -17.68 -9.85
N SER A 321 -16.31 -18.29 -9.09
CA SER A 321 -15.94 -19.68 -9.34
C SER A 321 -16.75 -20.66 -8.49
N ASP A 322 -17.34 -20.21 -7.39
CA ASP A 322 -18.02 -21.10 -6.47
C ASP A 322 -19.03 -20.30 -5.65
N LEU A 323 -20.08 -20.99 -5.23
CA LEU A 323 -21.06 -20.48 -4.27
C LEU A 323 -20.89 -21.20 -2.93
N VAL A 324 -20.95 -20.45 -1.85
CA VAL A 324 -20.97 -21.03 -0.52
C VAL A 324 -22.41 -21.30 -0.12
N LYS A 325 -22.68 -22.54 0.31
CA LYS A 325 -24.02 -22.94 0.73
C LYS A 325 -24.15 -22.67 2.23
N VAL A 326 -24.63 -21.47 2.55
CA VAL A 326 -24.76 -21.09 3.95
C VAL A 326 -25.86 -21.91 4.63
N THR A 327 -25.59 -22.34 5.84
CA THR A 327 -26.56 -23.03 6.68
C THR A 327 -27.46 -21.95 7.30
N LEU A 328 -28.73 -21.96 6.94
CA LEU A 328 -29.69 -20.97 7.44
C LEU A 328 -30.65 -21.66 8.40
N THR A 329 -31.02 -20.96 9.47
CA THR A 329 -32.12 -21.43 10.29
C THR A 329 -33.42 -21.34 9.50
N SER A 330 -34.47 -21.96 10.07
CA SER A 330 -35.79 -21.87 9.46
C SER A 330 -36.19 -20.43 9.22
N GLU A 331 -35.94 -19.55 10.19
CA GLU A 331 -36.38 -18.17 10.02
C GLU A 331 -35.53 -17.43 9.01
N GLU A 332 -34.21 -17.69 9.01
CA GLU A 332 -33.34 -17.07 8.02
C GLU A 332 -33.70 -17.55 6.61
N GLU A 333 -33.96 -18.85 6.44
CA GLU A 333 -34.34 -19.35 5.12
C GLU A 333 -35.68 -18.76 4.67
N ALA A 334 -36.63 -18.64 5.60
CA ALA A 334 -37.92 -18.03 5.26
C ALA A 334 -37.74 -16.58 4.82
N ARG A 335 -36.93 -15.80 5.54
CA ARG A 335 -36.69 -14.42 5.13
C ARG A 335 -35.97 -14.34 3.78
N LEU A 336 -35.07 -15.30 3.52
CA LEU A 336 -34.38 -15.30 2.23
C LEU A 336 -35.34 -15.63 1.10
N LYS A 337 -36.30 -16.53 1.33
CA LYS A 337 -37.28 -16.83 0.30
C LYS A 337 -38.22 -15.67 0.08
N LYS A 338 -38.53 -14.89 1.13
CA LYS A 338 -39.29 -13.68 0.98
C LYS A 338 -38.56 -12.68 0.10
N SER A 339 -37.25 -12.52 0.31
CA SER A 339 -36.48 -11.64 -0.54
C SER A 339 -36.48 -12.13 -1.97
N ALA A 340 -36.33 -13.45 -2.16
CA ALA A 340 -36.35 -14.03 -3.49
C ALA A 340 -37.68 -13.80 -4.19
N ASP A 341 -38.79 -13.93 -3.45
CA ASP A 341 -40.11 -13.70 -4.05
C ASP A 341 -40.27 -12.27 -4.50
N THR A 342 -39.81 -11.31 -3.70
CA THR A 342 -39.91 -9.91 -4.08
C THR A 342 -39.13 -9.64 -5.35
N LEU A 343 -37.90 -10.13 -5.42
CA LEU A 343 -37.09 -9.88 -6.60
C LEU A 343 -37.63 -10.63 -7.80
N TRP A 344 -37.95 -11.91 -7.63
CA TRP A 344 -38.48 -12.69 -8.75
C TRP A 344 -39.76 -12.07 -9.30
N GLY A 345 -40.65 -11.61 -8.41
CA GLY A 345 -41.87 -10.96 -8.88
C GLY A 345 -41.61 -9.81 -9.83
N ILE A 346 -40.51 -9.07 -9.61
CA ILE A 346 -40.12 -8.02 -10.55
C ILE A 346 -39.38 -8.62 -11.74
N GLN A 347 -38.44 -9.54 -11.49
CA GLN A 347 -37.62 -10.08 -12.58
C GLN A 347 -38.47 -10.70 -13.68
N LYS A 348 -39.49 -11.47 -13.31
CA LYS A 348 -40.23 -12.25 -14.30
C LYS A 348 -41.16 -11.38 -15.15
N GLU A 349 -41.41 -10.15 -14.76
CA GLU A 349 -42.23 -9.24 -15.55
C GLU A 349 -41.43 -8.48 -16.61
N LEU A 350 -40.10 -8.66 -16.65
CA LEU A 350 -39.28 -8.02 -17.66
C LEU A 350 -39.28 -8.85 -18.95
N GLN A 351 -39.17 -8.16 -20.08
CA GLN A 351 -39.13 -8.79 -21.39
C GLN A 351 -37.85 -8.41 -22.11
N PHE A 352 -37.33 -9.36 -22.88
CA PHE A 352 -36.10 -9.14 -23.65
C PHE A 352 -36.29 -9.53 -25.12
N GLN B 21 -24.35 -38.94 1.30
CA GLN B 21 -22.99 -38.77 1.89
C GLN B 21 -22.16 -37.75 1.12
N ALA B 22 -21.55 -36.81 1.84
CA ALA B 22 -20.80 -35.74 1.20
C ALA B 22 -19.65 -35.30 2.09
N THR B 23 -18.51 -35.04 1.46
CA THR B 23 -17.36 -34.50 2.17
C THR B 23 -17.67 -33.09 2.68
N LEU B 24 -16.83 -32.64 3.62
CA LEU B 24 -16.97 -31.30 4.16
C LEU B 24 -16.98 -30.25 3.05
N LYS B 25 -15.96 -30.28 2.17
CA LYS B 25 -15.88 -29.29 1.10
C LYS B 25 -17.13 -29.29 0.26
N ASP B 26 -17.66 -30.48 -0.06
CA ASP B 26 -18.79 -30.58 -0.96
C ASP B 26 -20.11 -30.21 -0.29
N GLN B 27 -20.16 -30.22 1.03
CA GLN B 27 -21.35 -29.70 1.71
C GLN B 27 -21.28 -28.18 1.83
N LEU B 28 -20.08 -27.62 1.80
CA LEU B 28 -19.85 -26.20 1.99
C LEU B 28 -19.90 -25.42 0.69
N ILE B 29 -19.47 -26.01 -0.42
CA ILE B 29 -19.17 -25.24 -1.61
C ILE B 29 -19.82 -25.89 -2.82
N TYR B 30 -20.52 -25.07 -3.60
CA TYR B 30 -21.03 -25.46 -4.91
C TYR B 30 -20.08 -24.91 -5.97
N ASN B 31 -19.35 -25.80 -6.63
CA ASN B 31 -18.39 -25.41 -7.65
C ASN B 31 -19.12 -25.05 -8.93
N LEU B 32 -18.80 -23.88 -9.49
CA LEU B 32 -19.26 -23.50 -10.83
C LEU B 32 -18.18 -23.74 -11.88
N LEU B 33 -17.02 -23.12 -11.69
CA LEU B 33 -15.88 -23.28 -12.60
C LEU B 33 -14.99 -24.41 -12.10
N LYS B 34 -14.48 -25.21 -13.03
CA LYS B 34 -13.65 -26.36 -12.69
C LYS B 34 -12.17 -26.06 -12.86
N THR B 38 -5.21 -19.34 -17.09
CA THR B 38 -3.78 -19.06 -16.96
C THR B 38 -3.53 -17.79 -16.13
N PRO B 39 -2.43 -17.76 -15.39
CA PRO B 39 -2.13 -16.56 -14.60
C PRO B 39 -1.89 -15.36 -15.51
N GLN B 40 -2.31 -14.20 -15.04
CA GLN B 40 -2.26 -12.99 -15.84
C GLN B 40 -1.10 -12.07 -15.49
N ASN B 41 -0.52 -12.22 -14.31
CA ASN B 41 0.52 -11.34 -13.80
C ASN B 41 1.56 -12.17 -13.07
N LYS B 42 2.07 -13.18 -13.77
CA LYS B 42 2.99 -14.15 -13.17
C LYS B 42 4.43 -13.65 -13.23
N ILE B 43 5.14 -13.80 -12.13
CA ILE B 43 6.56 -13.47 -12.02
C ILE B 43 7.28 -14.72 -11.55
N THR B 44 8.42 -15.00 -12.17
CA THR B 44 9.31 -16.08 -11.74
C THR B 44 10.59 -15.47 -11.20
N VAL B 45 11.06 -16.01 -10.09
CA VAL B 45 12.39 -15.70 -9.58
C VAL B 45 13.25 -16.95 -9.71
N VAL B 46 14.34 -16.86 -10.47
CA VAL B 46 15.30 -17.94 -10.64
C VAL B 46 16.43 -17.70 -9.65
N GLY B 47 16.67 -18.65 -8.76
CA GLY B 47 17.68 -18.52 -7.74
C GLY B 47 17.05 -18.14 -6.41
N VAL B 48 17.28 -18.95 -5.37
CA VAL B 48 16.68 -18.68 -4.07
C VAL B 48 17.75 -18.45 -3.02
N GLY B 49 18.89 -17.92 -3.45
CA GLY B 49 19.84 -17.33 -2.54
C GLY B 49 19.27 -16.06 -1.91
N ALA B 50 20.13 -15.37 -1.18
CA ALA B 50 19.69 -14.17 -0.46
C ALA B 50 19.11 -13.14 -1.42
N VAL B 51 19.74 -12.94 -2.57
CA VAL B 51 19.25 -11.92 -3.51
C VAL B 51 17.89 -12.32 -4.04
N GLY B 52 17.76 -13.56 -4.50
CA GLY B 52 16.49 -14.03 -5.03
C GLY B 52 15.37 -13.94 -4.00
N MET B 53 15.63 -14.37 -2.77
CA MET B 53 14.55 -14.34 -1.79
C MET B 53 14.20 -12.92 -1.37
N ALA B 54 15.17 -11.99 -1.38
CA ALA B 54 14.82 -10.60 -1.09
C ALA B 54 14.03 -9.99 -2.24
N CYS B 55 14.37 -10.35 -3.48
CA CYS B 55 13.50 -9.98 -4.59
C CYS B 55 12.09 -10.53 -4.38
N ALA B 56 11.99 -11.80 -4.01
CA ALA B 56 10.67 -12.44 -3.87
C ALA B 56 9.82 -11.74 -2.81
N ILE B 57 10.38 -11.51 -1.63
CA ILE B 57 9.59 -10.92 -0.56
C ILE B 57 9.18 -9.50 -0.91
N SER B 58 10.07 -8.75 -1.57
CA SER B 58 9.74 -7.38 -1.94
C SER B 58 8.63 -7.33 -2.97
N ILE B 59 8.64 -8.25 -3.92
CA ILE B 59 7.62 -8.28 -4.95
C ILE B 59 6.30 -8.73 -4.36
N LEU B 60 6.34 -9.70 -3.43
CA LEU B 60 5.13 -10.12 -2.74
C LEU B 60 4.52 -8.98 -1.94
N MET B 61 5.34 -8.21 -1.23
CA MET B 61 4.79 -7.15 -0.40
C MET B 61 4.36 -5.94 -1.19
N LYS B 62 4.69 -5.87 -2.46
CA LYS B 62 4.22 -4.81 -3.34
C LYS B 62 3.05 -5.25 -4.23
N ASP B 63 2.54 -6.46 -4.05
CA ASP B 63 1.35 -6.92 -4.79
C ASP B 63 1.53 -6.77 -6.30
N LEU B 64 2.70 -7.18 -6.79
CA LEU B 64 2.98 -7.05 -8.22
C LEU B 64 2.56 -8.27 -9.04
N ALA B 65 2.34 -9.43 -8.40
CA ALA B 65 2.06 -10.67 -9.12
C ALA B 65 0.87 -11.40 -8.53
N ASP B 66 0.12 -12.07 -9.40
CA ASP B 66 -0.91 -12.99 -8.95
C ASP B 66 -0.39 -14.43 -8.85
N GLU B 67 0.80 -14.71 -9.37
CA GLU B 67 1.44 -16.00 -9.16
C GLU B 67 2.95 -15.76 -9.12
N LEU B 68 3.61 -16.35 -8.13
CA LEU B 68 5.06 -16.30 -8.00
C LEU B 68 5.61 -17.72 -8.09
N ALA B 69 6.55 -17.93 -9.01
CA ALA B 69 7.25 -19.19 -9.15
C ALA B 69 8.71 -19.00 -8.78
N LEU B 70 9.24 -19.94 -8.01
CA LEU B 70 10.64 -19.97 -7.63
C LEU B 70 11.29 -21.19 -8.27
N VAL B 71 12.51 -21.01 -8.77
CA VAL B 71 13.26 -22.09 -9.40
C VAL B 71 14.69 -22.06 -8.89
N ASP B 72 15.21 -23.24 -8.53
CA ASP B 72 16.63 -23.38 -8.21
C ASP B 72 16.97 -24.86 -8.33
N VAL B 73 18.24 -25.18 -8.11
CA VAL B 73 18.70 -26.55 -8.24
C VAL B 73 18.91 -27.23 -6.90
N ILE B 74 18.85 -26.50 -5.79
CA ILE B 74 18.95 -27.10 -4.46
C ILE B 74 17.52 -27.37 -4.00
N GLU B 75 17.12 -28.64 -4.04
CA GLU B 75 15.71 -29.00 -3.91
C GLU B 75 15.16 -28.69 -2.51
N ASP B 76 15.94 -29.00 -1.47
CA ASP B 76 15.45 -28.78 -0.11
C ASP B 76 15.28 -27.30 0.18
N LYS B 77 16.33 -26.51 -0.06
CA LYS B 77 16.27 -25.07 0.16
C LYS B 77 15.11 -24.44 -0.61
N LEU B 78 14.91 -24.86 -1.85
CA LEU B 78 13.80 -24.35 -2.66
C LEU B 78 12.47 -24.61 -1.98
N LYS B 79 12.24 -25.86 -1.57
CA LYS B 79 10.98 -26.23 -0.93
C LYS B 79 10.79 -25.49 0.39
N GLY B 80 11.86 -25.39 1.18
CA GLY B 80 11.76 -24.67 2.44
C GLY B 80 11.38 -23.21 2.27
N GLU B 81 12.01 -22.53 1.29
CA GLU B 81 11.68 -21.14 1.03
C GLU B 81 10.24 -21.00 0.51
N MET B 82 9.83 -21.87 -0.39
CA MET B 82 8.44 -21.83 -0.86
C MET B 82 7.48 -22.01 0.31
N MET B 83 7.75 -22.99 1.17
CA MET B 83 6.83 -23.25 2.29
C MET B 83 6.78 -22.06 3.23
N ASP B 84 7.94 -21.47 3.52
CA ASP B 84 7.99 -20.33 4.44
C ASP B 84 7.14 -19.18 3.90
N LEU B 85 7.32 -18.84 2.62
CA LEU B 85 6.46 -17.83 2.00
C LEU B 85 5.00 -18.23 2.06
N GLN B 86 4.68 -19.48 1.69
CA GLN B 86 3.28 -19.92 1.67
C GLN B 86 2.63 -19.78 3.03
N HIS B 87 3.37 -20.05 4.09
CA HIS B 87 2.84 -19.93 5.44
C HIS B 87 2.48 -18.51 5.81
N GLY B 88 3.03 -17.52 5.09
CA GLY B 88 2.64 -16.13 5.25
C GLY B 88 1.54 -15.65 4.33
N SER B 89 0.88 -16.57 3.60
CA SER B 89 -0.05 -16.18 2.55
C SER B 89 -1.19 -15.34 3.07
N LEU B 90 -1.65 -15.61 4.30
CA LEU B 90 -2.73 -14.82 4.89
C LEU B 90 -2.40 -13.33 4.89
N PHE B 91 -1.13 -13.00 4.97
CA PHE B 91 -0.69 -11.61 5.09
C PHE B 91 -0.31 -11.01 3.74
N LEU B 92 -0.53 -11.76 2.65
CA LEU B 92 -0.15 -11.34 1.32
C LEU B 92 -1.40 -11.32 0.45
N ARG B 93 -1.22 -10.80 -0.76
CA ARG B 93 -2.28 -10.74 -1.77
C ARG B 93 -1.79 -11.37 -3.06
N THR B 94 -0.93 -12.36 -2.93
CA THR B 94 -0.46 -13.18 -4.05
C THR B 94 -0.94 -14.60 -3.79
N PRO B 95 -1.95 -15.08 -4.51
CA PRO B 95 -2.67 -16.29 -4.06
C PRO B 95 -2.03 -17.59 -4.44
N LYS B 96 -1.01 -17.58 -5.31
CA LYS B 96 -0.38 -18.80 -5.79
C LYS B 96 1.14 -18.60 -5.74
N ILE B 97 1.80 -19.41 -4.91
CA ILE B 97 3.24 -19.47 -4.84
C ILE B 97 3.65 -20.92 -5.08
N VAL B 98 4.47 -21.14 -6.09
CA VAL B 98 4.91 -22.48 -6.47
C VAL B 98 6.41 -22.50 -6.65
N SER B 99 6.98 -23.70 -6.66
CA SER B 99 8.42 -23.85 -6.89
C SER B 99 8.70 -25.18 -7.56
N GLY B 100 9.90 -25.29 -8.12
CA GLY B 100 10.32 -26.55 -8.71
C GLY B 100 11.66 -26.43 -9.39
N LYS B 101 12.32 -27.58 -9.52
CA LYS B 101 13.56 -27.64 -10.28
C LYS B 101 13.28 -27.60 -11.78
N ASP B 102 12.12 -28.08 -12.22
CA ASP B 102 11.75 -28.11 -13.63
C ASP B 102 11.14 -26.77 -14.02
N TYR B 103 11.61 -26.22 -15.13
CA TYR B 103 11.14 -24.90 -15.53
C TYR B 103 9.71 -24.89 -16.04
N ASN B 104 9.05 -26.05 -16.16
CA ASN B 104 7.63 -26.00 -16.54
C ASN B 104 6.81 -25.23 -15.50
N VAL B 105 7.28 -25.14 -14.25
CA VAL B 105 6.56 -24.36 -13.25
C VAL B 105 6.63 -22.85 -13.50
N THR B 106 7.51 -22.41 -14.38
CA THR B 106 7.64 -21.00 -14.73
C THR B 106 6.79 -20.58 -15.94
N ALA B 107 6.00 -21.49 -16.50
CA ALA B 107 5.34 -21.24 -17.76
C ALA B 107 4.40 -20.04 -17.70
N ASN B 108 4.41 -19.24 -18.78
CA ASN B 108 3.52 -18.11 -18.95
C ASN B 108 3.84 -16.94 -18.01
N SER B 109 5.11 -16.80 -17.63
CA SER B 109 5.52 -15.65 -16.83
C SER B 109 5.55 -14.39 -17.68
N LYS B 110 5.05 -13.29 -17.11
CA LYS B 110 5.28 -11.99 -17.70
C LYS B 110 6.72 -11.54 -17.53
N LEU B 111 7.30 -11.85 -16.38
CA LEU B 111 8.61 -11.36 -15.98
C LEU B 111 9.37 -12.50 -15.32
N VAL B 112 10.59 -12.76 -15.77
CA VAL B 112 11.45 -13.76 -15.17
C VAL B 112 12.70 -13.05 -14.67
N ILE B 113 12.92 -13.11 -13.37
CA ILE B 113 14.03 -12.43 -12.71
C ILE B 113 15.10 -13.48 -12.41
N ILE B 114 16.28 -13.33 -13.01
CA ILE B 114 17.35 -14.30 -12.88
C ILE B 114 18.36 -13.77 -11.88
N THR B 115 18.46 -14.43 -10.72
CA THR B 115 19.41 -14.07 -9.68
C THR B 115 20.39 -15.21 -9.39
N ALA B 116 20.28 -16.32 -10.11
CA ALA B 116 21.06 -17.52 -9.80
C ALA B 116 22.50 -17.36 -10.24
N GLY B 117 23.35 -18.17 -9.66
CA GLY B 117 24.75 -18.25 -10.01
C GLY B 117 25.62 -17.93 -8.81
N ALA B 118 26.93 -17.95 -9.07
CA ALA B 118 27.87 -17.53 -8.04
C ALA B 118 27.63 -16.07 -7.68
N ARG B 119 27.78 -15.75 -6.40
CA ARG B 119 27.54 -14.41 -5.91
C ARG B 119 28.84 -13.82 -5.38
N GLN B 120 28.91 -12.50 -5.46
CA GLN B 120 30.09 -11.76 -5.00
C GLN B 120 30.38 -12.08 -3.54
N GLN B 121 31.63 -12.43 -3.28
CA GLN B 121 32.14 -12.70 -1.94
C GLN B 121 33.03 -11.56 -1.46
N GLU B 122 33.45 -11.65 -0.20
CA GLU B 122 34.24 -10.58 0.40
C GLU B 122 35.48 -10.30 -0.45
N GLY B 123 35.70 -9.02 -0.75
CA GLY B 123 36.88 -8.60 -1.47
C GLY B 123 36.93 -9.02 -2.91
N GLU B 124 35.86 -9.61 -3.44
CA GLU B 124 35.88 -10.20 -4.78
C GLU B 124 35.20 -9.29 -5.77
N SER B 125 35.84 -9.07 -6.91
CA SER B 125 35.25 -8.33 -8.01
C SER B 125 34.10 -9.13 -8.62
N ARG B 126 32.98 -8.44 -8.89
CA ARG B 126 31.89 -9.07 -9.58
C ARG B 126 32.33 -9.62 -10.93
N LEU B 127 33.35 -9.00 -11.55
CA LEU B 127 33.81 -9.46 -12.85
C LEU B 127 34.48 -10.82 -12.77
N ASN B 128 34.95 -11.25 -11.61
CA ASN B 128 35.52 -12.60 -11.51
C ASN B 128 34.48 -13.70 -11.66
N LEU B 129 33.20 -13.38 -11.56
CA LEU B 129 32.13 -14.37 -11.61
C LEU B 129 31.68 -14.67 -13.04
N VAL B 130 32.27 -14.02 -14.04
CA VAL B 130 31.63 -13.95 -15.34
C VAL B 130 31.56 -15.32 -16.01
N GLN B 131 32.68 -16.03 -16.09
CA GLN B 131 32.66 -17.25 -16.90
C GLN B 131 31.80 -18.33 -16.25
N ARG B 132 31.89 -18.44 -14.92
CA ARG B 132 31.06 -19.38 -14.18
C ARG B 132 29.58 -19.09 -14.37
N ASN B 133 29.19 -17.83 -14.32
CA ASN B 133 27.77 -17.54 -14.47
C ASN B 133 27.34 -17.56 -15.92
N VAL B 134 28.27 -17.30 -16.85
CA VAL B 134 27.96 -17.53 -18.26
C VAL B 134 27.61 -18.99 -18.50
N ASN B 135 28.35 -19.90 -17.87
CA ASN B 135 28.12 -21.32 -18.08
C ASN B 135 26.75 -21.73 -17.57
N ILE B 136 26.33 -21.16 -16.43
CA ILE B 136 25.02 -21.42 -15.86
C ILE B 136 23.91 -20.84 -16.75
N PHE B 137 24.13 -19.65 -17.33
CA PHE B 137 23.11 -19.07 -18.20
C PHE B 137 22.87 -19.90 -19.45
N LYS B 138 23.88 -20.63 -19.92
CA LYS B 138 23.69 -21.49 -21.09
C LYS B 138 22.58 -22.51 -20.87
N PHE B 139 22.40 -22.94 -19.64
CA PHE B 139 21.31 -23.84 -19.28
C PHE B 139 20.04 -23.09 -18.87
N ILE B 140 20.18 -22.05 -18.06
CA ILE B 140 19.00 -21.35 -17.54
C ILE B 140 18.19 -20.72 -18.67
N ILE B 141 18.85 -19.89 -19.48
CA ILE B 141 18.11 -19.03 -20.39
C ILE B 141 17.27 -19.84 -21.38
N PRO B 142 17.79 -20.88 -22.05
CA PRO B 142 16.92 -21.62 -22.98
C PRO B 142 15.70 -22.25 -22.31
N ASN B 143 15.83 -22.72 -21.07
CA ASN B 143 14.67 -23.26 -20.36
C ASN B 143 13.64 -22.17 -20.06
N VAL B 144 14.09 -20.98 -19.65
CA VAL B 144 13.16 -19.88 -19.40
C VAL B 144 12.38 -19.54 -20.67
N VAL B 145 13.10 -19.35 -21.78
CA VAL B 145 12.49 -18.97 -23.05
C VAL B 145 11.50 -20.03 -23.54
N LYS B 146 11.82 -21.31 -23.29
CA LYS B 146 10.93 -22.40 -23.69
C LYS B 146 9.54 -22.23 -23.11
N TYR B 147 9.44 -21.88 -21.83
CA TYR B 147 8.17 -21.89 -21.14
C TYR B 147 7.51 -20.51 -21.01
N SER B 148 8.25 -19.44 -21.22
CA SER B 148 7.69 -18.09 -21.26
C SER B 148 8.32 -17.34 -22.43
N PRO B 149 7.96 -17.72 -23.66
CA PRO B 149 8.58 -17.08 -24.84
C PRO B 149 8.26 -15.60 -24.99
N ASN B 150 7.27 -15.09 -24.26
CA ASN B 150 6.86 -13.70 -24.37
C ASN B 150 7.28 -12.86 -23.17
N CYS B 151 8.04 -13.42 -22.23
CA CYS B 151 8.38 -12.70 -21.02
C CYS B 151 9.43 -11.64 -21.29
N LYS B 152 9.56 -10.73 -20.32
CA LYS B 152 10.74 -9.91 -20.17
C LYS B 152 11.69 -10.61 -19.21
N LEU B 153 12.98 -10.59 -19.54
CA LEU B 153 14.04 -11.09 -18.71
C LEU B 153 14.65 -9.94 -17.93
N LEU B 154 14.72 -10.06 -16.62
CA LEU B 154 15.35 -9.07 -15.76
C LEU B 154 16.53 -9.76 -15.11
N ILE B 155 17.74 -9.41 -15.56
CA ILE B 155 18.97 -10.06 -15.12
C ILE B 155 19.49 -9.34 -13.89
N VAL B 156 19.81 -10.10 -12.85
CA VAL B 156 20.30 -9.55 -11.60
C VAL B 156 21.64 -10.17 -11.25
N SER B 157 21.85 -11.42 -11.64
CA SER B 157 23.12 -12.10 -11.43
C SER B 157 24.28 -11.26 -11.94
N ASN B 158 25.46 -11.44 -11.33
CA ASN B 158 26.61 -10.62 -11.63
C ASN B 158 27.67 -11.37 -12.42
N PRO B 159 28.46 -10.66 -13.24
CA PRO B 159 28.38 -9.21 -13.52
C PRO B 159 27.18 -8.91 -14.40
N VAL B 160 26.27 -8.08 -13.90
CA VAL B 160 24.93 -8.02 -14.49
C VAL B 160 24.97 -7.47 -15.91
N ASP B 161 25.87 -6.53 -16.18
CA ASP B 161 25.94 -5.94 -17.52
C ASP B 161 26.35 -6.97 -18.56
N ILE B 162 27.41 -7.73 -18.28
CA ILE B 162 27.84 -8.76 -19.23
C ILE B 162 26.81 -9.87 -19.34
N LEU B 163 26.18 -10.24 -18.21
CA LEU B 163 25.21 -11.33 -18.24
C LEU B 163 23.91 -10.92 -18.94
N THR B 164 23.59 -9.62 -18.95
CA THR B 164 22.47 -9.15 -19.77
C THR B 164 22.78 -9.32 -21.25
N TYR B 165 23.99 -8.96 -21.67
CA TYR B 165 24.44 -9.27 -23.03
C TYR B 165 24.30 -10.75 -23.33
N VAL B 166 24.78 -11.59 -22.41
CA VAL B 166 24.77 -13.03 -22.62
C VAL B 166 23.35 -13.55 -22.72
N ALA B 167 22.49 -13.12 -21.79
CA ALA B 167 21.08 -13.54 -21.82
C ALA B 167 20.42 -13.13 -23.12
N TRP B 168 20.72 -11.93 -23.60
CA TRP B 168 20.15 -11.45 -24.85
C TRP B 168 20.61 -12.33 -26.02
N LYS B 169 21.91 -12.65 -26.06
CA LYS B 169 22.43 -13.50 -27.13
C LYS B 169 21.84 -14.92 -27.10
N ILE B 170 21.80 -15.52 -25.91
CA ILE B 170 21.29 -16.89 -25.81
C ILE B 170 19.80 -16.94 -26.08
N SER B 171 19.05 -15.98 -25.54
CA SER B 171 17.59 -16.06 -25.61
C SER B 171 17.07 -15.86 -27.02
N GLY B 172 17.78 -15.08 -27.84
CA GLY B 172 17.20 -14.65 -29.09
C GLY B 172 16.10 -13.62 -28.97
N PHE B 173 15.84 -13.11 -27.77
CA PHE B 173 14.83 -12.09 -27.58
C PHE B 173 15.26 -10.77 -28.22
N PRO B 174 14.32 -9.91 -28.62
CA PRO B 174 14.70 -8.54 -28.92
C PRO B 174 15.23 -7.86 -27.66
N LYS B 175 16.10 -6.89 -27.84
CA LYS B 175 16.82 -6.36 -26.70
C LYS B 175 15.94 -5.52 -25.77
N ASN B 176 14.76 -5.09 -26.22
CA ASN B 176 13.88 -4.40 -25.29
C ASN B 176 13.43 -5.32 -24.16
N ARG B 177 13.43 -6.64 -24.38
CA ARG B 177 12.91 -7.59 -23.40
C ARG B 177 14.01 -8.26 -22.60
N VAL B 178 15.23 -7.72 -22.63
CA VAL B 178 16.34 -8.24 -21.84
C VAL B 178 16.93 -7.06 -21.08
N ILE B 179 16.65 -6.99 -19.78
CA ILE B 179 16.96 -5.84 -18.95
C ILE B 179 17.88 -6.29 -17.83
N GLY B 180 18.96 -5.56 -17.60
CA GLY B 180 19.80 -5.78 -16.45
C GLY B 180 19.45 -4.82 -15.34
N SER B 181 19.41 -5.31 -14.10
CA SER B 181 19.10 -4.43 -12.98
C SER B 181 20.10 -3.30 -12.88
N GLY B 182 21.33 -3.52 -13.35
CA GLY B 182 22.21 -2.42 -13.66
C GLY B 182 22.50 -1.54 -12.47
N CYS B 183 22.49 -0.23 -12.72
CA CYS B 183 22.82 0.78 -11.73
C CYS B 183 21.59 1.38 -11.04
N ASN B 184 20.42 0.72 -11.14
CA ASN B 184 19.28 1.20 -10.36
C ASN B 184 19.65 1.25 -8.88
N LEU B 185 20.34 0.24 -8.39
CA LEU B 185 20.78 0.21 -7.00
C LEU B 185 21.91 1.18 -6.72
N ASP B 186 22.91 1.26 -7.61
CA ASP B 186 23.99 2.21 -7.39
C ASP B 186 23.44 3.63 -7.30
N SER B 187 22.51 3.97 -8.17
CA SER B 187 21.88 5.29 -8.13
C SER B 187 21.07 5.48 -6.86
N ALA B 188 20.39 4.43 -6.40
CA ALA B 188 19.67 4.55 -5.12
C ALA B 188 20.65 4.77 -3.98
N ARG B 189 21.81 4.11 -4.02
CA ARG B 189 22.80 4.32 -2.96
C ARG B 189 23.35 5.74 -3.03
N PHE B 190 23.60 6.23 -4.25
CA PHE B 190 24.07 7.59 -4.46
C PHE B 190 23.09 8.60 -3.90
N ARG B 191 21.79 8.41 -4.17
CA ARG B 191 20.78 9.35 -3.69
C ARG B 191 20.59 9.28 -2.19
N TYR B 192 20.76 8.11 -1.59
CA TYR B 192 20.74 8.02 -0.14
C TYR B 192 21.90 8.82 0.48
N LEU B 193 23.13 8.58 0.00
CA LEU B 193 24.30 9.28 0.53
C LEU B 193 24.20 10.77 0.28
N MET B 194 23.71 11.15 -0.89
CA MET B 194 23.43 12.55 -1.19
C MET B 194 22.45 13.14 -0.19
N GLY B 195 21.36 12.42 0.07
CA GLY B 195 20.39 12.90 1.04
C GLY B 195 20.95 13.02 2.44
N GLU B 196 21.85 12.10 2.82
CA GLU B 196 22.49 12.18 4.12
C GLU B 196 23.36 13.43 4.26
N ARG B 197 23.94 13.89 3.16
CA ARG B 197 24.77 15.08 3.23
C ARG B 197 23.93 16.35 3.24
N LEU B 198 22.78 16.32 2.58
CA LEU B 198 21.98 17.52 2.37
C LEU B 198 20.80 17.61 3.34
N GLY B 199 20.45 16.55 4.05
CA GLY B 199 19.31 16.57 4.94
C GLY B 199 18.01 16.52 4.19
N VAL B 200 17.97 15.78 3.09
CA VAL B 200 16.82 15.67 2.20
C VAL B 200 16.56 14.19 1.97
N HIS B 201 15.29 13.83 1.82
CA HIS B 201 14.96 12.46 1.50
C HIS B 201 15.53 12.10 0.13
N PRO B 202 15.99 10.86 -0.05
CA PRO B 202 16.54 10.49 -1.37
C PRO B 202 15.56 10.66 -2.51
N LEU B 203 14.28 10.60 -2.23
CA LEU B 203 13.27 10.85 -3.27
C LEU B 203 13.42 12.23 -3.90
N SER B 204 13.91 13.20 -3.14
CA SER B 204 14.09 14.56 -3.60
C SER B 204 15.55 14.90 -3.92
N CYS B 205 16.44 13.91 -3.83
CA CYS B 205 17.84 14.07 -4.24
C CYS B 205 18.04 13.31 -5.54
N HIS B 206 18.29 14.04 -6.61
CA HIS B 206 18.37 13.45 -7.94
C HIS B 206 19.83 13.37 -8.37
N GLY B 207 20.25 12.17 -8.76
CA GLY B 207 21.60 11.96 -9.22
C GLY B 207 21.67 10.58 -9.84
N TRP B 208 22.50 10.42 -10.87
CA TRP B 208 22.53 9.20 -11.67
C TRP B 208 23.93 8.62 -11.68
N VAL B 209 24.02 7.31 -11.43
CA VAL B 209 25.22 6.51 -11.61
C VAL B 209 25.00 5.62 -12.80
N LEU B 210 25.87 5.73 -13.80
CA LEU B 210 25.73 4.99 -15.05
C LEU B 210 26.93 4.07 -15.25
N GLY B 211 26.88 3.31 -16.34
CA GLY B 211 27.98 2.43 -16.70
C GLY B 211 27.90 1.07 -16.03
N GLU B 212 29.07 0.53 -15.68
CA GLU B 212 29.13 -0.77 -15.04
C GLU B 212 28.54 -0.72 -13.65
N HIS B 213 27.74 -1.73 -13.33
CA HIS B 213 27.33 -1.99 -11.94
C HIS B 213 28.52 -2.63 -11.26
N GLY B 214 29.44 -1.78 -10.81
CA GLY B 214 30.70 -2.27 -10.30
C GLY B 214 31.69 -1.14 -10.14
N ASP B 215 32.99 -1.51 -10.15
CA ASP B 215 34.05 -0.57 -9.81
C ASP B 215 34.21 0.57 -10.82
N SER B 216 33.79 0.38 -12.07
CA SER B 216 33.96 1.40 -13.09
C SER B 216 32.72 2.28 -13.27
N SER B 217 31.78 2.24 -12.34
CA SER B 217 30.57 3.03 -12.49
C SER B 217 30.90 4.53 -12.59
N VAL B 218 29.95 5.28 -13.15
CA VAL B 218 30.17 6.68 -13.48
C VAL B 218 29.15 7.57 -12.79
N PRO B 219 29.58 8.43 -11.86
CA PRO B 219 28.66 9.39 -11.25
C PRO B 219 28.49 10.60 -12.16
N VAL B 220 27.24 10.94 -12.46
CA VAL B 220 26.95 12.03 -13.39
C VAL B 220 26.78 13.28 -12.54
N TRP B 221 27.91 13.84 -12.11
CA TRP B 221 27.92 15.02 -11.27
C TRP B 221 27.17 16.17 -11.91
N SER B 222 27.30 16.33 -13.23
CA SER B 222 26.70 17.46 -13.92
C SER B 222 25.18 17.44 -13.88
N GLY B 223 24.57 16.30 -13.56
CA GLY B 223 23.13 16.21 -13.52
C GLY B 223 22.55 16.19 -12.12
N MET B 224 23.40 16.09 -11.12
CA MET B 224 22.94 16.03 -9.74
C MET B 224 22.21 17.30 -9.35
N ASN B 225 21.03 17.14 -8.76
CA ASN B 225 20.24 18.33 -8.45
C ASN B 225 19.25 18.03 -7.34
N VAL B 226 18.89 19.10 -6.64
CA VAL B 226 17.72 19.17 -5.77
C VAL B 226 16.80 20.23 -6.35
N ALA B 227 15.54 19.84 -6.58
CA ALA B 227 14.52 20.77 -7.08
C ALA B 227 14.96 21.44 -8.39
N GLY B 228 15.73 20.72 -9.21
CA GLY B 228 16.19 21.25 -10.47
C GLY B 228 17.41 22.12 -10.40
N VAL B 229 17.97 22.33 -9.22
CA VAL B 229 19.17 23.16 -9.07
C VAL B 229 20.39 22.25 -9.25
N SER B 230 21.17 22.51 -10.29
CA SER B 230 22.40 21.76 -10.53
C SER B 230 23.41 22.05 -9.43
N LEU B 231 23.79 21.01 -8.70
CA LEU B 231 24.72 21.22 -7.58
C LEU B 231 26.10 21.60 -8.07
N LYS B 232 26.53 21.05 -9.20
CA LYS B 232 27.86 21.38 -9.73
C LYS B 232 27.91 22.82 -10.26
N THR B 233 26.78 23.38 -10.64
CA THR B 233 26.74 24.79 -10.99
C THR B 233 26.98 25.67 -9.77
N LEU B 234 26.44 25.26 -8.61
CA LEU B 234 26.73 25.99 -7.37
C LEU B 234 28.13 25.73 -6.87
N HIS B 235 28.67 24.54 -7.13
CA HIS B 235 29.90 24.06 -6.51
C HIS B 235 30.73 23.42 -7.60
N PRO B 236 31.38 24.23 -8.44
CA PRO B 236 32.02 23.67 -9.64
C PRO B 236 33.09 22.64 -9.35
N ASP B 237 33.69 22.65 -8.16
CA ASP B 237 34.64 21.60 -7.78
C ASP B 237 33.98 20.27 -7.50
N LEU B 238 32.65 20.21 -7.51
CA LEU B 238 31.93 18.99 -7.17
C LEU B 238 32.45 17.81 -7.97
N GLY B 239 32.90 16.78 -7.28
CA GLY B 239 33.35 15.57 -7.94
C GLY B 239 34.84 15.52 -8.25
N THR B 240 35.58 16.58 -7.94
CA THR B 240 37.02 16.63 -8.23
C THR B 240 37.82 16.38 -6.95
N ASP B 241 39.13 16.22 -7.13
CA ASP B 241 40.02 15.99 -5.95
C ASP B 241 40.19 17.30 -5.17
N LYS B 242 40.20 18.44 -5.85
CA LYS B 242 40.35 19.73 -5.17
C LYS B 242 39.16 20.06 -4.29
N ASP B 243 38.05 19.33 -4.40
CA ASP B 243 36.83 19.59 -3.67
C ASP B 243 37.04 19.51 -2.16
N LYS B 244 36.97 20.66 -1.49
CA LYS B 244 37.18 20.68 -0.05
C LYS B 244 36.08 19.92 0.70
N GLU B 245 34.92 19.69 0.08
CA GLU B 245 33.88 18.86 0.68
C GLU B 245 33.98 17.39 0.27
N GLN B 246 34.89 17.05 -0.65
CA GLN B 246 35.20 15.66 -1.00
C GLN B 246 33.94 14.88 -1.40
N TRP B 247 33.13 15.47 -2.28
CA TRP B 247 31.96 14.76 -2.78
C TRP B 247 32.33 13.50 -3.56
N LYS B 248 33.57 13.41 -4.04
CA LYS B 248 33.97 12.18 -4.72
C LYS B 248 33.92 10.98 -3.79
N GLU B 249 34.03 11.20 -2.48
CA GLU B 249 33.89 10.11 -1.53
C GLU B 249 32.49 9.49 -1.60
N VAL B 250 31.47 10.28 -1.91
CA VAL B 250 30.13 9.73 -2.07
C VAL B 250 30.13 8.63 -3.11
N HIS B 251 30.76 8.89 -4.27
CA HIS B 251 30.79 7.86 -5.30
C HIS B 251 31.72 6.71 -4.92
N LYS B 252 32.84 7.00 -4.25
CA LYS B 252 33.66 5.92 -3.72
C LYS B 252 32.87 5.04 -2.76
N GLN B 253 31.98 5.65 -1.95
CA GLN B 253 31.17 4.85 -1.05
C GLN B 253 30.17 4.01 -1.84
N VAL B 254 29.63 4.54 -2.94
CA VAL B 254 28.76 3.75 -3.80
C VAL B 254 29.51 2.56 -4.35
N VAL B 255 30.73 2.77 -4.83
CA VAL B 255 31.49 1.68 -5.42
C VAL B 255 31.80 0.62 -4.37
N GLU B 256 32.21 1.05 -3.18
CA GLU B 256 32.63 0.13 -2.13
C GLU B 256 31.46 -0.44 -1.33
N SER B 257 30.24 0.09 -1.51
CA SER B 257 29.10 -0.30 -0.69
CA SER B 257 29.12 -0.30 -0.67
C SER B 257 28.94 -1.82 -0.61
N ALA B 258 28.85 -2.47 -1.77
CA ALA B 258 28.60 -3.91 -1.74
C ALA B 258 29.73 -4.64 -1.02
N TYR B 259 30.98 -4.23 -1.26
CA TYR B 259 32.09 -4.87 -0.58
C TYR B 259 31.99 -4.71 0.94
N GLU B 260 31.61 -3.52 1.41
CA GLU B 260 31.53 -3.29 2.85
C GLU B 260 30.37 -4.07 3.47
N VAL B 261 29.21 -4.10 2.82
CA VAL B 261 28.07 -4.86 3.36
C VAL B 261 28.41 -6.34 3.40
N ILE B 262 29.04 -6.84 2.32
CA ILE B 262 29.44 -8.26 2.26
C ILE B 262 30.40 -8.60 3.39
N LYS B 263 31.38 -7.71 3.63
CA LYS B 263 32.34 -7.96 4.71
C LYS B 263 31.66 -7.98 6.06
N LEU B 264 30.59 -7.21 6.23
CA LEU B 264 29.96 -7.07 7.53
C LEU B 264 28.91 -8.15 7.81
N LYS B 265 28.04 -8.47 6.85
CA LYS B 265 26.95 -9.42 7.08
C LYS B 265 27.03 -10.64 6.19
N GLY B 266 28.04 -10.73 5.32
CA GLY B 266 28.29 -11.92 4.51
C GLY B 266 27.76 -11.85 3.10
N TYR B 267 26.89 -10.89 2.78
CA TYR B 267 26.23 -10.75 1.48
C TYR B 267 25.46 -9.45 1.50
N THR B 268 24.92 -9.04 0.34
CA THR B 268 23.89 -8.02 0.31
C THR B 268 22.57 -8.65 -0.17
N SER B 269 21.46 -8.08 0.27
CA SER B 269 20.16 -8.64 -0.11
C SER B 269 19.03 -7.61 -0.17
N TRP B 270 18.83 -6.84 0.91
CA TRP B 270 17.63 -6.01 1.01
C TRP B 270 17.59 -4.91 -0.06
N ALA B 271 18.68 -4.15 -0.20
CA ALA B 271 18.68 -3.04 -1.14
C ALA B 271 18.49 -3.52 -2.57
N ILE B 272 19.16 -4.60 -2.95
CA ILE B 272 19.00 -5.09 -4.32
C ILE B 272 17.61 -5.68 -4.54
N GLY B 273 17.05 -6.34 -3.51
CA GLY B 273 15.67 -6.81 -3.62
C GLY B 273 14.68 -5.68 -3.84
N LEU B 274 14.86 -4.58 -3.12
CA LEU B 274 13.98 -3.42 -3.31
C LEU B 274 14.21 -2.76 -4.67
N SER B 275 15.47 -2.70 -5.12
CA SER B 275 15.75 -2.15 -6.43
C SER B 275 15.07 -2.99 -7.50
N VAL B 276 15.20 -4.30 -7.41
CA VAL B 276 14.62 -5.17 -8.42
C VAL B 276 13.09 -5.06 -8.39
N ALA B 277 12.51 -4.96 -7.22
CA ALA B 277 11.05 -4.81 -7.12
C ALA B 277 10.62 -3.47 -7.69
N ASP B 278 11.46 -2.44 -7.58
CA ASP B 278 11.16 -1.15 -8.20
C ASP B 278 11.10 -1.29 -9.73
N LEU B 279 12.12 -1.92 -10.30
CA LEU B 279 12.07 -2.20 -11.75
C LEU B 279 10.86 -3.05 -12.11
N ALA B 280 10.58 -4.09 -11.34
CA ALA B 280 9.44 -4.95 -11.63
C ALA B 280 8.12 -4.18 -11.59
N GLU B 281 8.00 -3.22 -10.67
CA GLU B 281 6.79 -2.40 -10.62
C GLU B 281 6.61 -1.61 -11.90
N SER B 282 7.68 -0.97 -12.38
CA SER B 282 7.56 -0.19 -13.61
C SER B 282 7.18 -1.07 -14.78
N ILE B 283 7.78 -2.27 -14.86
CA ILE B 283 7.48 -3.20 -15.94
C ILE B 283 6.06 -3.75 -15.82
N MET B 284 5.72 -4.30 -14.66
CA MET B 284 4.41 -4.94 -14.51
C MET B 284 3.25 -3.95 -14.67
N LYS B 285 3.42 -2.70 -14.23
CA LYS B 285 2.38 -1.70 -14.31
C LYS B 285 2.53 -0.75 -15.48
N ASN B 286 3.48 -1.01 -16.37
CA ASN B 286 3.64 -0.20 -17.59
C ASN B 286 3.79 1.27 -17.26
N LEU B 287 4.59 1.56 -16.23
CA LEU B 287 4.67 2.92 -15.72
C LEU B 287 5.40 3.87 -16.64
N ARG B 288 6.38 3.38 -17.41
CA ARG B 288 7.22 4.24 -18.24
C ARG B 288 7.96 5.25 -17.37
N ARG B 289 8.44 4.78 -16.22
CA ARG B 289 9.41 5.53 -15.44
C ARG B 289 10.81 5.30 -16.02
N VAL B 290 11.71 6.21 -15.70
CA VAL B 290 13.08 6.16 -16.20
C VAL B 290 13.99 5.53 -15.14
N HIS B 291 14.72 4.48 -15.54
CA HIS B 291 15.62 3.75 -14.66
C HIS B 291 16.97 3.54 -15.33
N PRO B 292 18.08 3.59 -14.58
CA PRO B 292 19.37 3.26 -15.18
C PRO B 292 19.60 1.75 -15.15
N VAL B 293 19.37 1.09 -16.28
CA VAL B 293 19.41 -0.36 -16.38
C VAL B 293 20.30 -0.76 -17.54
N SER B 294 20.75 -2.02 -17.50
CA SER B 294 21.73 -2.52 -18.46
C SER B 294 21.06 -2.77 -19.80
N THR B 295 21.62 -2.17 -20.85
CA THR B 295 21.10 -2.32 -22.20
C THR B 295 22.22 -2.02 -23.19
N MET B 296 21.99 -2.34 -24.46
CA MET B 296 23.03 -2.15 -25.47
C MET B 296 23.18 -0.67 -25.80
N ILE B 297 24.40 -0.16 -25.67
CA ILE B 297 24.68 1.25 -25.87
C ILE B 297 25.44 1.50 -27.17
N LYS B 298 25.56 0.50 -28.03
CA LYS B 298 26.29 0.68 -29.28
C LYS B 298 25.71 1.85 -30.07
N GLY B 299 26.58 2.78 -30.45
CA GLY B 299 26.16 3.96 -31.19
C GLY B 299 26.01 5.22 -30.38
N LEU B 300 26.24 5.16 -29.06
CA LEU B 300 26.15 6.33 -28.19
C LEU B 300 27.51 6.58 -27.57
N TYR B 301 27.82 7.87 -27.37
CA TYR B 301 29.08 8.29 -26.75
C TYR B 301 30.29 7.70 -27.45
N GLY B 302 30.18 7.51 -28.76
CA GLY B 302 31.29 6.99 -29.54
C GLY B 302 31.65 5.55 -29.27
N ILE B 303 30.75 4.78 -28.67
CA ILE B 303 31.00 3.38 -28.36
C ILE B 303 30.54 2.54 -29.55
N LYS B 304 31.42 1.66 -30.02
CA LYS B 304 31.24 0.97 -31.29
C LYS B 304 30.94 -0.52 -31.15
N ASP B 305 31.12 -1.09 -29.97
CA ASP B 305 30.93 -2.52 -29.76
C ASP B 305 29.58 -2.81 -29.11
N ASP B 306 29.21 -4.09 -29.09
CA ASP B 306 27.94 -4.53 -28.51
C ASP B 306 28.00 -4.57 -26.98
N VAL B 307 28.39 -3.46 -26.39
CA VAL B 307 28.53 -3.37 -24.95
C VAL B 307 27.16 -3.13 -24.34
N PHE B 308 26.88 -3.81 -23.24
CA PHE B 308 25.75 -3.50 -22.37
C PHE B 308 26.27 -2.80 -21.13
N LEU B 309 25.62 -1.72 -20.76
CA LEU B 309 25.87 -1.07 -19.47
C LEU B 309 24.64 -0.19 -19.18
N SER B 310 24.63 0.44 -18.01
CA SER B 310 23.46 1.20 -17.57
C SER B 310 23.45 2.60 -18.17
N VAL B 311 22.37 2.93 -18.86
CA VAL B 311 21.98 4.31 -19.14
C VAL B 311 20.53 4.43 -18.71
N PRO B 312 20.01 5.65 -18.58
CA PRO B 312 18.59 5.80 -18.22
C PRO B 312 17.70 5.32 -19.37
N CYS B 313 16.75 4.44 -19.04
CA CYS B 313 15.82 3.90 -20.02
C CYS B 313 14.39 4.05 -19.51
N ILE B 314 13.47 4.21 -20.45
CA ILE B 314 12.04 4.15 -20.15
C ILE B 314 11.61 2.69 -20.06
N LEU B 315 11.05 2.30 -18.90
CA LEU B 315 10.69 0.91 -18.63
C LEU B 315 9.17 0.76 -18.56
N GLY B 316 8.65 -0.27 -19.21
CA GLY B 316 7.23 -0.53 -19.23
C GLY B 316 6.94 -1.99 -19.51
N GLN B 317 5.72 -2.26 -19.95
CA GLN B 317 5.27 -3.64 -20.12
C GLN B 317 5.94 -4.32 -21.30
N ASN B 318 6.61 -3.57 -22.18
CA ASN B 318 7.40 -4.17 -23.25
C ASN B 318 8.88 -4.14 -22.93
N GLY B 319 9.23 -3.87 -21.69
CA GLY B 319 10.63 -3.76 -21.29
C GLY B 319 11.15 -2.36 -21.54
N ILE B 320 12.34 -2.28 -22.13
CA ILE B 320 12.97 -1.00 -22.44
C ILE B 320 12.42 -0.50 -23.77
N SER B 321 11.59 0.54 -23.72
CA SER B 321 11.02 1.08 -24.95
C SER B 321 11.85 2.22 -25.54
N ASP B 322 12.66 2.89 -24.72
CA ASP B 322 13.41 4.06 -25.14
C ASP B 322 14.63 4.24 -24.26
N LEU B 323 15.67 4.85 -24.83
CA LEU B 323 16.87 5.28 -24.10
C LEU B 323 16.83 6.79 -23.96
N VAL B 324 17.24 7.28 -22.79
CA VAL B 324 17.44 8.70 -22.58
C VAL B 324 18.89 9.04 -22.84
N LYS B 325 19.13 9.99 -23.74
CA LYS B 325 20.48 10.37 -24.17
C LYS B 325 20.99 11.43 -23.21
N VAL B 326 21.65 10.99 -22.14
CA VAL B 326 22.11 11.92 -21.13
C VAL B 326 23.27 12.74 -21.68
N THR B 327 23.24 14.04 -21.39
CA THR B 327 24.32 14.96 -21.75
C THR B 327 25.41 14.87 -20.68
N LEU B 328 26.51 14.24 -21.01
CA LEU B 328 27.62 14.08 -20.10
C LEU B 328 28.68 15.12 -20.38
N THR B 329 29.36 15.57 -19.33
CA THR B 329 30.55 16.38 -19.55
C THR B 329 31.65 15.53 -20.21
N SER B 330 32.70 16.20 -20.70
CA SER B 330 33.80 15.44 -21.30
CA SER B 330 33.80 15.44 -21.30
C SER B 330 34.39 14.45 -20.31
N GLU B 331 34.59 14.87 -19.05
CA GLU B 331 35.15 13.97 -18.06
C GLU B 331 34.24 12.77 -17.80
N GLU B 332 32.93 13.01 -17.77
CA GLU B 332 31.98 11.92 -17.53
C GLU B 332 31.94 10.97 -18.72
N GLU B 333 31.92 11.51 -19.93
CA GLU B 333 31.88 10.65 -21.11
C GLU B 333 33.12 9.78 -21.19
N ALA B 334 34.29 10.34 -20.87
CA ALA B 334 35.52 9.55 -20.85
C ALA B 334 35.43 8.42 -19.85
N ARG B 335 34.86 8.68 -18.67
CA ARG B 335 34.73 7.63 -17.67
C ARG B 335 33.73 6.56 -18.12
N LEU B 336 32.69 6.96 -18.85
CA LEU B 336 31.74 5.97 -19.36
C LEU B 336 32.38 5.12 -20.44
N LYS B 337 33.18 5.75 -21.32
CA LYS B 337 33.92 4.99 -22.33
C LYS B 337 34.88 4.02 -21.68
N LYS B 338 35.56 4.46 -20.62
CA LYS B 338 36.45 3.58 -19.87
C LYS B 338 35.71 2.40 -19.27
N SER B 339 34.47 2.63 -18.82
CA SER B 339 33.64 1.55 -18.30
C SER B 339 33.25 0.57 -19.40
N ALA B 340 32.85 1.09 -20.56
CA ALA B 340 32.53 0.23 -21.68
C ALA B 340 33.75 -0.56 -22.15
N ASP B 341 34.93 0.07 -22.16
CA ASP B 341 36.14 -0.64 -22.59
C ASP B 341 36.46 -1.78 -21.64
N THR B 342 36.33 -1.55 -20.32
CA THR B 342 36.54 -2.62 -19.35
C THR B 342 35.59 -3.79 -19.59
N LEU B 343 34.29 -3.50 -19.74
CA LEU B 343 33.33 -4.57 -19.99
C LEU B 343 33.60 -5.27 -21.31
N TRP B 344 33.90 -4.50 -22.36
CA TRP B 344 34.09 -5.12 -23.67
C TRP B 344 35.33 -6.00 -23.67
N GLY B 345 36.37 -5.58 -22.94
CA GLY B 345 37.54 -6.42 -22.82
C GLY B 345 37.22 -7.81 -22.31
N ILE B 346 36.22 -7.92 -21.44
CA ILE B 346 35.78 -9.22 -20.94
C ILE B 346 34.77 -9.85 -21.89
N GLN B 347 33.81 -9.05 -22.37
CA GLN B 347 32.77 -9.58 -23.24
C GLN B 347 33.37 -10.29 -24.44
N LYS B 348 34.35 -9.67 -25.10
CA LYS B 348 34.85 -10.22 -26.36
C LYS B 348 35.51 -11.58 -26.16
N GLU B 349 35.98 -11.89 -24.96
CA GLU B 349 36.69 -13.13 -24.68
C GLU B 349 35.77 -14.22 -24.13
N LEU B 350 34.46 -14.13 -24.36
CA LEU B 350 33.52 -15.14 -23.93
C LEU B 350 33.18 -16.06 -25.12
N GLN B 351 33.05 -17.35 -24.83
CA GLN B 351 32.65 -18.35 -25.82
C GLN B 351 31.32 -18.94 -25.41
N PHE B 352 30.33 -18.87 -26.30
CA PHE B 352 29.01 -19.42 -26.05
C PHE B 352 28.16 -19.38 -27.32
N ALA C 22 -25.91 -11.91 31.94
CA ALA C 22 -24.84 -11.22 31.23
C ALA C 22 -25.24 -10.91 29.78
N THR C 23 -24.98 -9.67 29.35
CA THR C 23 -25.24 -9.31 27.97
C THR C 23 -24.26 -10.03 27.04
N LEU C 24 -24.54 -9.93 25.73
CA LEU C 24 -23.75 -10.67 24.74
C LEU C 24 -22.28 -10.23 24.77
N LYS C 25 -22.03 -8.92 24.75
CA LYS C 25 -20.67 -8.42 24.79
C LYS C 25 -19.93 -8.98 26.00
N ASP C 26 -20.58 -8.95 27.16
CA ASP C 26 -19.91 -9.37 28.39
C ASP C 26 -19.70 -10.87 28.46
N GLN C 27 -20.49 -11.65 27.72
CA GLN C 27 -20.21 -13.08 27.64
C GLN C 27 -18.98 -13.34 26.77
N LEU C 28 -18.73 -12.48 25.79
CA LEU C 28 -17.73 -12.68 24.76
C LEU C 28 -16.38 -12.11 25.15
N ILE C 29 -16.37 -10.95 25.81
CA ILE C 29 -15.17 -10.13 25.91
C ILE C 29 -14.89 -9.78 27.36
N TYR C 30 -13.62 -9.88 27.75
CA TYR C 30 -13.15 -9.45 29.07
C TYR C 30 -12.32 -8.19 28.87
N ASN C 31 -12.81 -7.06 29.37
CA ASN C 31 -12.12 -5.79 29.20
C ASN C 31 -10.92 -5.73 30.15
N LEU C 32 -9.71 -5.50 29.60
CA LEU C 32 -8.54 -5.18 30.40
C LEU C 32 -8.39 -3.67 30.59
N LEU C 33 -8.56 -2.91 29.51
CA LEU C 33 -8.39 -1.46 29.52
C LEU C 33 -9.76 -0.80 29.44
N LYS C 34 -10.02 0.14 30.35
CA LYS C 34 -11.32 0.79 30.43
C LYS C 34 -11.46 1.99 29.52
N GLU C 35 -10.35 2.65 29.18
CA GLU C 35 -10.36 3.87 28.40
C GLU C 35 -9.34 3.80 27.27
N GLU C 36 -9.51 4.68 26.30
CA GLU C 36 -8.57 4.81 25.18
C GLU C 36 -7.63 5.98 25.42
N GLN C 37 -6.41 5.84 24.91
CA GLN C 37 -5.41 6.89 25.02
C GLN C 37 -5.64 7.95 23.95
N THR C 38 -5.08 9.13 24.17
CA THR C 38 -5.16 10.21 23.18
C THR C 38 -4.67 9.67 21.84
N PRO C 39 -5.24 10.12 20.73
CA PRO C 39 -4.77 9.63 19.43
C PRO C 39 -3.37 10.13 19.13
N GLN C 40 -2.59 9.28 18.48
CA GLN C 40 -1.19 9.58 18.21
C GLN C 40 -0.94 10.16 16.82
N ASN C 41 -1.85 9.92 15.89
CA ASN C 41 -1.66 10.36 14.51
C ASN C 41 -2.99 10.89 13.98
N LYS C 42 -3.53 11.88 14.68
CA LYS C 42 -4.84 12.43 14.37
C LYS C 42 -4.74 13.52 13.31
N ILE C 43 -5.63 13.47 12.33
CA ILE C 43 -5.72 14.48 11.29
C ILE C 43 -7.13 15.03 11.29
N THR C 44 -7.27 16.35 11.20
CA THR C 44 -8.57 17.00 11.06
C THR C 44 -8.66 17.63 9.68
N VAL C 45 -9.81 17.43 9.04
CA VAL C 45 -10.16 18.15 7.81
C VAL C 45 -11.27 19.12 8.16
N VAL C 46 -11.03 20.38 7.93
CA VAL C 46 -12.02 21.44 8.17
C VAL C 46 -12.68 21.75 6.83
N GLY C 47 -14.00 21.59 6.79
CA GLY C 47 -14.77 21.78 5.58
C GLY C 47 -15.03 20.46 4.89
N VAL C 48 -16.31 20.15 4.59
CA VAL C 48 -16.61 18.88 3.94
C VAL C 48 -17.24 19.11 2.58
N GLY C 49 -16.85 20.17 1.91
CA GLY C 49 -17.16 20.30 0.50
C GLY C 49 -16.31 19.31 -0.31
N ALA C 50 -16.39 19.45 -1.63
CA ALA C 50 -15.76 18.47 -2.50
C ALA C 50 -14.27 18.36 -2.21
N VAL C 51 -13.60 19.49 -1.99
CA VAL C 51 -12.16 19.46 -1.74
C VAL C 51 -11.85 18.76 -0.43
N GLY C 52 -12.59 19.12 0.63
CA GLY C 52 -12.38 18.49 1.93
C GLY C 52 -12.59 16.99 1.89
N MET C 53 -13.67 16.53 1.27
CA MET C 53 -13.92 15.09 1.25
C MET C 53 -12.90 14.35 0.37
N ALA C 54 -12.39 15.00 -0.68
CA ALA C 54 -11.34 14.34 -1.47
C ALA C 54 -10.05 14.21 -0.67
N CYS C 55 -9.70 15.24 0.10
CA CYS C 55 -8.60 15.11 1.04
C CYS C 55 -8.84 13.97 2.02
N ALA C 56 -10.06 13.89 2.58
CA ALA C 56 -10.35 12.87 3.59
C ALA C 56 -10.19 11.46 3.03
N ILE C 57 -10.79 11.20 1.86
CA ILE C 57 -10.71 9.85 1.31
C ILE C 57 -9.27 9.52 0.91
N SER C 58 -8.53 10.50 0.38
CA SER C 58 -7.15 10.25 0.00
C SER C 58 -6.30 9.93 1.22
N ILE C 59 -6.50 10.67 2.31
CA ILE C 59 -5.76 10.42 3.54
C ILE C 59 -6.14 9.07 4.13
N LEU C 60 -7.44 8.72 4.08
CA LEU C 60 -7.90 7.43 4.57
C LEU C 60 -7.31 6.27 3.78
N MET C 61 -7.24 6.40 2.46
CA MET C 61 -6.74 5.29 1.67
C MET C 61 -5.22 5.21 1.65
N LYS C 62 -4.52 6.19 2.21
CA LYS C 62 -3.08 6.13 2.38
C LYS C 62 -2.65 5.77 3.81
N ASP C 63 -3.61 5.53 4.70
CA ASP C 63 -3.29 5.07 6.07
C ASP C 63 -2.39 6.05 6.81
N LEU C 64 -2.69 7.34 6.72
CA LEU C 64 -1.84 8.35 7.34
C LEU C 64 -2.29 8.73 8.74
N ALA C 65 -3.52 8.38 9.13
CA ALA C 65 -4.08 8.80 10.40
C ALA C 65 -4.68 7.63 11.15
N ASP C 66 -4.54 7.65 12.47
CA ASP C 66 -5.28 6.71 13.32
C ASP C 66 -6.57 7.31 13.83
N GLU C 67 -6.82 8.58 13.56
CA GLU C 67 -8.11 9.20 13.84
C GLU C 67 -8.30 10.34 12.86
N LEU C 68 -9.47 10.39 12.24
CA LEU C 68 -9.85 11.45 11.31
C LEU C 68 -11.05 12.20 11.90
N ALA C 69 -10.91 13.51 12.04
CA ALA C 69 -12.02 14.35 12.47
C ALA C 69 -12.44 15.28 11.32
N LEU C 70 -13.74 15.46 11.17
CA LEU C 70 -14.30 16.37 10.18
C LEU C 70 -15.10 17.44 10.90
N VAL C 71 -14.91 18.69 10.47
CA VAL C 71 -15.66 19.82 11.02
C VAL C 71 -16.25 20.65 9.89
N ASP C 72 -17.46 21.13 10.09
CA ASP C 72 -18.08 22.07 9.16
C ASP C 72 -19.30 22.65 9.87
N VAL C 73 -19.96 23.61 9.24
CA VAL C 73 -21.12 24.29 9.85
C VAL C 73 -22.44 23.73 9.34
N ILE C 74 -22.44 22.92 8.29
CA ILE C 74 -23.67 22.34 7.75
C ILE C 74 -23.84 20.97 8.41
N GLU C 75 -24.71 20.91 9.41
CA GLU C 75 -24.73 19.76 10.31
C GLU C 75 -25.12 18.48 9.59
N ASP C 76 -26.15 18.53 8.74
CA ASP C 76 -26.64 17.33 8.07
C ASP C 76 -25.58 16.78 7.11
N LYS C 77 -25.02 17.63 6.26
CA LYS C 77 -24.05 17.14 5.29
C LYS C 77 -22.82 16.58 6.01
N LEU C 78 -22.41 17.23 7.09
CA LEU C 78 -21.29 16.73 7.89
C LEU C 78 -21.55 15.32 8.39
N LYS C 79 -22.74 15.10 8.98
CA LYS C 79 -23.06 13.79 9.53
C LYS C 79 -23.21 12.74 8.43
N GLY C 80 -23.77 13.14 7.29
CA GLY C 80 -23.90 12.18 6.21
C GLY C 80 -22.55 11.76 5.64
N GLU C 81 -21.62 12.70 5.53
CA GLU C 81 -20.27 12.37 5.05
C GLU C 81 -19.55 11.47 6.06
N MET C 82 -19.62 11.81 7.34
CA MET C 82 -19.06 10.97 8.39
C MET C 82 -19.59 9.55 8.31
N MET C 83 -20.92 9.41 8.21
CA MET C 83 -21.52 8.09 8.22
C MET C 83 -21.10 7.29 6.99
N ASP C 84 -21.04 7.94 5.84
CA ASP C 84 -20.67 7.26 4.61
C ASP C 84 -19.25 6.73 4.71
N LEU C 85 -18.34 7.53 5.26
CA LEU C 85 -16.98 7.05 5.47
C LEU C 85 -16.96 5.92 6.48
N GLN C 86 -17.68 6.07 7.60
CA GLN C 86 -17.71 5.03 8.61
C GLN C 86 -18.19 3.70 8.05
N HIS C 87 -19.16 3.73 7.16
CA HIS C 87 -19.71 2.50 6.59
C HIS C 87 -18.71 1.75 5.75
N GLY C 88 -17.66 2.42 5.28
CA GLY C 88 -16.57 1.75 4.60
C GLY C 88 -15.42 1.33 5.49
N SER C 89 -15.60 1.38 6.82
CA SER C 89 -14.50 1.17 7.74
C SER C 89 -13.85 -0.20 7.58
N LEU C 90 -14.62 -1.22 7.22
CA LEU C 90 -14.05 -2.54 6.98
C LEU C 90 -12.93 -2.50 5.96
N PHE C 91 -13.00 -1.59 5.00
CA PHE C 91 -12.04 -1.51 3.91
C PHE C 91 -10.91 -0.52 4.17
N LEU C 92 -10.84 0.02 5.38
CA LEU C 92 -9.86 1.02 5.74
C LEU C 92 -9.06 0.54 6.94
N ARG C 93 -8.03 1.32 7.29
CA ARG C 93 -7.17 1.04 8.43
C ARG C 93 -7.08 2.28 9.32
N THR C 94 -8.17 3.05 9.38
CA THR C 94 -8.27 4.23 10.23
C THR C 94 -9.46 3.98 11.15
N PRO C 95 -9.24 3.60 12.41
CA PRO C 95 -10.32 3.00 13.21
C PRO C 95 -11.30 3.98 13.85
N LYS C 96 -11.03 5.28 13.79
CA LYS C 96 -11.92 6.27 14.42
C LYS C 96 -12.13 7.42 13.45
N ILE C 97 -13.40 7.62 13.06
CA ILE C 97 -13.81 8.72 12.20
C ILE C 97 -14.91 9.48 12.94
N VAL C 98 -14.66 10.75 13.23
CA VAL C 98 -15.57 11.55 14.04
C VAL C 98 -15.87 12.85 13.31
N SER C 99 -16.92 13.53 13.78
CA SER C 99 -17.31 14.80 13.17
C SER C 99 -18.10 15.63 14.18
N GLY C 100 -18.10 16.93 13.96
CA GLY C 100 -18.92 17.82 14.76
C GLY C 100 -18.79 19.24 14.29
N LYS C 101 -19.78 20.06 14.67
CA LYS C 101 -19.66 21.50 14.50
C LYS C 101 -18.77 22.13 15.58
N ASP C 102 -18.64 21.48 16.73
CA ASP C 102 -17.79 21.99 17.80
C ASP C 102 -16.34 21.56 17.54
N TYR C 103 -15.42 22.50 17.64
CA TYR C 103 -14.02 22.20 17.36
C TYR C 103 -13.38 21.34 18.43
N ASN C 104 -14.07 21.04 19.53
CA ASN C 104 -13.51 20.10 20.49
C ASN C 104 -13.30 18.74 19.86
N VAL C 105 -14.05 18.41 18.79
CA VAL C 105 -13.83 17.14 18.11
C VAL C 105 -12.45 17.07 17.45
N THR C 106 -11.77 18.21 17.27
CA THR C 106 -10.47 18.26 16.62
C THR C 106 -9.30 18.19 17.60
N ALA C 107 -9.58 18.09 18.89
CA ALA C 107 -8.53 18.19 19.89
C ALA C 107 -7.39 17.22 19.61
N ASN C 108 -6.17 17.71 19.82
CA ASN C 108 -4.93 16.92 19.77
C ASN C 108 -4.60 16.42 18.37
N SER C 109 -4.97 17.20 17.35
CA SER C 109 -4.57 16.85 16.00
C SER C 109 -3.08 17.15 15.79
N LYS C 110 -2.40 16.26 15.07
CA LYS C 110 -1.05 16.57 14.63
C LYS C 110 -1.06 17.46 13.39
N LEU C 111 -2.11 17.34 12.58
CA LEU C 111 -2.22 18.05 11.32
C LEU C 111 -3.68 18.47 11.14
N VAL C 112 -3.90 19.76 10.88
CA VAL C 112 -5.25 20.26 10.62
C VAL C 112 -5.24 20.88 9.22
N ILE C 113 -6.09 20.34 8.35
CA ILE C 113 -6.18 20.72 6.96
C ILE C 113 -7.42 21.59 6.80
N ILE C 114 -7.23 22.80 6.34
CA ILE C 114 -8.32 23.78 6.25
C ILE C 114 -8.70 23.93 4.77
N THR C 115 -9.90 23.45 4.43
CA THR C 115 -10.42 23.53 3.07
C THR C 115 -11.70 24.35 3.01
N ALA C 116 -12.15 24.89 4.13
CA ALA C 116 -13.47 25.51 4.22
C ALA C 116 -13.45 26.92 3.62
N GLY C 117 -14.64 27.43 3.38
CA GLY C 117 -14.83 28.76 2.86
C GLY C 117 -15.41 28.71 1.47
N ALA C 118 -15.47 29.90 0.84
CA ALA C 118 -15.97 29.98 -0.52
C ALA C 118 -14.98 29.31 -1.45
N ARG C 119 -15.48 28.53 -2.39
CA ARG C 119 -14.65 27.85 -3.36
C ARG C 119 -14.77 28.50 -4.73
N GLN C 120 -13.72 28.35 -5.52
CA GLN C 120 -13.66 28.93 -6.85
C GLN C 120 -14.78 28.41 -7.74
N GLN C 121 -15.52 29.33 -8.36
CA GLN C 121 -16.60 29.01 -9.27
C GLN C 121 -16.16 29.19 -10.73
N GLU C 122 -17.01 28.73 -11.64
CA GLU C 122 -16.76 28.91 -13.06
C GLU C 122 -16.45 30.37 -13.38
N GLY C 123 -15.32 30.58 -14.06
CA GLY C 123 -14.90 31.90 -14.46
C GLY C 123 -14.34 32.78 -13.36
N GLU C 124 -14.28 32.28 -12.13
CA GLU C 124 -13.96 33.11 -10.96
C GLU C 124 -12.49 33.01 -10.62
N SER C 125 -11.87 34.16 -10.44
CA SER C 125 -10.50 34.20 -9.93
C SER C 125 -10.47 33.80 -8.46
N ARG C 126 -9.47 33.01 -8.09
CA ARG C 126 -9.30 32.66 -6.70
C ARG C 126 -9.16 33.89 -5.84
N LEU C 127 -8.57 34.95 -6.37
CA LEU C 127 -8.35 36.16 -5.60
C LEU C 127 -9.66 36.85 -5.20
N ASN C 128 -10.74 36.64 -5.95
CA ASN C 128 -12.03 37.23 -5.57
C ASN C 128 -12.55 36.69 -4.24
N LEU C 129 -12.03 35.55 -3.78
CA LEU C 129 -12.52 34.90 -2.58
C LEU C 129 -11.86 35.42 -1.31
N VAL C 130 -10.91 36.33 -1.44
CA VAL C 130 -9.96 36.59 -0.35
C VAL C 130 -10.66 37.17 0.86
N GLN C 131 -11.51 38.18 0.67
CA GLN C 131 -12.06 38.85 1.85
C GLN C 131 -13.06 37.95 2.57
N ARG C 132 -13.95 37.28 1.83
CA ARG C 132 -14.88 36.33 2.47
C ARG C 132 -14.10 35.28 3.29
N ASN C 133 -13.05 34.72 2.70
CA ASN C 133 -12.37 33.63 3.39
C ASN C 133 -11.48 34.11 4.51
N VAL C 134 -10.94 35.34 4.41
CA VAL C 134 -10.27 35.92 5.56
C VAL C 134 -11.26 36.05 6.72
N ASN C 135 -12.49 36.48 6.42
CA ASN C 135 -13.51 36.60 7.46
C ASN C 135 -13.75 35.27 8.15
N ILE C 136 -13.89 34.20 7.36
CA ILE C 136 -14.11 32.86 7.92
C ILE C 136 -12.91 32.41 8.75
N PHE C 137 -11.69 32.68 8.28
CA PHE C 137 -10.51 32.24 9.02
C PHE C 137 -10.40 32.92 10.38
N LYS C 138 -10.95 34.13 10.53
CA LYS C 138 -10.92 34.80 11.82
C LYS C 138 -11.63 33.99 12.88
N PHE C 139 -12.61 33.17 12.51
CA PHE C 139 -13.30 32.24 13.39
C PHE C 139 -12.62 30.87 13.41
N ILE C 140 -12.27 30.33 12.25
CA ILE C 140 -11.76 28.96 12.20
C ILE C 140 -10.41 28.84 12.90
N ILE C 141 -9.44 29.68 12.52
CA ILE C 141 -8.08 29.48 12.97
C ILE C 141 -7.97 29.52 14.48
N PRO C 142 -8.56 30.50 15.20
CA PRO C 142 -8.45 30.49 16.67
C PRO C 142 -9.06 29.25 17.30
N ASN C 143 -10.14 28.73 16.72
CA ASN C 143 -10.75 27.50 17.23
C ASN C 143 -9.85 26.29 17.04
N VAL C 144 -9.23 26.17 15.87
CA VAL C 144 -8.30 25.08 15.61
C VAL C 144 -7.14 25.13 16.57
N VAL C 145 -6.53 26.31 16.71
CA VAL C 145 -5.37 26.48 17.57
C VAL C 145 -5.72 26.15 19.03
N LYS C 146 -6.90 26.60 19.47
CA LYS C 146 -7.32 26.33 20.85
C LYS C 146 -7.23 24.86 21.20
N TYR C 147 -7.69 23.99 20.29
CA TYR C 147 -7.78 22.57 20.60
C TYR C 147 -6.59 21.75 20.13
N SER C 148 -5.76 22.27 19.24
CA SER C 148 -4.54 21.59 18.81
C SER C 148 -3.40 22.60 18.76
N PRO C 149 -2.92 23.04 19.92
CA PRO C 149 -1.87 24.09 19.94
C PRO C 149 -0.55 23.65 19.35
N ASN C 150 -0.32 22.35 19.19
CA ASN C 150 0.93 21.83 18.65
C ASN C 150 0.80 21.31 17.22
N CYS C 151 -0.34 21.50 16.57
CA CYS C 151 -0.52 20.95 15.23
C CYS C 151 0.28 21.73 14.19
N LYS C 152 0.37 21.14 13.00
CA LYS C 152 0.72 21.86 11.79
C LYS C 152 -0.58 22.22 11.09
N LEU C 153 -0.64 23.43 10.52
CA LEU C 153 -1.78 23.89 9.76
C LEU C 153 -1.46 23.78 8.28
N LEU C 154 -2.33 23.11 7.53
CA LEU C 154 -2.16 22.92 6.10
C LEU C 154 -3.34 23.62 5.44
N ILE C 155 -3.06 24.78 4.83
CA ILE C 155 -4.11 25.63 4.27
C ILE C 155 -4.33 25.20 2.82
N VAL C 156 -5.57 24.92 2.47
CA VAL C 156 -5.96 24.54 1.12
C VAL C 156 -6.95 25.54 0.55
N SER C 157 -7.75 26.13 1.41
CA SER C 157 -8.70 27.17 0.99
C SER C 157 -8.02 28.27 0.16
N ASN C 158 -8.78 28.89 -0.75
CA ASN C 158 -8.21 29.84 -1.70
C ASN C 158 -8.60 31.28 -1.36
N PRO C 159 -7.77 32.27 -1.73
CA PRO C 159 -6.43 32.14 -2.38
C PRO C 159 -5.43 31.64 -1.36
N VAL C 160 -4.81 30.49 -1.62
CA VAL C 160 -4.12 29.73 -0.58
C VAL C 160 -2.91 30.49 -0.04
N ASP C 161 -2.20 31.20 -0.91
CA ASP C 161 -1.01 31.92 -0.48
C ASP C 161 -1.36 33.01 0.53
N ILE C 162 -2.37 33.82 0.21
CA ILE C 162 -2.78 34.88 1.12
C ILE C 162 -3.37 34.30 2.40
N LEU C 163 -4.17 33.24 2.27
CA LEU C 163 -4.77 32.64 3.46
C LEU C 163 -3.73 31.95 4.34
N THR C 164 -2.61 31.47 3.74
CA THR C 164 -1.54 30.94 4.57
C THR C 164 -0.92 32.06 5.41
N TYR C 165 -0.64 33.20 4.78
CA TYR C 165 -0.22 34.39 5.54
C TYR C 165 -1.21 34.74 6.64
N VAL C 166 -2.51 34.73 6.31
CA VAL C 166 -3.53 35.11 7.27
C VAL C 166 -3.59 34.12 8.43
N ALA C 167 -3.51 32.82 8.12
CA ALA C 167 -3.55 31.83 9.19
C ALA C 167 -2.32 31.95 10.08
N TRP C 168 -1.17 32.25 9.51
CA TRP C 168 0.04 32.43 10.32
C TRP C 168 -0.12 33.60 11.30
N LYS C 169 -0.59 34.74 10.80
CA LYS C 169 -0.77 35.91 11.66
C LYS C 169 -1.81 35.66 12.74
N ILE C 170 -2.94 35.03 12.39
CA ILE C 170 -4.00 34.80 13.37
C ILE C 170 -3.57 33.75 14.40
N SER C 171 -2.93 32.67 13.96
CA SER C 171 -2.67 31.55 14.86
C SER C 171 -1.58 31.87 15.88
N GLY C 172 -0.65 32.75 15.53
CA GLY C 172 0.51 32.96 16.36
C GLY C 172 1.55 31.87 16.27
N PHE C 173 1.37 30.90 15.37
CA PHE C 173 2.31 29.81 15.21
C PHE C 173 3.63 30.32 14.58
N PRO C 174 4.73 29.62 14.80
CA PRO C 174 5.92 29.86 13.96
C PRO C 174 5.63 29.45 12.52
N LYS C 175 6.29 30.13 11.59
CA LYS C 175 5.90 29.94 10.20
C LYS C 175 6.18 28.54 9.69
N ASN C 176 7.08 27.79 10.34
CA ASN C 176 7.30 26.42 9.89
C ASN C 176 6.04 25.57 10.02
N ARG C 177 5.12 25.92 10.93
CA ARG C 177 3.93 25.12 11.18
C ARG C 177 2.70 25.63 10.44
N VAL C 178 2.84 26.54 9.50
CA VAL C 178 1.74 27.07 8.73
C VAL C 178 2.10 26.91 7.26
N ILE C 179 1.49 25.93 6.61
CA ILE C 179 1.88 25.46 5.28
C ILE C 179 0.70 25.65 4.35
N GLY C 180 0.96 26.21 3.15
CA GLY C 180 -0.07 26.33 2.14
C GLY C 180 0.15 25.28 1.07
N SER C 181 -0.94 24.61 0.68
CA SER C 181 -0.79 23.57 -0.34
C SER C 181 -0.19 24.13 -1.63
N GLY C 182 -0.37 25.43 -1.88
CA GLY C 182 0.44 26.16 -2.83
C GLY C 182 0.43 25.57 -4.23
N CYS C 183 1.64 25.46 -4.81
CA CYS C 183 1.82 24.98 -6.18
C CYS C 183 2.21 23.50 -6.24
N ASN C 184 1.97 22.74 -5.18
CA ASN C 184 2.19 21.30 -5.25
C ASN C 184 1.33 20.70 -6.35
N LEU C 185 0.07 21.14 -6.43
CA LEU C 185 -0.81 20.66 -7.50
C LEU C 185 -0.40 21.23 -8.87
N ASP C 186 -0.10 22.54 -8.95
CA ASP C 186 0.30 23.13 -10.22
C ASP C 186 1.51 22.40 -10.80
N SER C 187 2.48 22.09 -9.94
CA SER C 187 3.65 21.34 -10.39
C SER C 187 3.26 19.93 -10.83
N ALA C 188 2.38 19.26 -10.08
CA ALA C 188 1.94 17.95 -10.52
C ALA C 188 1.26 18.03 -11.89
N ARG C 189 0.47 19.08 -12.12
CA ARG C 189 -0.16 19.24 -13.43
C ARG C 189 0.88 19.49 -14.51
N PHE C 190 1.86 20.37 -14.22
CA PHE C 190 2.97 20.63 -15.12
C PHE C 190 3.67 19.33 -15.51
N ARG C 191 3.97 18.50 -14.53
CA ARG C 191 4.72 17.26 -14.79
C ARG C 191 3.87 16.25 -15.55
N TYR C 192 2.57 16.17 -15.24
CA TYR C 192 1.69 15.36 -16.06
C TYR C 192 1.72 15.80 -17.53
N LEU C 193 1.60 17.10 -17.78
CA LEU C 193 1.58 17.58 -19.15
C LEU C 193 2.94 17.38 -19.83
N MET C 194 4.03 17.63 -19.09
CA MET C 194 5.36 17.29 -19.57
C MET C 194 5.42 15.83 -20.01
N GLY C 195 4.97 14.92 -19.14
CA GLY C 195 5.02 13.51 -19.43
C GLY C 195 4.19 13.13 -20.63
N GLU C 196 3.07 13.81 -20.83
CA GLU C 196 2.26 13.52 -22.02
C GLU C 196 2.99 13.94 -23.28
N ARG C 197 3.76 15.02 -23.21
CA ARG C 197 4.51 15.46 -24.38
C ARG C 197 5.71 14.57 -24.68
N LEU C 198 6.31 14.00 -23.64
CA LEU C 198 7.55 13.25 -23.76
C LEU C 198 7.37 11.74 -23.75
N GLY C 199 6.19 11.24 -23.40
CA GLY C 199 5.96 9.82 -23.28
C GLY C 199 6.63 9.24 -22.06
N VAL C 200 6.67 9.98 -20.95
CA VAL C 200 7.33 9.56 -19.72
C VAL C 200 6.36 9.75 -18.57
N HIS C 201 6.40 8.82 -17.59
CA HIS C 201 5.57 8.98 -16.42
C HIS C 201 5.92 10.30 -15.73
N PRO C 202 4.95 11.03 -15.18
CA PRO C 202 5.29 12.26 -14.47
C PRO C 202 6.29 12.09 -13.33
N LEU C 203 6.36 10.90 -12.74
CA LEU C 203 7.37 10.67 -11.70
C LEU C 203 8.80 10.92 -12.20
N SER C 204 9.02 10.76 -13.51
CA SER C 204 10.35 10.92 -14.09
C SER C 204 10.46 12.21 -14.91
N CYS C 205 9.45 13.07 -14.89
CA CYS C 205 9.50 14.39 -15.48
C CYS C 205 9.59 15.41 -14.36
N HIS C 206 10.65 16.18 -14.33
CA HIS C 206 10.91 17.09 -13.24
C HIS C 206 10.78 18.52 -13.73
N GLY C 207 10.06 19.33 -12.93
CA GLY C 207 9.74 20.68 -13.33
C GLY C 207 8.88 21.31 -12.26
N TRP C 208 9.11 22.60 -12.00
CA TRP C 208 8.52 23.31 -10.88
C TRP C 208 7.75 24.50 -11.39
N VAL C 209 6.52 24.65 -10.88
CA VAL C 209 5.73 25.86 -11.00
C VAL C 209 5.70 26.48 -9.63
N LEU C 210 6.13 27.74 -9.53
CA LEU C 210 6.30 28.44 -8.28
C LEU C 210 5.46 29.72 -8.30
N GLY C 211 5.48 30.43 -7.18
CA GLY C 211 4.77 31.69 -7.08
C GLY C 211 3.33 31.49 -6.63
N GLU C 212 2.41 32.30 -7.16
CA GLU C 212 1.01 32.19 -6.82
C GLU C 212 0.41 30.89 -7.31
N HIS C 213 -0.37 30.24 -6.45
CA HIS C 213 -1.26 29.16 -6.90
C HIS C 213 -2.43 29.83 -7.60
N GLY C 214 -2.21 30.19 -8.86
CA GLY C 214 -3.17 31.00 -9.59
C GLY C 214 -2.55 31.54 -10.87
N ASP C 215 -3.14 32.65 -11.37
CA ASP C 215 -2.83 33.10 -12.72
C ASP C 215 -1.40 33.61 -12.88
N SER C 216 -0.75 34.03 -11.81
CA SER C 216 0.59 34.61 -11.91
C SER C 216 1.69 33.61 -11.61
N SER C 217 1.40 32.32 -11.60
CA SER C 217 2.41 31.31 -11.31
C SER C 217 3.52 31.33 -12.35
N VAL C 218 4.66 30.74 -11.98
CA VAL C 218 5.90 30.87 -12.72
C VAL C 218 6.45 29.49 -13.07
N PRO C 219 6.52 29.13 -14.35
CA PRO C 219 7.19 27.87 -14.72
C PRO C 219 8.70 28.06 -14.76
N VAL C 220 9.43 27.23 -14.01
CA VAL C 220 10.88 27.36 -13.93
C VAL C 220 11.46 26.50 -15.04
N TRP C 221 11.42 27.06 -16.27
CA TRP C 221 11.91 26.32 -17.43
C TRP C 221 13.35 25.87 -17.24
N SER C 222 14.15 26.70 -16.59
CA SER C 222 15.59 26.43 -16.47
C SER C 222 15.89 25.21 -15.59
N GLY C 223 14.89 24.69 -14.90
CA GLY C 223 15.09 23.56 -14.01
C GLY C 223 14.46 22.28 -14.53
N MET C 224 13.61 22.39 -15.55
CA MET C 224 12.94 21.20 -16.06
C MET C 224 13.97 20.21 -16.58
N ASN C 225 13.78 18.94 -16.25
CA ASN C 225 14.74 17.94 -16.67
C ASN C 225 14.11 16.56 -16.63
N VAL C 226 14.67 15.67 -17.45
CA VAL C 226 14.45 14.24 -17.38
C VAL C 226 15.82 13.61 -17.16
N ALA C 227 15.91 12.75 -16.14
CA ALA C 227 17.17 12.07 -15.80
C ALA C 227 18.32 13.06 -15.61
N GLY C 228 18.00 14.25 -15.10
CA GLY C 228 18.99 15.29 -14.89
C GLY C 228 19.42 16.03 -16.13
N VAL C 229 18.85 15.73 -17.29
CA VAL C 229 19.15 16.45 -18.52
C VAL C 229 18.30 17.70 -18.58
N SER C 230 18.94 18.87 -18.54
CA SER C 230 18.23 20.13 -18.62
C SER C 230 17.57 20.28 -19.98
N LEU C 231 16.25 20.38 -20.01
CA LEU C 231 15.57 20.49 -21.29
C LEU C 231 15.85 21.82 -21.97
N LYS C 232 15.99 22.88 -21.18
CA LYS C 232 16.25 24.20 -21.75
C LYS C 232 17.63 24.26 -22.38
N THR C 233 18.59 23.52 -21.82
CA THR C 233 19.91 23.44 -22.42
C THR C 233 19.85 22.75 -23.77
N LEU C 234 19.06 21.68 -23.87
CA LEU C 234 18.86 21.01 -25.15
C LEU C 234 18.10 21.88 -26.14
N HIS C 235 17.14 22.66 -25.65
CA HIS C 235 16.15 23.37 -26.46
C HIS C 235 16.09 24.79 -25.91
N PRO C 236 17.03 25.65 -26.29
CA PRO C 236 17.15 26.95 -25.62
C PRO C 236 15.93 27.84 -25.78
N ASP C 237 15.11 27.63 -26.80
CA ASP C 237 13.88 28.41 -26.97
C ASP C 237 12.76 27.95 -26.05
N LEU C 238 12.95 26.85 -25.31
CA LEU C 238 11.91 26.31 -24.43
C LEU C 238 11.28 27.42 -23.59
N GLY C 239 9.96 27.54 -23.69
CA GLY C 239 9.21 28.44 -22.85
C GLY C 239 9.05 29.84 -23.40
N THR C 240 9.80 30.20 -24.43
CA THR C 240 9.72 31.54 -24.99
C THR C 240 8.68 31.61 -26.11
N ASP C 241 8.41 32.83 -26.57
CA ASP C 241 7.43 33.01 -27.65
C ASP C 241 7.96 32.49 -28.98
N LYS C 242 9.28 32.47 -29.16
CA LYS C 242 9.90 31.93 -30.37
C LYS C 242 9.94 30.41 -30.40
N ASP C 243 9.48 29.75 -29.34
CA ASP C 243 9.54 28.29 -29.25
C ASP C 243 8.68 27.64 -30.32
N LYS C 244 9.32 26.97 -31.27
CA LYS C 244 8.58 26.30 -32.34
C LYS C 244 7.65 25.22 -31.79
N GLU C 245 7.97 24.65 -30.63
CA GLU C 245 7.11 23.64 -30.01
C GLU C 245 6.10 24.22 -29.03
N GLN C 246 6.17 25.53 -28.75
CA GLN C 246 5.14 26.20 -27.96
C GLN C 246 4.97 25.56 -26.58
N TRP C 247 6.10 25.25 -25.93
CA TRP C 247 6.02 24.74 -24.56
C TRP C 247 5.37 25.72 -23.59
N LYS C 248 5.34 27.02 -23.90
CA LYS C 248 4.63 27.94 -23.01
C LYS C 248 3.14 27.57 -22.89
N GLU C 249 2.58 26.89 -23.88
CA GLU C 249 1.20 26.44 -23.79
C GLU C 249 1.01 25.43 -22.66
N VAL C 250 2.08 24.71 -22.28
CA VAL C 250 1.97 23.78 -21.16
C VAL C 250 1.65 24.54 -19.88
N HIS C 251 2.40 25.62 -19.61
CA HIS C 251 2.13 26.42 -18.42
C HIS C 251 0.77 27.09 -18.52
N LYS C 252 0.42 27.61 -19.71
CA LYS C 252 -0.93 28.13 -19.90
C LYS C 252 -1.99 27.11 -19.52
N GLN C 253 -1.76 25.84 -19.86
CA GLN C 253 -2.70 24.79 -19.48
C GLN C 253 -2.72 24.57 -17.97
N VAL C 254 -1.54 24.67 -17.32
CA VAL C 254 -1.49 24.61 -15.87
C VAL C 254 -2.34 25.72 -15.28
N VAL C 255 -2.16 26.96 -15.78
CA VAL C 255 -2.90 28.10 -15.23
C VAL C 255 -4.41 27.92 -15.40
N GLU C 256 -4.83 27.44 -16.58
CA GLU C 256 -6.24 27.36 -16.92
C GLU C 256 -6.90 26.08 -16.43
N SER C 257 -6.13 25.12 -15.92
CA SER C 257 -6.66 23.80 -15.61
CA SER C 257 -6.66 23.80 -15.61
C SER C 257 -7.87 23.87 -14.69
N ALA C 258 -7.74 24.59 -13.57
CA ALA C 258 -8.84 24.63 -12.61
C ALA C 258 -10.09 25.24 -13.26
N TYR C 259 -9.91 26.35 -13.99
CA TYR C 259 -11.05 26.96 -14.66
C TYR C 259 -11.74 25.97 -15.58
N GLU C 260 -10.96 25.20 -16.33
CA GLU C 260 -11.53 24.25 -17.29
C GLU C 260 -12.27 23.13 -16.57
N VAL C 261 -11.63 22.53 -15.57
CA VAL C 261 -12.28 21.45 -14.82
C VAL C 261 -13.56 21.96 -14.15
N ILE C 262 -13.49 23.14 -13.54
CA ILE C 262 -14.66 23.70 -12.88
C ILE C 262 -15.78 23.92 -13.90
N LYS C 263 -15.44 24.43 -15.07
CA LYS C 263 -16.44 24.64 -16.11
C LYS C 263 -17.07 23.32 -16.53
N LEU C 264 -16.30 22.24 -16.48
CA LEU C 264 -16.78 20.96 -17.01
C LEU C 264 -17.58 20.15 -15.99
N LYS C 265 -17.10 20.05 -14.74
CA LYS C 265 -17.76 19.22 -13.74
C LYS C 265 -18.23 20.02 -12.53
N GLY C 266 -17.97 21.32 -12.46
CA GLY C 266 -18.54 22.19 -11.46
C GLY C 266 -17.59 22.59 -10.35
N TYR C 267 -16.45 21.92 -10.23
CA TYR C 267 -15.51 22.12 -9.13
C TYR C 267 -14.31 21.24 -9.47
N THR C 268 -13.23 21.37 -8.72
CA THR C 268 -12.15 20.40 -8.76
C THR C 268 -12.04 19.73 -7.39
N SER C 269 -11.56 18.49 -7.38
CA SER C 269 -11.51 17.76 -6.12
C SER C 269 -10.42 16.70 -6.10
N TRP C 270 -10.40 15.80 -7.09
CA TRP C 270 -9.53 14.62 -6.97
C TRP C 270 -8.06 14.99 -6.92
N ALA C 271 -7.62 15.87 -7.82
CA ALA C 271 -6.20 16.16 -7.93
C ALA C 271 -5.72 16.93 -6.71
N ILE C 272 -6.53 17.86 -6.21
CA ILE C 272 -6.10 18.61 -5.02
C ILE C 272 -6.15 17.69 -3.79
N GLY C 273 -7.13 16.79 -3.73
CA GLY C 273 -7.15 15.83 -2.65
C GLY C 273 -5.89 14.99 -2.60
N LEU C 274 -5.44 14.52 -3.76
CA LEU C 274 -4.23 13.71 -3.83
C LEU C 274 -2.99 14.53 -3.51
N SER C 275 -2.96 15.78 -3.98
CA SER C 275 -1.84 16.67 -3.69
C SER C 275 -1.72 16.93 -2.19
N VAL C 276 -2.85 17.21 -1.53
CA VAL C 276 -2.84 17.44 -0.08
C VAL C 276 -2.41 16.19 0.66
N ALA C 277 -2.86 15.02 0.20
CA ALA C 277 -2.48 13.77 0.86
C ALA C 277 -0.99 13.51 0.68
N ASP C 278 -0.43 13.98 -0.44
CA ASP C 278 1.03 13.90 -0.66
C ASP C 278 1.77 14.75 0.36
N LEU C 279 1.29 15.97 0.58
CA LEU C 279 1.89 16.84 1.59
C LEU C 279 1.72 16.26 2.98
N ALA C 280 0.52 15.75 3.28
CA ALA C 280 0.25 15.17 4.59
C ALA C 280 1.16 13.99 4.86
N GLU C 281 1.41 13.15 3.84
CA GLU C 281 2.33 12.02 4.02
C GLU C 281 3.73 12.49 4.39
N SER C 282 4.25 13.52 3.73
CA SER C 282 5.59 13.99 4.06
C SER C 282 5.65 14.50 5.49
N ILE C 283 4.57 15.17 5.93
CA ILE C 283 4.53 15.73 7.28
C ILE C 283 4.37 14.63 8.31
N MET C 284 3.36 13.77 8.15
CA MET C 284 3.06 12.76 9.16
C MET C 284 4.19 11.74 9.29
N LYS C 285 4.89 11.44 8.21
CA LYS C 285 5.96 10.45 8.23
C LYS C 285 7.34 11.07 8.29
N ASN C 286 7.43 12.39 8.44
CA ASN C 286 8.71 13.09 8.60
C ASN C 286 9.68 12.77 7.47
N LEU C 287 9.18 12.81 6.24
CA LEU C 287 9.98 12.32 5.12
C LEU C 287 11.07 13.31 4.71
N ARG C 288 10.85 14.61 4.90
CA ARG C 288 11.76 15.64 4.43
C ARG C 288 11.91 15.55 2.91
N ARG C 289 10.79 15.38 2.24
CA ARG C 289 10.70 15.53 0.79
C ARG C 289 10.51 17.01 0.45
N VAL C 290 10.84 17.36 -0.77
CA VAL C 290 10.78 18.74 -1.25
C VAL C 290 9.48 18.94 -2.01
N HIS C 291 8.67 19.93 -1.58
CA HIS C 291 7.40 20.27 -2.20
C HIS C 291 7.32 21.79 -2.39
N PRO C 292 6.72 22.26 -3.49
CA PRO C 292 6.47 23.70 -3.62
C PRO C 292 5.22 24.08 -2.85
N VAL C 293 5.38 24.66 -1.68
CA VAL C 293 4.27 25.02 -0.80
C VAL C 293 4.42 26.48 -0.40
N SER C 294 3.30 27.06 0.06
CA SER C 294 3.27 28.49 0.37
C SER C 294 3.98 28.76 1.70
N THR C 295 4.92 29.68 1.66
CA THR C 295 5.65 30.10 2.85
C THR C 295 6.16 31.52 2.61
N MET C 296 6.76 32.10 3.64
CA MET C 296 7.31 33.45 3.51
C MET C 296 8.59 33.39 2.70
N ILE C 297 8.68 34.25 1.68
CA ILE C 297 9.87 34.26 0.83
C ILE C 297 10.62 35.59 0.92
N LYS C 298 10.32 36.40 1.92
CA LYS C 298 11.16 37.56 2.22
C LYS C 298 12.63 37.12 2.30
N GLY C 299 13.49 37.84 1.60
CA GLY C 299 14.90 37.53 1.60
C GLY C 299 15.37 36.71 0.43
N LEU C 300 14.49 36.40 -0.52
CA LEU C 300 14.87 35.72 -1.76
C LEU C 300 14.35 36.52 -2.94
N TYR C 301 15.11 36.47 -4.04
CA TYR C 301 14.66 37.00 -5.33
C TYR C 301 14.29 38.48 -5.25
N GLY C 302 14.89 39.21 -4.31
CA GLY C 302 14.63 40.63 -4.21
C GLY C 302 13.34 41.01 -3.54
N ILE C 303 12.69 40.08 -2.84
CA ILE C 303 11.41 40.32 -2.19
C ILE C 303 11.66 40.67 -0.73
N LYS C 304 11.27 41.88 -0.33
CA LYS C 304 11.52 42.36 1.01
C LYS C 304 10.26 42.40 1.86
N ASP C 305 9.09 42.17 1.27
CA ASP C 305 7.83 42.17 1.98
C ASP C 305 7.53 40.79 2.57
N ASP C 306 6.56 40.77 3.49
CA ASP C 306 6.16 39.53 4.15
C ASP C 306 5.17 38.74 3.29
N VAL C 307 5.48 38.53 2.02
CA VAL C 307 4.56 37.84 1.13
C VAL C 307 4.78 36.34 1.25
N PHE C 308 3.68 35.60 1.16
CA PHE C 308 3.72 34.13 1.11
C PHE C 308 3.46 33.70 -0.33
N LEU C 309 4.27 32.79 -0.83
CA LEU C 309 4.00 32.13 -2.10
C LEU C 309 4.80 30.84 -2.13
N SER C 310 4.66 30.07 -3.21
CA SER C 310 5.25 28.75 -3.27
C SER C 310 6.70 28.81 -3.74
N VAL C 311 7.56 28.13 -2.99
CA VAL C 311 8.90 27.74 -3.41
C VAL C 311 9.13 26.34 -2.87
N PRO C 312 10.13 25.63 -3.39
CA PRO C 312 10.37 24.27 -2.89
C PRO C 312 10.79 24.32 -1.44
N CYS C 313 10.08 23.54 -0.62
CA CYS C 313 10.38 23.47 0.81
C CYS C 313 10.58 22.01 1.20
N ILE C 314 11.44 21.80 2.20
CA ILE C 314 11.60 20.49 2.80
C ILE C 314 10.51 20.35 3.86
N LEU C 315 9.67 19.30 3.74
CA LEU C 315 8.51 19.11 4.60
C LEU C 315 8.72 17.91 5.50
N GLY C 316 8.44 18.09 6.77
CA GLY C 316 8.66 17.04 7.75
C GLY C 316 7.74 17.19 8.94
N GLN C 317 8.06 16.51 10.04
CA GLN C 317 7.14 16.49 11.17
C GLN C 317 7.05 17.83 11.87
N ASN C 318 7.99 18.74 11.62
CA ASN C 318 7.89 20.12 12.10
C ASN C 318 7.34 21.04 11.03
N GLY C 319 6.75 20.50 9.97
CA GLY C 319 6.28 21.34 8.88
C GLY C 319 7.43 21.70 7.96
N ILE C 320 7.50 22.97 7.57
CA ILE C 320 8.57 23.45 6.69
C ILE C 320 9.81 23.70 7.54
N SER C 321 10.85 22.89 7.37
CA SER C 321 12.08 23.10 8.09
C SER C 321 13.13 23.87 7.28
N ASP C 322 13.01 23.89 5.96
CA ASP C 322 14.00 24.47 5.08
C ASP C 322 13.35 24.84 3.77
N LEU C 323 13.96 25.83 3.08
CA LEU C 323 13.58 26.23 1.74
C LEU C 323 14.74 25.95 0.80
N VAL C 324 14.44 25.52 -0.42
CA VAL C 324 15.46 25.31 -1.44
C VAL C 324 15.57 26.59 -2.27
N LYS C 325 16.75 27.15 -2.33
CA LYS C 325 16.98 28.41 -3.04
C LYS C 325 17.21 28.10 -4.51
N VAL C 326 16.11 28.03 -5.26
CA VAL C 326 16.16 27.71 -6.67
C VAL C 326 16.84 28.83 -7.44
N THR C 327 17.73 28.45 -8.36
CA THR C 327 18.36 29.42 -9.24
C THR C 327 17.42 29.72 -10.41
N LEU C 328 17.18 31.00 -10.64
CA LEU C 328 16.24 31.44 -11.67
C LEU C 328 16.98 32.28 -12.70
N THR C 329 16.49 32.27 -13.93
CA THR C 329 16.97 33.26 -14.89
C THR C 329 16.42 34.63 -14.51
N SER C 330 16.99 35.69 -15.09
CA SER C 330 16.47 37.02 -14.81
CA SER C 330 16.47 37.02 -14.81
C SER C 330 14.99 37.13 -15.17
N GLU C 331 14.55 36.42 -16.20
CA GLU C 331 13.16 36.49 -16.63
C GLU C 331 12.23 35.69 -15.71
N GLU C 332 12.69 34.53 -15.23
CA GLU C 332 11.93 33.78 -14.23
C GLU C 332 11.86 34.55 -12.90
N GLU C 333 12.98 35.13 -12.48
CA GLU C 333 13.01 35.90 -11.25
C GLU C 333 12.06 37.10 -11.32
N ALA C 334 12.02 37.77 -12.48
CA ALA C 334 11.12 38.91 -12.63
C ALA C 334 9.66 38.47 -12.57
N ARG C 335 9.36 37.33 -13.19
CA ARG C 335 8.00 36.79 -13.10
C ARG C 335 7.63 36.44 -11.67
N LEU C 336 8.57 35.88 -10.91
CA LEU C 336 8.26 35.57 -9.52
C LEU C 336 8.06 36.85 -8.71
N LYS C 337 8.90 37.86 -8.95
CA LYS C 337 8.70 39.14 -8.26
C LYS C 337 7.35 39.75 -8.61
N LYS C 338 6.90 39.59 -9.85
CA LYS C 338 5.60 40.09 -10.26
C LYS C 338 4.47 39.37 -9.53
N SER C 339 4.59 38.04 -9.42
CA SER C 339 3.62 37.27 -8.64
C SER C 339 3.60 37.77 -7.20
N ALA C 340 4.77 37.99 -6.62
CA ALA C 340 4.84 38.49 -5.25
C ALA C 340 4.20 39.87 -5.13
N ASP C 341 4.48 40.76 -6.09
CA ASP C 341 3.87 42.09 -6.04
C ASP C 341 2.35 42.02 -6.09
N THR C 342 1.80 41.16 -6.97
CA THR C 342 0.36 41.00 -7.07
C THR C 342 -0.25 40.56 -5.74
N LEU C 343 0.34 39.52 -5.12
CA LEU C 343 -0.18 39.05 -3.84
C LEU C 343 -0.04 40.11 -2.77
N TRP C 344 1.13 40.74 -2.69
CA TRP C 344 1.35 41.75 -1.65
C TRP C 344 0.35 42.89 -1.77
N GLY C 345 0.05 43.33 -2.99
CA GLY C 345 -0.95 44.36 -3.17
C GLY C 345 -2.30 44.02 -2.54
N ILE C 346 -2.63 42.74 -2.48
CA ILE C 346 -3.86 42.30 -1.81
C ILE C 346 -3.62 42.13 -0.32
N GLN C 347 -2.56 41.43 0.05
CA GLN C 347 -2.24 41.18 1.45
C GLN C 347 -2.33 42.46 2.28
N LYS C 348 -1.67 43.53 1.81
CA LYS C 348 -1.50 44.72 2.65
C LYS C 348 -2.81 45.47 2.86
N GLU C 349 -3.84 45.21 2.06
CA GLU C 349 -5.13 45.89 2.20
C GLU C 349 -6.11 45.11 3.09
N LEU C 350 -5.61 44.27 3.99
CA LEU C 350 -6.46 43.49 4.88
C LEU C 350 -6.44 44.09 6.28
N THR D 23 29.34 26.35 2.42
CA THR D 23 29.25 24.99 1.90
C THR D 23 28.12 24.88 0.89
N LEU D 24 28.22 23.89 -0.01
CA LEU D 24 27.18 23.68 -1.01
C LEU D 24 25.80 23.61 -0.36
N LYS D 25 25.69 22.88 0.74
CA LYS D 25 24.40 22.76 1.41
C LYS D 25 23.82 24.12 1.77
N ASP D 26 24.66 25.04 2.25
CA ASP D 26 24.16 26.35 2.68
C ASP D 26 23.80 27.23 1.49
N GLN D 27 24.47 27.04 0.34
CA GLN D 27 24.10 27.77 -0.86
C GLN D 27 22.76 27.29 -1.42
N LEU D 28 22.45 26.01 -1.22
CA LEU D 28 21.27 25.38 -1.78
C LEU D 28 20.06 25.54 -0.89
N ILE D 29 20.25 25.51 0.43
CA ILE D 29 19.17 25.31 1.38
C ILE D 29 19.19 26.42 2.41
N TYR D 30 18.05 27.10 2.58
CA TYR D 30 17.83 28.07 3.66
C TYR D 30 17.08 27.40 4.80
N ASN D 31 17.73 27.32 5.95
CA ASN D 31 17.15 26.66 7.10
C ASN D 31 16.23 27.60 7.87
N LEU D 32 15.06 27.08 8.28
CA LEU D 32 14.15 27.82 9.15
C LEU D 32 14.34 27.46 10.62
N LEU D 33 14.54 26.19 10.92
CA LEU D 33 14.78 25.76 12.30
C LEU D 33 15.49 24.42 12.27
N LYS D 34 16.37 24.22 13.25
CA LYS D 34 17.10 22.97 13.41
C LYS D 34 16.69 22.24 14.69
N GLU D 35 15.42 22.35 15.07
CA GLU D 35 14.90 21.73 16.28
C GLU D 35 14.46 20.30 15.95
N GLU D 36 15.32 19.33 16.25
CA GLU D 36 14.99 17.93 16.04
C GLU D 36 14.15 17.42 17.21
N GLN D 37 12.99 16.84 16.89
CA GLN D 37 12.04 16.40 17.89
C GLN D 37 12.14 14.90 18.12
N THR D 38 11.49 14.43 19.17
CA THR D 38 11.47 13.00 19.46
C THR D 38 10.69 12.27 18.37
N PRO D 39 11.10 11.06 17.99
CA PRO D 39 10.35 10.33 16.95
C PRO D 39 8.94 10.03 17.43
N GLN D 40 8.02 9.98 16.47
CA GLN D 40 6.60 9.89 16.80
C GLN D 40 6.06 8.48 16.65
N ASN D 41 6.67 7.65 15.80
CA ASN D 41 6.19 6.32 15.52
C ASN D 41 7.39 5.39 15.37
N LYS D 42 8.21 5.32 16.43
CA LYS D 42 9.46 4.59 16.37
C LYS D 42 9.26 3.13 16.76
N ILE D 43 9.90 2.24 15.98
CA ILE D 43 9.90 0.82 16.27
C ILE D 43 11.35 0.38 16.38
N THR D 44 11.66 -0.41 17.40
CA THR D 44 12.94 -1.06 17.57
C THR D 44 12.79 -2.56 17.35
N VAL D 45 13.74 -3.14 16.63
CA VAL D 45 13.87 -4.59 16.53
C VAL D 45 15.17 -4.98 17.22
N VAL D 46 15.06 -5.78 18.29
CA VAL D 46 16.20 -6.35 18.96
C VAL D 46 16.49 -7.74 18.37
N GLY D 47 17.69 -7.91 17.84
CA GLY D 47 18.07 -9.15 17.18
C GLY D 47 18.04 -8.97 15.68
N VAL D 48 19.20 -9.17 15.02
CA VAL D 48 19.28 -9.00 13.57
C VAL D 48 19.60 -10.34 12.92
N GLY D 49 19.15 -11.42 13.55
CA GLY D 49 19.11 -12.72 12.90
C GLY D 49 18.06 -12.73 11.81
N ALA D 50 17.86 -13.91 11.23
CA ALA D 50 16.92 -14.00 10.12
C ALA D 50 15.51 -13.57 10.53
N VAL D 51 15.09 -13.91 11.75
CA VAL D 51 13.77 -13.52 12.22
C VAL D 51 13.70 -12.01 12.36
N GLY D 52 14.68 -11.42 13.04
CA GLY D 52 14.66 -9.98 13.23
C GLY D 52 14.66 -9.21 11.92
N MET D 53 15.46 -9.66 10.96
CA MET D 53 15.52 -8.91 9.71
C MET D 53 14.25 -9.10 8.88
N ALA D 54 13.59 -10.26 9.00
CA ALA D 54 12.33 -10.46 8.31
C ALA D 54 11.25 -9.56 8.90
N CYS D 55 11.22 -9.45 10.22
CA CYS D 55 10.33 -8.48 10.85
C CYS D 55 10.62 -7.08 10.33
N ALA D 56 11.90 -6.71 10.28
CA ALA D 56 12.28 -5.35 9.90
C ALA D 56 11.85 -5.02 8.47
N ILE D 57 12.10 -5.92 7.53
CA ILE D 57 11.75 -5.62 6.15
C ILE D 57 10.24 -5.58 5.98
N SER D 58 9.53 -6.45 6.69
CA SER D 58 8.07 -6.46 6.63
C SER D 58 7.49 -5.16 7.20
N ILE D 59 8.02 -4.70 8.32
CA ILE D 59 7.57 -3.45 8.91
C ILE D 59 7.90 -2.28 8.01
N LEU D 60 9.08 -2.32 7.38
CA LEU D 60 9.48 -1.23 6.49
C LEU D 60 8.58 -1.17 5.26
N MET D 61 8.22 -2.31 4.69
CA MET D 61 7.42 -2.28 3.48
C MET D 61 5.94 -2.05 3.77
N LYS D 62 5.53 -2.05 5.04
CA LYS D 62 4.16 -1.69 5.42
C LYS D 62 4.07 -0.28 5.98
N ASP D 63 5.15 0.48 5.97
CA ASP D 63 5.13 1.90 6.36
C ASP D 63 4.56 2.09 7.77
N LEU D 64 5.01 1.26 8.71
CA LEU D 64 4.46 1.31 10.05
C LEU D 64 5.25 2.19 11.00
N ALA D 65 6.47 2.60 10.64
CA ALA D 65 7.34 3.37 11.52
C ALA D 65 7.88 4.57 10.78
N ASP D 66 8.10 5.67 11.52
CA ASP D 66 8.88 6.78 10.99
C ASP D 66 10.35 6.71 11.40
N GLU D 67 10.69 5.83 12.33
CA GLU D 67 12.09 5.55 12.66
C GLU D 67 12.19 4.08 13.03
N LEU D 68 13.17 3.40 12.46
CA LEU D 68 13.46 2.01 12.80
C LEU D 68 14.87 1.89 13.38
N ALA D 69 14.96 1.30 14.57
CA ALA D 69 16.24 1.07 15.24
C ALA D 69 16.50 -0.44 15.32
N LEU D 70 17.73 -0.83 15.01
CA LEU D 70 18.16 -2.21 15.16
C LEU D 70 19.21 -2.28 16.27
N VAL D 71 19.09 -3.29 17.12
CA VAL D 71 20.05 -3.52 18.20
C VAL D 71 20.44 -4.99 18.24
N ASP D 72 21.72 -5.26 18.44
CA ASP D 72 22.19 -6.61 18.68
C ASP D 72 23.59 -6.51 19.26
N VAL D 73 24.16 -7.68 19.62
CA VAL D 73 25.50 -7.74 20.18
C VAL D 73 26.56 -8.06 19.13
N ILE D 74 26.17 -8.58 17.96
CA ILE D 74 27.10 -8.90 16.88
C ILE D 74 27.25 -7.63 16.04
N GLU D 75 28.34 -6.89 16.27
CA GLU D 75 28.40 -5.51 15.80
C GLU D 75 28.55 -5.44 14.28
N ASP D 76 29.29 -6.36 13.68
CA ASP D 76 29.50 -6.31 12.23
C ASP D 76 28.20 -6.62 11.49
N LYS D 77 27.52 -7.72 11.87
CA LYS D 77 26.27 -8.06 11.22
C LYS D 77 25.26 -6.93 11.39
N LEU D 78 25.23 -6.33 12.59
CA LEU D 78 24.29 -5.24 12.86
C LEU D 78 24.51 -4.05 11.91
N LYS D 79 25.76 -3.63 11.75
CA LYS D 79 26.06 -2.53 10.84
C LYS D 79 25.76 -2.89 9.40
N GLY D 80 26.13 -4.09 8.98
CA GLY D 80 25.89 -4.50 7.61
C GLY D 80 24.41 -4.52 7.26
N GLU D 81 23.59 -5.04 8.18
CA GLU D 81 22.14 -5.05 7.96
C GLU D 81 21.57 -3.64 7.94
N MET D 82 22.00 -2.79 8.87
CA MET D 82 21.60 -1.39 8.84
C MET D 82 21.90 -0.76 7.50
N MET D 83 23.15 -0.89 7.02
CA MET D 83 23.54 -0.27 5.77
C MET D 83 22.73 -0.81 4.60
N ASP D 84 22.50 -2.11 4.58
CA ASP D 84 21.77 -2.74 3.48
C ASP D 84 20.34 -2.19 3.44
N LEU D 85 19.70 -2.04 4.59
CA LEU D 85 18.36 -1.41 4.61
C LEU D 85 18.44 0.05 4.20
N GLN D 86 19.42 0.79 4.72
CA GLN D 86 19.56 2.20 4.39
C GLN D 86 19.70 2.41 2.88
N HIS D 87 20.43 1.52 2.21
CA HIS D 87 20.65 1.67 0.77
C HIS D 87 19.37 1.49 -0.03
N GLY D 88 18.35 0.90 0.56
CA GLY D 88 17.03 0.81 -0.01
C GLY D 88 16.10 1.95 0.34
N SER D 89 16.61 3.00 1.01
CA SER D 89 15.75 4.05 1.53
C SER D 89 14.91 4.72 0.45
N LEU D 90 15.48 4.89 -0.75
CA LEU D 90 14.75 5.49 -1.85
C LEU D 90 13.42 4.80 -2.11
N PHE D 91 13.34 3.51 -1.80
CA PHE D 91 12.19 2.69 -2.13
C PHE D 91 11.26 2.52 -0.94
N LEU D 92 11.55 3.19 0.17
CA LEU D 92 10.80 3.07 1.41
C LEU D 92 10.26 4.45 1.80
N ARG D 93 9.43 4.45 2.83
CA ARG D 93 8.85 5.67 3.39
C ARG D 93 9.11 5.71 4.87
N THR D 94 10.27 5.21 5.27
CA THR D 94 10.75 5.24 6.65
C THR D 94 12.06 6.00 6.64
N PRO D 95 12.07 7.26 7.07
CA PRO D 95 13.23 8.13 6.76
C PRO D 95 14.43 7.98 7.67
N LYS D 96 14.32 7.27 8.79
CA LYS D 96 15.43 7.14 9.70
C LYS D 96 15.58 5.68 10.07
N ILE D 97 16.75 5.11 9.76
CA ILE D 97 17.11 3.74 10.10
C ILE D 97 18.45 3.80 10.81
N VAL D 98 18.47 3.36 12.08
CA VAL D 98 19.67 3.49 12.90
C VAL D 98 19.96 2.12 13.52
N SER D 99 21.17 1.98 14.04
CA SER D 99 21.51 0.77 14.77
C SER D 99 22.59 1.06 15.79
N GLY D 100 22.72 0.16 16.75
CA GLY D 100 23.84 0.23 17.67
C GLY D 100 23.74 -0.90 18.68
N LYS D 101 24.88 -1.16 19.33
CA LYS D 101 24.87 -2.08 20.46
C LYS D 101 24.34 -1.41 21.72
N ASP D 102 24.52 -0.09 21.85
CA ASP D 102 24.05 0.65 23.00
C ASP D 102 22.54 0.91 22.87
N TYR D 103 21.78 0.59 23.92
CA TYR D 103 20.33 0.70 23.84
C TYR D 103 19.84 2.14 23.81
N ASN D 104 20.74 3.14 23.90
CA ASN D 104 20.33 4.50 23.71
C ASN D 104 19.81 4.75 22.29
N VAL D 105 20.19 3.92 21.32
CA VAL D 105 19.65 4.10 19.98
C VAL D 105 18.17 3.75 19.93
N THR D 106 17.66 3.05 20.94
CA THR D 106 16.25 2.62 20.96
C THR D 106 15.33 3.57 21.71
N ALA D 107 15.84 4.72 22.16
CA ALA D 107 15.07 5.59 23.05
C ALA D 107 13.75 6.03 22.42
N ASN D 108 12.71 6.02 23.23
CA ASN D 108 11.39 6.57 22.87
C ASN D 108 10.72 5.77 21.77
N SER D 109 10.92 4.46 21.79
CA SER D 109 10.18 3.59 20.88
C SER D 109 8.74 3.44 21.36
N LYS D 110 7.80 3.42 20.41
CA LYS D 110 6.44 3.03 20.71
C LYS D 110 6.34 1.52 20.86
N LEU D 111 7.13 0.76 20.09
CA LEU D 111 7.06 -0.69 20.03
C LEU D 111 8.46 -1.24 19.95
N VAL D 112 8.77 -2.18 20.85
CA VAL D 112 10.06 -2.86 20.82
C VAL D 112 9.81 -4.34 20.58
N ILE D 113 10.35 -4.85 19.47
CA ILE D 113 10.15 -6.22 19.02
C ILE D 113 11.41 -7.00 19.34
N ILE D 114 11.30 -7.98 20.22
CA ILE D 114 12.46 -8.74 20.68
C ILE D 114 12.50 -10.07 19.96
N THR D 115 13.50 -10.25 19.11
CA THR D 115 13.69 -11.49 18.38
C THR D 115 15.01 -12.18 18.71
N ALA D 116 15.84 -11.58 19.54
CA ALA D 116 17.18 -12.10 19.79
C ALA D 116 17.11 -13.39 20.60
N GLY D 117 18.16 -14.17 20.48
CA GLY D 117 18.29 -15.40 21.23
C GLY D 117 18.62 -16.58 20.34
N ALA D 118 18.88 -17.70 21.02
CA ALA D 118 19.09 -18.95 20.32
C ALA D 118 17.79 -19.37 19.62
N ARG D 119 17.95 -20.07 18.51
CA ARG D 119 16.82 -20.63 17.78
C ARG D 119 16.98 -22.15 17.65
N GLN D 120 15.86 -22.81 17.43
CA GLN D 120 15.83 -24.26 17.48
C GLN D 120 16.58 -24.85 16.30
N GLN D 121 17.45 -25.83 16.57
CA GLN D 121 18.11 -26.58 15.53
C GLN D 121 17.15 -27.64 15.01
N GLU D 122 17.59 -28.38 13.99
CA GLU D 122 16.78 -29.45 13.44
C GLU D 122 16.35 -30.41 14.54
N GLY D 123 15.04 -30.68 14.61
CA GLY D 123 14.47 -31.57 15.58
C GLY D 123 14.40 -31.07 17.00
N GLU D 124 14.84 -29.84 17.27
CA GLU D 124 14.92 -29.32 18.62
C GLU D 124 13.65 -28.58 18.99
N SER D 125 13.15 -28.83 20.19
CA SER D 125 11.97 -28.15 20.70
C SER D 125 12.27 -26.71 21.07
N ARG D 126 11.29 -25.83 20.83
CA ARG D 126 11.42 -24.47 21.31
C ARG D 126 11.65 -24.43 22.82
N LEU D 127 11.07 -25.39 23.55
CA LEU D 127 11.22 -25.39 24.99
C LEU D 127 12.63 -25.72 25.43
N ASN D 128 13.46 -26.26 24.54
CA ASN D 128 14.86 -26.48 24.88
C ASN D 128 15.67 -25.18 24.90
N LEU D 129 15.09 -24.07 24.43
CA LEU D 129 15.77 -22.79 24.36
C LEU D 129 15.65 -21.98 25.63
N VAL D 130 14.96 -22.51 26.65
CA VAL D 130 14.52 -21.67 27.77
C VAL D 130 15.72 -21.05 28.47
N GLN D 131 16.66 -21.88 28.94
CA GLN D 131 17.74 -21.33 29.76
C GLN D 131 18.52 -20.26 28.99
N ARG D 132 18.87 -20.55 27.74
CA ARG D 132 19.68 -19.62 26.97
C ARG D 132 18.98 -18.28 26.80
N ASN D 133 17.69 -18.31 26.42
CA ASN D 133 17.00 -17.07 26.09
C ASN D 133 16.46 -16.34 27.31
N VAL D 134 16.08 -17.04 28.38
CA VAL D 134 15.81 -16.34 29.63
C VAL D 134 17.05 -15.55 30.07
N ASN D 135 18.23 -16.18 29.98
CA ASN D 135 19.45 -15.49 30.36
C ASN D 135 19.62 -14.20 29.54
N ILE D 136 19.44 -14.29 28.23
CA ILE D 136 19.58 -13.12 27.37
C ILE D 136 18.54 -12.07 27.73
N PHE D 137 17.31 -12.50 28.02
CA PHE D 137 16.27 -11.52 28.36
C PHE D 137 16.58 -10.78 29.64
N LYS D 138 17.26 -11.42 30.59
CA LYS D 138 17.56 -10.74 31.85
C LYS D 138 18.46 -9.54 31.66
N PHE D 139 19.17 -9.48 30.53
CA PHE D 139 19.96 -8.30 30.18
C PHE D 139 19.26 -7.38 29.19
N ILE D 140 18.54 -7.94 28.23
CA ILE D 140 17.86 -7.13 27.21
C ILE D 140 16.73 -6.30 27.83
N ILE D 141 15.81 -6.94 28.58
CA ILE D 141 14.59 -6.25 28.98
C ILE D 141 14.88 -5.00 29.83
N PRO D 142 15.70 -5.08 30.88
CA PRO D 142 15.97 -3.85 31.64
C PRO D 142 16.51 -2.72 30.78
N ASN D 143 17.37 -3.04 29.79
CA ASN D 143 17.90 -1.99 28.94
C ASN D 143 16.82 -1.40 28.04
N VAL D 144 15.92 -2.23 27.51
CA VAL D 144 14.82 -1.72 26.72
C VAL D 144 13.96 -0.78 27.55
N VAL D 145 13.56 -1.24 28.74
CA VAL D 145 12.63 -0.47 29.59
C VAL D 145 13.27 0.85 30.02
N LYS D 146 14.58 0.86 30.19
CA LYS D 146 15.27 2.09 30.60
C LYS D 146 15.08 3.20 29.57
N TYR D 147 15.12 2.87 28.29
CA TYR D 147 15.11 3.88 27.24
C TYR D 147 13.75 4.08 26.58
N SER D 148 12.81 3.15 26.78
CA SER D 148 11.45 3.28 26.25
C SER D 148 10.49 2.81 27.33
N PRO D 149 10.36 3.58 28.41
CA PRO D 149 9.51 3.13 29.54
C PRO D 149 8.03 3.06 29.20
N ASN D 150 7.60 3.66 28.10
CA ASN D 150 6.19 3.69 27.70
C ASN D 150 5.89 2.80 26.49
N CYS D 151 6.82 1.94 26.10
CA CYS D 151 6.66 1.15 24.89
C CYS D 151 5.75 -0.03 25.16
N LYS D 152 5.28 -0.64 24.08
CA LYS D 152 4.78 -2.01 24.11
C LYS D 152 5.90 -2.96 23.75
N LEU D 153 5.98 -4.08 24.48
CA LEU D 153 6.96 -5.13 24.21
C LEU D 153 6.27 -6.23 23.43
N LEU D 154 6.82 -6.54 22.26
CA LEU D 154 6.32 -7.63 21.41
C LEU D 154 7.41 -8.69 21.38
N ILE D 155 7.16 -9.81 22.06
CA ILE D 155 8.14 -10.88 22.24
C ILE D 155 7.96 -11.88 21.11
N VAL D 156 9.06 -12.21 20.43
CA VAL D 156 9.02 -13.12 19.29
C VAL D 156 9.97 -14.29 19.55
N SER D 157 11.07 -14.02 20.25
CA SER D 157 12.03 -15.06 20.61
C SER D 157 11.32 -16.21 21.30
N ASN D 158 11.92 -17.40 21.21
CA ASN D 158 11.27 -18.60 21.70
C ASN D 158 11.95 -19.21 22.92
N PRO D 159 11.19 -19.96 23.75
CA PRO D 159 9.74 -20.23 23.65
C PRO D 159 8.91 -18.98 24.01
N VAL D 160 8.11 -18.47 23.06
CA VAL D 160 7.61 -17.11 23.15
C VAL D 160 6.64 -16.94 24.34
N ASP D 161 5.90 -17.98 24.71
CA ASP D 161 4.95 -17.83 25.80
C ASP D 161 5.67 -17.65 27.13
N ILE D 162 6.70 -18.45 27.36
CA ILE D 162 7.49 -18.33 28.58
C ILE D 162 8.26 -17.02 28.59
N LEU D 163 8.82 -16.62 27.44
CA LEU D 163 9.59 -15.39 27.40
C LEU D 163 8.70 -14.16 27.55
N THR D 164 7.42 -14.26 27.16
CA THR D 164 6.51 -13.15 27.42
C THR D 164 6.26 -13.00 28.92
N TYR D 165 6.02 -14.13 29.59
CA TYR D 165 5.98 -14.14 31.05
C TYR D 165 7.23 -13.48 31.64
N VAL D 166 8.40 -13.89 31.15
CA VAL D 166 9.66 -13.39 31.68
C VAL D 166 9.77 -11.89 31.44
N ALA D 167 9.45 -11.45 30.23
CA ALA D 167 9.54 -10.02 29.93
C ALA D 167 8.61 -9.22 30.84
N TRP D 168 7.41 -9.74 31.10
CA TRP D 168 6.48 -9.07 32.00
C TRP D 168 7.07 -8.97 33.41
N LYS D 169 7.56 -10.09 33.94
CA LYS D 169 8.13 -10.06 35.29
C LYS D 169 9.30 -9.08 35.39
N ILE D 170 10.19 -9.08 34.42
CA ILE D 170 11.39 -8.25 34.49
C ILE D 170 11.06 -6.79 34.25
N SER D 171 10.21 -6.50 33.26
CA SER D 171 9.95 -5.10 32.93
C SER D 171 9.16 -4.37 34.02
N GLY D 172 8.27 -5.08 34.73
CA GLY D 172 7.33 -4.40 35.58
C GLY D 172 6.21 -3.71 34.85
N PHE D 173 6.12 -3.86 33.53
CA PHE D 173 5.06 -3.24 32.76
C PHE D 173 3.71 -3.86 33.13
N PRO D 174 2.61 -3.11 32.96
CA PRO D 174 1.29 -3.73 33.02
C PRO D 174 1.16 -4.76 31.90
N LYS D 175 0.36 -5.80 32.15
CA LYS D 175 0.36 -6.92 31.22
C LYS D 175 -0.26 -6.58 29.86
N ASN D 176 -1.00 -5.49 29.75
CA ASN D 176 -1.47 -5.09 28.43
C ASN D 176 -0.32 -4.68 27.50
N ARG D 177 0.81 -4.25 28.05
CA ARG D 177 1.93 -3.78 27.24
C ARG D 177 2.99 -4.85 27.03
N VAL D 178 2.72 -6.10 27.36
CA VAL D 178 3.66 -7.18 27.12
C VAL D 178 2.95 -8.29 26.36
N ILE D 179 3.29 -8.41 25.07
CA ILE D 179 2.55 -9.22 24.12
C ILE D 179 3.51 -10.20 23.47
N GLY D 180 3.13 -11.48 23.44
CA GLY D 180 3.91 -12.50 22.75
C GLY D 180 3.29 -12.75 21.39
N SER D 181 4.15 -12.90 20.38
CA SER D 181 3.64 -13.15 19.03
C SER D 181 2.85 -14.44 18.97
N GLY D 182 3.15 -15.37 19.87
CA GLY D 182 2.23 -16.46 20.18
C GLY D 182 1.81 -17.27 18.97
N CYS D 183 0.50 -17.54 18.88
CA CYS D 183 -0.06 -18.40 17.85
C CYS D 183 -0.63 -17.63 16.68
N ASN D 184 -0.32 -16.34 16.55
CA ASN D 184 -0.71 -15.62 15.34
C ASN D 184 -0.19 -16.35 14.10
N LEU D 185 1.04 -16.87 14.17
CA LEU D 185 1.61 -17.59 13.04
C LEU D 185 1.03 -18.99 12.92
N ASP D 186 0.85 -19.71 14.04
CA ASP D 186 0.22 -21.02 13.96
C ASP D 186 -1.16 -20.92 13.32
N SER D 187 -1.93 -19.89 13.69
CA SER D 187 -3.25 -19.72 13.11
C SER D 187 -3.17 -19.35 11.63
N ALA D 188 -2.20 -18.52 11.25
CA ALA D 188 -2.00 -18.22 9.82
C ALA D 188 -1.71 -19.47 9.02
N ARG D 189 -0.82 -20.34 9.54
CA ARG D 189 -0.51 -21.61 8.90
C ARG D 189 -1.74 -22.49 8.78
N PHE D 190 -2.50 -22.58 9.87
CA PHE D 190 -3.74 -23.33 9.89
C PHE D 190 -4.70 -22.83 8.81
N ARG D 191 -4.84 -21.52 8.69
CA ARG D 191 -5.77 -20.94 7.71
C ARG D 191 -5.25 -21.14 6.29
N TYR D 192 -3.92 -21.15 6.13
CA TYR D 192 -3.35 -21.47 4.81
C TYR D 192 -3.68 -22.91 4.44
N LEU D 193 -3.45 -23.86 5.36
CA LEU D 193 -3.73 -25.26 5.06
C LEU D 193 -5.24 -25.51 4.89
N MET D 194 -6.07 -24.82 5.67
CA MET D 194 -7.51 -24.87 5.45
CA MET D 194 -7.52 -24.88 5.45
C MET D 194 -7.85 -24.43 4.03
N GLY D 195 -7.32 -23.28 3.62
CA GLY D 195 -7.63 -22.74 2.31
C GLY D 195 -7.19 -23.67 1.19
N GLU D 196 -6.03 -24.32 1.36
CA GLU D 196 -5.58 -25.27 0.33
C GLU D 196 -6.55 -26.44 0.20
N ARG D 197 -7.10 -26.90 1.33
CA ARG D 197 -8.04 -28.00 1.28
C ARG D 197 -9.39 -27.57 0.70
N LEU D 198 -9.82 -26.34 0.92
CA LEU D 198 -11.16 -25.92 0.53
C LEU D 198 -11.19 -25.13 -0.76
N GLY D 199 -10.03 -24.72 -1.28
CA GLY D 199 -10.00 -23.90 -2.49
C GLY D 199 -10.42 -22.47 -2.21
N VAL D 200 -10.04 -21.93 -1.06
CA VAL D 200 -10.45 -20.60 -0.62
C VAL D 200 -9.23 -19.87 -0.09
N HIS D 201 -9.16 -18.56 -0.33
CA HIS D 201 -8.05 -17.78 0.19
C HIS D 201 -8.03 -17.85 1.72
N PRO D 202 -6.84 -17.91 2.35
CA PRO D 202 -6.81 -17.97 3.83
C PRO D 202 -7.54 -16.79 4.49
N LEU D 203 -7.62 -15.65 3.82
CA LEU D 203 -8.37 -14.53 4.37
C LEU D 203 -9.82 -14.89 4.63
N SER D 204 -10.39 -15.81 3.84
CA SER D 204 -11.78 -16.21 3.99
C SER D 204 -11.93 -17.55 4.71
N CYS D 205 -10.83 -18.10 5.22
CA CYS D 205 -10.82 -19.33 6.01
C CYS D 205 -10.52 -18.94 7.45
N HIS D 206 -11.46 -19.19 8.34
CA HIS D 206 -11.34 -18.77 9.74
C HIS D 206 -11.18 -19.98 10.64
N GLY D 207 -10.22 -19.89 11.55
CA GLY D 207 -9.89 -20.99 12.43
C GLY D 207 -8.77 -20.58 13.33
N TRP D 208 -8.80 -21.01 14.59
CA TRP D 208 -7.90 -20.52 15.62
C TRP D 208 -7.08 -21.67 16.19
N VAL D 209 -5.78 -21.42 16.35
CA VAL D 209 -4.88 -22.28 17.10
C VAL D 209 -4.45 -21.49 18.33
N LEU D 210 -4.70 -22.04 19.51
CA LEU D 210 -4.44 -21.37 20.76
C LEU D 210 -3.46 -22.19 21.61
N GLY D 211 -3.14 -21.65 22.77
CA GLY D 211 -2.23 -22.33 23.68
C GLY D 211 -0.78 -22.03 23.39
N GLU D 212 0.08 -23.03 23.54
CA GLU D 212 1.50 -22.85 23.30
C GLU D 212 1.80 -22.66 21.82
N HIS D 213 2.68 -21.71 21.50
CA HIS D 213 3.31 -21.64 20.19
C HIS D 213 4.34 -22.76 20.15
N GLY D 214 3.87 -23.97 19.90
CA GLY D 214 4.71 -25.15 19.99
C GLY D 214 3.88 -26.42 19.88
N ASP D 215 4.43 -27.48 20.44
CA ASP D 215 3.89 -28.82 20.21
C ASP D 215 2.54 -29.03 20.87
N SER D 216 2.21 -28.29 21.92
CA SER D 216 0.96 -28.48 22.64
C SER D 216 -0.14 -27.52 22.22
N SER D 217 0.00 -26.88 21.07
CA SER D 217 -1.01 -25.93 20.60
C SER D 217 -2.35 -26.65 20.40
N VAL D 218 -3.41 -25.86 20.39
CA VAL D 218 -4.76 -26.40 20.39
C VAL D 218 -5.56 -25.90 19.19
N PRO D 219 -5.93 -26.77 18.26
CA PRO D 219 -6.82 -26.34 17.16
C PRO D 219 -8.25 -26.28 17.69
N VAL D 220 -8.91 -25.16 17.46
CA VAL D 220 -10.28 -24.95 17.99
C VAL D 220 -11.18 -25.32 16.81
N TRP D 221 -11.41 -26.63 16.67
CA TRP D 221 -12.27 -27.14 15.59
C TRP D 221 -13.63 -26.49 15.63
N SER D 222 -14.16 -26.24 16.83
CA SER D 222 -15.54 -25.77 16.95
C SER D 222 -15.73 -24.36 16.41
N GLY D 223 -14.64 -23.66 16.10
CA GLY D 223 -14.74 -22.30 15.62
C GLY D 223 -14.36 -22.15 14.16
N MET D 224 -13.91 -23.23 13.53
CA MET D 224 -13.47 -23.15 12.15
C MET D 224 -14.67 -22.95 11.23
N ASN D 225 -14.52 -22.02 10.28
CA ASN D 225 -15.68 -21.70 9.46
C ASN D 225 -15.25 -20.98 8.19
N VAL D 226 -16.13 -21.04 7.21
CA VAL D 226 -16.07 -20.19 6.03
C VAL D 226 -17.44 -19.49 5.91
N ALA D 227 -17.42 -18.17 5.79
CA ALA D 227 -18.65 -17.38 5.65
C ALA D 227 -19.62 -17.60 6.82
N GLY D 228 -19.08 -17.84 8.00
CA GLY D 228 -19.91 -18.11 9.16
C GLY D 228 -20.55 -19.47 9.20
N VAL D 229 -20.13 -20.40 8.34
CA VAL D 229 -20.64 -21.77 8.33
C VAL D 229 -19.63 -22.64 9.09
N SER D 230 -20.07 -23.20 10.21
CA SER D 230 -19.20 -24.04 11.02
C SER D 230 -18.84 -25.32 10.26
N LEU D 231 -17.54 -25.56 10.09
CA LEU D 231 -17.13 -26.79 9.43
C LEU D 231 -17.48 -28.00 10.31
N LYS D 232 -17.41 -27.85 11.63
CA LYS D 232 -17.76 -28.96 12.51
C LYS D 232 -19.25 -29.27 12.43
N THR D 233 -20.09 -28.25 12.19
CA THR D 233 -21.52 -28.49 12.01
C THR D 233 -21.77 -29.33 10.76
N LEU D 234 -21.05 -29.04 9.67
CA LEU D 234 -21.22 -29.85 8.46
C LEU D 234 -20.56 -31.21 8.59
N HIS D 235 -19.47 -31.29 9.36
CA HIS D 235 -18.59 -32.46 9.40
C HIS D 235 -18.31 -32.78 10.86
N PRO D 236 -19.25 -33.41 11.55
CA PRO D 236 -19.10 -33.57 13.02
C PRO D 236 -17.89 -34.37 13.44
N ASP D 237 -17.33 -35.21 12.56
CA ASP D 237 -16.12 -35.93 12.90
C ASP D 237 -14.87 -35.04 12.86
N LEU D 238 -15.02 -33.79 12.40
CA LEU D 238 -13.89 -32.88 12.30
C LEU D 238 -13.09 -32.85 13.60
N GLY D 239 -11.80 -33.13 13.48
CA GLY D 239 -10.92 -33.06 14.62
C GLY D 239 -10.90 -34.31 15.48
N THR D 240 -11.38 -35.43 14.96
CA THR D 240 -11.36 -36.69 15.70
C THR D 240 -10.56 -37.74 14.92
N ASP D 241 -10.29 -38.86 15.59
CA ASP D 241 -9.58 -39.96 14.94
C ASP D 241 -10.47 -40.68 13.93
N LYS D 242 -11.78 -40.65 14.14
CA LYS D 242 -12.73 -41.26 13.21
C LYS D 242 -12.96 -40.44 11.95
N ASP D 243 -12.30 -39.30 11.82
CA ASP D 243 -12.51 -38.42 10.68
C ASP D 243 -11.95 -39.08 9.42
N LYS D 244 -12.82 -39.41 8.46
CA LYS D 244 -12.36 -40.02 7.22
C LYS D 244 -11.55 -39.06 6.36
N GLU D 245 -11.66 -37.76 6.62
CA GLU D 245 -10.84 -36.75 5.95
C GLU D 245 -9.58 -36.39 6.74
N GLN D 246 -9.44 -36.89 7.96
CA GLN D 246 -8.21 -36.75 8.73
C GLN D 246 -7.80 -35.28 8.87
N TRP D 247 -8.73 -34.44 9.31
CA TRP D 247 -8.41 -33.04 9.51
C TRP D 247 -7.41 -32.83 10.63
N LYS D 248 -7.32 -33.76 11.57
CA LYS D 248 -6.29 -33.64 12.59
C LYS D 248 -4.89 -33.54 11.99
N GLU D 249 -4.69 -34.10 10.80
CA GLU D 249 -3.39 -34.00 10.15
C GLU D 249 -3.09 -32.55 9.77
N VAL D 250 -4.11 -31.73 9.56
CA VAL D 250 -3.88 -30.30 9.31
C VAL D 250 -3.21 -29.66 10.52
N HIS D 251 -3.72 -29.94 11.72
CA HIS D 251 -3.06 -29.41 12.91
C HIS D 251 -1.67 -30.00 13.07
N LYS D 252 -1.54 -31.31 12.84
CA LYS D 252 -0.21 -31.91 12.92
C LYS D 252 0.77 -31.19 12.02
N GLN D 253 0.34 -30.83 10.80
CA GLN D 253 1.21 -30.07 9.91
C GLN D 253 1.55 -28.72 10.49
N VAL D 254 0.58 -28.08 11.16
CA VAL D 254 0.87 -26.80 11.82
C VAL D 254 1.96 -27.01 12.87
N VAL D 255 1.81 -28.04 13.70
CA VAL D 255 2.80 -28.31 14.74
C VAL D 255 4.17 -28.55 14.14
N GLU D 256 4.24 -29.33 13.06
CA GLU D 256 5.49 -29.72 12.45
C GLU D 256 6.06 -28.67 11.49
N SER D 257 5.31 -27.62 11.18
CA SER D 257 5.72 -26.69 10.12
CA SER D 257 5.72 -26.69 10.12
C SER D 257 7.12 -26.15 10.36
N ALA D 258 7.38 -25.61 11.55
CA ALA D 258 8.69 -25.01 11.78
C ALA D 258 9.81 -26.05 11.67
N TYR D 259 9.57 -27.26 12.17
CA TYR D 259 10.57 -28.31 12.08
C TYR D 259 10.88 -28.67 10.63
N GLU D 260 9.83 -28.78 9.81
CA GLU D 260 10.04 -29.14 8.40
C GLU D 260 10.77 -28.04 7.64
N VAL D 261 10.42 -26.78 7.88
CA VAL D 261 11.13 -25.69 7.21
C VAL D 261 12.58 -25.63 7.65
N ILE D 262 12.83 -25.80 8.95
CA ILE D 262 14.19 -25.80 9.48
C ILE D 262 15.00 -26.93 8.85
N LYS D 263 14.39 -28.10 8.67
CA LYS D 263 15.07 -29.21 8.02
C LYS D 263 15.44 -28.87 6.59
N LEU D 264 14.60 -28.09 5.91
CA LEU D 264 14.80 -27.80 4.50
C LEU D 264 15.72 -26.61 4.23
N LYS D 265 15.53 -25.50 4.92
CA LYS D 265 16.33 -24.31 4.67
C LYS D 265 17.16 -23.86 5.87
N GLY D 266 17.06 -24.54 7.00
CA GLY D 266 17.91 -24.28 8.15
C GLY D 266 17.30 -23.40 9.22
N TYR D 267 16.19 -22.73 8.93
CA TYR D 267 15.58 -21.77 9.83
C TYR D 267 14.28 -21.35 9.17
N THR D 268 13.43 -20.64 9.93
CA THR D 268 12.24 -20.01 9.34
C THR D 268 12.39 -18.50 9.49
N SER D 269 11.79 -17.76 8.56
CA SER D 269 11.90 -16.30 8.67
C SER D 269 10.74 -15.55 8.07
N TRP D 270 10.33 -15.89 6.84
CA TRP D 270 9.38 -15.01 6.14
C TRP D 270 8.01 -15.01 6.80
N ALA D 271 7.51 -16.18 7.20
CA ALA D 271 6.16 -16.23 7.75
C ALA D 271 6.10 -15.54 9.11
N ILE D 272 7.07 -15.82 9.98
CA ILE D 272 7.06 -15.18 11.28
C ILE D 272 7.25 -13.67 11.14
N GLY D 273 8.06 -13.25 10.16
CA GLY D 273 8.20 -11.81 9.94
C GLY D 273 6.90 -11.16 9.52
N LEU D 274 6.15 -11.81 8.64
CA LEU D 274 4.85 -11.26 8.22
C LEU D 274 3.87 -11.29 9.39
N SER D 275 3.92 -12.35 10.21
CA SER D 275 3.03 -12.44 11.38
C SER D 275 3.30 -11.31 12.35
N VAL D 276 4.57 -10.99 12.58
CA VAL D 276 4.92 -9.94 13.53
C VAL D 276 4.53 -8.58 12.98
N ALA D 277 4.71 -8.37 11.67
CA ALA D 277 4.31 -7.11 11.07
C ALA D 277 2.80 -6.92 11.13
N ASP D 278 2.05 -8.03 11.00
CA ASP D 278 0.60 -8.00 11.18
C ASP D 278 0.23 -7.50 12.57
N LEU D 279 0.85 -8.07 13.59
CA LEU D 279 0.61 -7.61 14.96
C LEU D 279 1.04 -6.16 15.13
N ALA D 280 2.19 -5.79 14.55
CA ALA D 280 2.66 -4.42 14.70
C ALA D 280 1.71 -3.45 14.03
N GLU D 281 1.08 -3.85 12.93
CA GLU D 281 0.10 -2.98 12.28
C GLU D 281 -1.08 -2.69 13.21
N SER D 282 -1.62 -3.72 13.84
CA SER D 282 -2.75 -3.55 14.74
C SER D 282 -2.40 -2.65 15.91
N ILE D 283 -1.18 -2.76 16.42
CA ILE D 283 -0.75 -1.95 17.55
C ILE D 283 -0.50 -0.52 17.11
N MET D 284 0.29 -0.34 16.03
CA MET D 284 0.68 1.00 15.64
C MET D 284 -0.51 1.81 15.11
N LYS D 285 -1.49 1.16 14.45
CA LYS D 285 -2.62 1.87 13.89
C LYS D 285 -3.86 1.78 14.77
N ASN D 286 -3.72 1.25 15.98
CA ASN D 286 -4.80 1.17 16.98
C ASN D 286 -6.05 0.50 16.41
N LEU D 287 -5.86 -0.63 15.71
CA LEU D 287 -6.97 -1.19 14.95
C LEU D 287 -8.00 -1.89 15.82
N ARG D 288 -7.60 -2.45 16.97
CA ARG D 288 -8.51 -3.26 17.79
C ARG D 288 -8.96 -4.48 17.00
N ARG D 289 -8.03 -5.07 16.25
CA ARG D 289 -8.25 -6.39 15.66
C ARG D 289 -7.94 -7.47 16.68
N VAL D 290 -8.50 -8.65 16.42
CA VAL D 290 -8.35 -9.78 17.32
C VAL D 290 -7.23 -10.67 16.80
N HIS D 291 -6.28 -11.00 17.68
CA HIS D 291 -5.15 -11.86 17.33
C HIS D 291 -4.91 -12.83 18.48
N PRO D 292 -4.49 -14.08 18.18
CA PRO D 292 -4.09 -15.00 19.26
C PRO D 292 -2.65 -14.76 19.65
N VAL D 293 -2.45 -14.05 20.76
CA VAL D 293 -1.14 -13.63 21.21
C VAL D 293 -0.96 -14.12 22.65
N SER D 294 0.30 -14.19 23.08
CA SER D 294 0.62 -14.69 24.41
C SER D 294 0.30 -13.62 25.46
N THR D 295 -0.57 -13.96 26.41
CA THR D 295 -0.92 -13.09 27.52
C THR D 295 -1.25 -13.97 28.73
N MET D 296 -1.42 -13.34 29.88
CA MET D 296 -1.79 -14.08 31.08
C MET D 296 -3.26 -14.48 31.01
N ILE D 297 -3.54 -15.75 31.20
CA ILE D 297 -4.91 -16.24 31.08
C ILE D 297 -5.48 -16.68 32.44
N LYS D 298 -4.85 -16.28 33.53
CA LYS D 298 -5.39 -16.60 34.86
C LYS D 298 -6.83 -16.11 34.96
N GLY D 299 -7.70 -16.99 35.46
CA GLY D 299 -9.12 -16.71 35.57
C GLY D 299 -9.95 -17.24 34.43
N LEU D 300 -9.33 -17.70 33.34
CA LEU D 300 -10.04 -18.29 32.23
C LEU D 300 -10.01 -19.81 32.37
N TYR D 301 -11.13 -20.45 32.05
CA TYR D 301 -11.23 -21.92 32.06
C TYR D 301 -10.74 -22.49 33.39
N GLY D 302 -11.04 -21.79 34.48
CA GLY D 302 -10.61 -22.25 35.79
C GLY D 302 -9.13 -22.51 35.91
N ILE D 303 -8.32 -21.63 35.33
CA ILE D 303 -6.87 -21.69 35.46
C ILE D 303 -6.45 -20.67 36.52
N LYS D 304 -5.69 -21.11 37.51
CA LYS D 304 -5.41 -20.29 38.69
C LYS D 304 -3.98 -19.79 38.79
N ASP D 305 -3.09 -20.20 37.89
CA ASP D 305 -1.71 -19.74 37.91
C ASP D 305 -1.47 -18.68 36.83
N ASP D 306 -0.35 -17.97 36.98
CA ASP D 306 -0.04 -16.84 36.12
C ASP D 306 0.53 -17.30 34.78
N VAL D 307 -0.12 -18.27 34.15
CA VAL D 307 0.42 -18.85 32.93
C VAL D 307 0.16 -17.92 31.75
N PHE D 308 1.16 -17.78 30.89
CA PHE D 308 1.03 -17.04 29.63
C PHE D 308 0.89 -18.04 28.49
N LEU D 309 -0.14 -17.86 27.67
CA LEU D 309 -0.28 -18.59 26.41
C LEU D 309 -1.23 -17.79 25.50
N SER D 310 -1.45 -18.31 24.29
CA SER D 310 -2.22 -17.55 23.30
C SER D 310 -3.72 -17.79 23.45
N VAL D 311 -4.47 -16.71 23.67
CA VAL D 311 -5.90 -16.63 23.44
C VAL D 311 -6.15 -15.42 22.54
N PRO D 312 -7.32 -15.34 21.92
CA PRO D 312 -7.61 -14.18 21.07
C PRO D 312 -7.72 -12.92 21.92
N CYS D 313 -7.02 -11.87 21.51
CA CYS D 313 -6.92 -10.62 22.25
C CYS D 313 -7.19 -9.47 21.30
N ILE D 314 -7.86 -8.44 21.82
CA ILE D 314 -8.06 -7.21 21.06
C ILE D 314 -6.79 -6.37 21.19
N LEU D 315 -6.20 -6.01 20.06
CA LEU D 315 -4.89 -5.36 20.02
C LEU D 315 -5.01 -3.95 19.47
N GLY D 316 -4.38 -2.99 20.16
CA GLY D 316 -4.43 -1.61 19.76
C GLY D 316 -3.23 -0.85 20.27
N GLN D 317 -3.33 0.48 20.33
CA GLN D 317 -2.16 1.30 20.60
C GLN D 317 -1.69 1.20 22.05
N ASN D 318 -2.51 0.63 22.93
CA ASN D 318 -2.11 0.37 24.30
C ASN D 318 -1.82 -1.12 24.52
N GLY D 319 -1.62 -1.86 23.44
CA GLY D 319 -1.37 -3.31 23.56
C GLY D 319 -2.68 -4.08 23.65
N ILE D 320 -2.74 -5.05 24.54
CA ILE D 320 -3.94 -5.87 24.73
C ILE D 320 -4.94 -5.06 25.53
N SER D 321 -6.09 -4.74 24.92
CA SER D 321 -7.16 -4.05 25.62
C SER D 321 -8.24 -4.99 26.15
N ASP D 322 -8.40 -6.16 25.54
CA ASP D 322 -9.46 -7.09 25.90
C ASP D 322 -9.03 -8.50 25.52
N LEU D 323 -9.59 -9.47 26.24
CA LEU D 323 -9.47 -10.90 25.92
C LEU D 323 -10.83 -11.40 25.44
N VAL D 324 -10.81 -12.23 24.40
CA VAL D 324 -12.03 -12.90 23.95
C VAL D 324 -12.13 -14.24 24.67
N LYS D 325 -13.31 -14.53 25.20
CA LYS D 325 -13.55 -15.77 25.93
C LYS D 325 -14.10 -16.79 24.93
N VAL D 326 -13.18 -17.52 24.31
CA VAL D 326 -13.58 -18.48 23.29
C VAL D 326 -14.31 -19.62 23.96
N THR D 327 -15.38 -20.09 23.30
CA THR D 327 -16.09 -21.28 23.73
C THR D 327 -15.33 -22.51 23.21
N LEU D 328 -15.01 -23.41 24.11
CA LEU D 328 -14.27 -24.62 23.78
C LEU D 328 -15.13 -25.83 24.12
N THR D 329 -15.04 -26.86 23.28
CA THR D 329 -15.63 -28.14 23.65
C THR D 329 -14.86 -28.71 24.84
N SER D 330 -15.33 -29.84 25.35
CA SER D 330 -14.66 -30.49 26.47
C SER D 330 -13.24 -30.90 26.10
N GLU D 331 -13.07 -31.50 24.93
CA GLU D 331 -11.75 -31.93 24.50
C GLU D 331 -10.85 -30.74 24.20
N GLU D 332 -11.40 -29.68 23.59
CA GLU D 332 -10.59 -28.51 23.30
C GLU D 332 -10.09 -27.86 24.59
N GLU D 333 -10.98 -27.74 25.58
CA GLU D 333 -10.58 -27.13 26.85
C GLU D 333 -9.56 -27.99 27.58
N ALA D 334 -9.74 -29.32 27.55
CA ALA D 334 -8.76 -30.21 28.17
C ALA D 334 -7.39 -30.06 27.52
N ARG D 335 -7.36 -29.96 26.19
CA ARG D 335 -6.08 -29.74 25.50
C ARG D 335 -5.46 -28.40 25.90
N LEU D 336 -6.28 -27.35 26.00
CA LEU D 336 -5.74 -26.05 26.40
C LEU D 336 -5.18 -26.09 27.82
N LYS D 337 -5.87 -26.81 28.72
CA LYS D 337 -5.34 -26.95 30.08
C LYS D 337 -4.06 -27.77 30.10
N LYS D 338 -3.93 -28.76 29.23
CA LYS D 338 -2.69 -29.52 29.14
C LYS D 338 -1.57 -28.60 28.66
N SER D 339 -1.85 -27.72 27.70
CA SER D 339 -0.85 -26.76 27.25
C SER D 339 -0.47 -25.83 28.38
N ALA D 340 -1.47 -25.33 29.12
CA ALA D 340 -1.20 -24.45 30.25
C ALA D 340 -0.38 -25.16 31.33
N ASP D 341 -0.66 -26.44 31.57
CA ASP D 341 0.13 -27.19 32.55
C ASP D 341 1.58 -27.37 32.07
N THR D 342 1.77 -27.62 30.78
CA THR D 342 3.13 -27.78 30.27
C THR D 342 3.92 -26.50 30.43
N LEU D 343 3.31 -25.37 30.04
CA LEU D 343 3.99 -24.09 30.13
C LEU D 343 4.22 -23.67 31.58
N TRP D 344 3.23 -23.84 32.44
CA TRP D 344 3.39 -23.43 33.83
C TRP D 344 4.46 -24.27 34.53
N GLY D 345 4.54 -25.56 34.20
CA GLY D 345 5.59 -26.38 34.76
C GLY D 345 6.97 -25.79 34.57
N ILE D 346 7.16 -25.04 33.48
CA ILE D 346 8.44 -24.39 33.21
C ILE D 346 8.49 -23.00 33.84
N GLN D 347 7.42 -22.21 33.67
CA GLN D 347 7.43 -20.84 34.18
C GLN D 347 7.65 -20.80 35.69
N LYS D 348 7.07 -21.75 36.43
CA LYS D 348 7.06 -21.65 37.89
C LYS D 348 8.44 -21.83 38.49
N GLU D 349 9.35 -22.50 37.79
CA GLU D 349 10.70 -22.72 38.28
C GLU D 349 11.66 -21.57 37.96
N LEU D 350 11.18 -20.50 37.34
CA LEU D 350 12.03 -19.38 36.98
C LEU D 350 12.16 -18.41 38.15
N GLN D 351 13.38 -17.95 38.39
CA GLN D 351 13.67 -17.02 39.47
C GLN D 351 14.06 -15.66 38.89
N PHE D 352 13.60 -14.60 39.53
CA PHE D 352 13.83 -13.24 39.05
C PHE D 352 14.49 -12.37 40.12
#